data_3TK3
#
_entry.id   3TK3
#
_cell.length_a   232.910
_cell.length_b   232.910
_cell.length_c   56.960
_cell.angle_alpha   90.000
_cell.angle_beta   90.000
_cell.angle_gamma   120.000
#
_symmetry.space_group_name_H-M   'P 3'
#
loop_
_entity.id
_entity.type
_entity.pdbx_description
1 polymer 'Cytochrome P450 2B4'
2 non-polymer 'PROTOPORPHYRIN IX CONTAINING FE'
3 non-polymer 4-(4-CHLOROPHENYL)IMIDAZOLE
4 water water
#
_entity_poly.entity_id   1
_entity_poly.type   'polypeptide(L)'
_entity_poly.pdbx_seq_one_letter_code
;MAKKTSSKGKLPPGPSPLPVLGNLLQMDRKGLLRSFLRLREKYGDVFTVYLGSRPVVVLCGTDAIREALVDQAEAFSGRG
KIAVVDPIFQGYGVIFANGERWRALRRFSLATMRDFGMGKRSVEERIQEEARCLVEELRKSKGALLDNTLLFHSITSNII
CSIVFGKRFDYKDPVFLRLLDLFFQSFSLISSFSSQVFELFSGFLKYFPGTHRQIYRNLQEINTFIGQSVEKHRATLDPS
NPRDFIDVYLLRMEKDKSDPSSEFHHQNLILTVLSLFFAGTETTSTTLRYGFLLMLKYPHVTERVQKEIEQVIGSHRPPA
LDDRAKMPYTDAVIHEIQRLGDLIPFGVPHTVTKDTQFRGYVIPKNTEVFPVLSSALHDPRYFETPNTFNPGHFLDANGA
LKRNEGFMPFSLGKRICAGEGIARTELFLFFTTILQNFSIASPVPPEDIDLTPRESGVGNVPPSYQIRFLARHHHH
;
_entity_poly.pdbx_strand_id   A,B,C,D
#
loop_
_chem_comp.id
_chem_comp.type
_chem_comp.name
_chem_comp.formula
CPZ non-polymer 4-(4-CHLOROPHENYL)IMIDAZOLE 'C9 H7 Cl N2'
HEM non-polymer 'PROTOPORPHYRIN IX CONTAINING FE' 'C34 H32 Fe N4 O4'
#
# COMPACT_ATOMS: atom_id res chain seq x y z
N GLY A 9 -28.23 -51.24 -20.41
CA GLY A 9 -27.29 -50.35 -21.05
C GLY A 9 -27.91 -49.23 -21.87
N LYS A 10 -27.37 -49.04 -23.08
CA LYS A 10 -27.83 -48.02 -24.04
C LYS A 10 -26.91 -46.78 -24.14
N LEU A 11 -26.64 -46.35 -25.35
CA LEU A 11 -25.88 -45.15 -25.61
C LEU A 11 -26.78 -43.98 -25.40
N PRO A 12 -26.22 -42.78 -25.37
CA PRO A 12 -27.04 -41.60 -25.19
C PRO A 12 -27.76 -41.30 -26.47
N PRO A 13 -28.81 -40.51 -26.36
CA PRO A 13 -29.72 -40.25 -27.45
C PRO A 13 -29.07 -39.59 -28.59
N GLY A 14 -29.61 -39.79 -29.77
CA GLY A 14 -29.06 -39.12 -30.92
C GLY A 14 -29.97 -39.36 -32.08
N PRO A 15 -29.73 -38.68 -33.18
CA PRO A 15 -30.41 -39.03 -34.42
C PRO A 15 -30.05 -40.44 -34.85
N SER A 16 -31.03 -41.14 -35.43
CA SER A 16 -30.82 -42.43 -36.03
C SER A 16 -29.83 -42.33 -37.19
N PRO A 17 -28.76 -43.13 -37.15
CA PRO A 17 -27.68 -43.11 -38.15
C PRO A 17 -28.05 -43.80 -39.47
N LEU A 18 -27.28 -43.55 -40.51
CA LEU A 18 -27.46 -44.25 -41.76
C LEU A 18 -26.14 -44.88 -42.01
N PRO A 19 -26.11 -46.18 -42.12
CA PRO A 19 -24.83 -46.85 -42.12
C PRO A 19 -23.98 -46.38 -43.25
N VAL A 20 -22.76 -46.06 -42.87
CA VAL A 20 -21.75 -45.58 -43.76
C VAL A 20 -21.84 -44.09 -43.96
N LEU A 21 -22.91 -43.49 -43.49
CA LEU A 21 -23.04 -42.06 -43.59
C LEU A 21 -23.32 -41.47 -42.23
N GLY A 22 -23.77 -42.31 -41.33
CA GLY A 22 -24.07 -41.87 -40.00
C GLY A 22 -25.11 -40.79 -40.00
N ASN A 23 -24.83 -39.70 -39.30
CA ASN A 23 -25.76 -38.60 -39.11
C ASN A 23 -25.40 -37.44 -39.95
N LEU A 24 -24.77 -37.76 -41.05
CA LEU A 24 -24.27 -36.77 -41.94
C LEU A 24 -25.42 -35.90 -42.32
N LEU A 25 -26.60 -36.43 -42.40
CA LEU A 25 -27.75 -35.60 -42.70
C LEU A 25 -28.19 -34.72 -41.55
N GLN A 26 -27.73 -34.99 -40.34
CA GLN A 26 -28.17 -34.19 -39.20
C GLN A 26 -27.10 -33.22 -38.76
N MET A 27 -26.15 -33.03 -39.63
CA MET A 27 -24.99 -32.17 -39.39
C MET A 27 -25.30 -30.77 -39.88
N ASP A 28 -24.32 -29.88 -39.75
CA ASP A 28 -24.48 -28.50 -40.17
C ASP A 28 -23.29 -28.03 -41.01
N ARG A 29 -23.60 -27.50 -42.19
CA ARG A 29 -22.62 -27.06 -43.18
C ARG A 29 -21.51 -26.18 -42.58
N LYS A 30 -21.77 -25.59 -41.42
CA LYS A 30 -20.83 -24.67 -40.79
C LYS A 30 -19.55 -25.39 -40.37
N GLY A 31 -19.73 -26.55 -39.72
CA GLY A 31 -18.61 -27.33 -39.22
C GLY A 31 -19.02 -28.26 -38.09
N LEU A 32 -18.06 -28.98 -37.54
CA LEU A 32 -18.36 -29.96 -36.52
C LEU A 32 -18.96 -29.34 -35.27
N LEU A 33 -18.45 -28.18 -34.87
CA LEU A 33 -18.94 -27.53 -33.66
C LEU A 33 -20.42 -27.10 -33.75
N ARG A 34 -20.79 -26.46 -34.85
CA ARG A 34 -22.18 -26.02 -35.00
C ARG A 34 -23.11 -27.25 -35.07
N SER A 35 -22.66 -28.29 -35.78
CA SER A 35 -23.33 -29.59 -35.76
C SER A 35 -23.56 -30.09 -34.34
N PHE A 36 -22.53 -30.04 -33.49
CA PHE A 36 -22.69 -30.50 -32.10
C PHE A 36 -23.62 -29.58 -31.32
N LEU A 37 -23.45 -28.28 -31.48
CA LEU A 37 -24.23 -27.34 -30.70
C LEU A 37 -25.70 -27.35 -31.08
N ARG A 38 -25.97 -27.50 -32.37
CA ARG A 38 -27.35 -27.63 -32.82
C ARG A 38 -28.02 -28.90 -32.30
N LEU A 39 -27.41 -30.07 -32.54
CA LEU A 39 -27.95 -31.32 -32.02
C LEU A 39 -28.24 -31.21 -30.51
N ARG A 40 -27.30 -30.62 -29.79
CA ARG A 40 -27.48 -30.41 -28.36
C ARG A 40 -28.93 -30.04 -28.04
N GLU A 41 -29.44 -29.05 -28.75
CA GLU A 41 -30.81 -28.56 -28.51
C GLU A 41 -31.84 -29.68 -28.43
N LYS A 42 -31.90 -30.52 -29.45
CA LYS A 42 -32.88 -31.61 -29.51
C LYS A 42 -32.63 -32.68 -28.45
N TYR A 43 -31.38 -33.00 -28.18
CA TYR A 43 -31.07 -34.22 -27.43
C TYR A 43 -30.45 -34.05 -26.04
N GLY A 44 -30.22 -32.81 -25.63
CA GLY A 44 -29.66 -32.56 -24.30
C GLY A 44 -28.14 -32.45 -24.26
N ASP A 45 -27.61 -32.36 -23.04
CA ASP A 45 -26.19 -32.11 -22.83
C ASP A 45 -25.31 -33.27 -23.28
N VAL A 46 -25.87 -34.48 -23.25
CA VAL A 46 -25.13 -35.68 -23.62
C VAL A 46 -25.84 -36.43 -24.74
N PHE A 47 -25.13 -36.69 -25.83
CA PHE A 47 -25.72 -37.40 -26.96
C PHE A 47 -24.73 -38.16 -27.84
N THR A 48 -25.27 -38.92 -28.81
CA THR A 48 -24.45 -39.80 -29.63
C THR A 48 -24.69 -39.55 -31.11
N VAL A 49 -23.66 -39.01 -31.77
CA VAL A 49 -23.71 -38.74 -33.20
C VAL A 49 -22.73 -39.66 -33.92
N TYR A 50 -22.98 -39.93 -35.20
CA TYR A 50 -22.13 -40.82 -35.98
C TYR A 50 -21.35 -40.17 -37.12
N LEU A 51 -20.04 -40.14 -36.95
CA LEU A 51 -19.16 -39.54 -37.94
C LEU A 51 -18.67 -40.62 -38.86
N GLY A 52 -19.54 -41.00 -39.79
CA GLY A 52 -19.29 -42.13 -40.66
C GLY A 52 -19.57 -43.43 -39.93
N SER A 53 -18.55 -44.29 -39.86
CA SER A 53 -18.66 -45.52 -39.09
C SER A 53 -18.69 -45.24 -37.58
N ARG A 54 -18.01 -44.17 -37.18
CA ARG A 54 -17.64 -43.90 -35.78
C ARG A 54 -18.77 -43.34 -34.90
N PRO A 55 -19.07 -44.04 -33.78
CA PRO A 55 -20.04 -43.51 -32.82
C PRO A 55 -19.30 -42.66 -31.78
N VAL A 56 -19.65 -41.37 -31.69
CA VAL A 56 -19.00 -40.47 -30.72
C VAL A 56 -20.02 -39.92 -29.75
N VAL A 57 -19.66 -39.87 -28.48
CA VAL A 57 -20.53 -39.29 -27.46
C VAL A 57 -20.12 -37.87 -27.13
N VAL A 58 -20.97 -36.90 -27.46
CA VAL A 58 -20.66 -35.49 -27.20
C VAL A 58 -21.12 -35.05 -25.80
N LEU A 59 -20.29 -34.24 -25.15
CA LEU A 59 -20.60 -33.68 -23.83
C LEU A 59 -20.71 -32.16 -23.91
N CYS A 60 -21.69 -31.58 -23.22
CA CYS A 60 -21.90 -30.14 -23.33
C CYS A 60 -22.17 -29.42 -22.00
N GLY A 61 -21.52 -28.28 -21.82
CA GLY A 61 -21.76 -27.46 -20.65
C GLY A 61 -20.91 -27.85 -19.46
N THR A 62 -20.57 -26.85 -18.67
CA THR A 62 -19.71 -27.06 -17.53
C THR A 62 -20.04 -28.34 -16.79
N ASP A 63 -21.31 -28.52 -16.43
CA ASP A 63 -21.71 -29.62 -15.53
C ASP A 63 -21.43 -31.04 -16.06
N ALA A 64 -21.88 -31.31 -17.28
CA ALA A 64 -21.65 -32.59 -17.92
C ALA A 64 -20.16 -32.88 -18.06
N ILE A 65 -19.44 -32.01 -18.75
CA ILE A 65 -18.00 -32.17 -18.92
C ILE A 65 -17.29 -32.43 -17.59
N ARG A 66 -17.63 -31.63 -16.58
CA ARG A 66 -17.00 -31.77 -15.27
C ARG A 66 -17.33 -33.13 -14.63
N GLU A 67 -18.57 -33.55 -14.73
CA GLU A 67 -18.92 -34.82 -14.14
C GLU A 67 -18.15 -35.93 -14.78
N ALA A 68 -18.04 -35.94 -16.09
CA ALA A 68 -17.27 -36.98 -16.72
C ALA A 68 -15.79 -36.92 -16.54
N LEU A 69 -15.18 -35.79 -16.83
CA LEU A 69 -13.74 -35.65 -16.76
C LEU A 69 -13.16 -35.65 -15.38
N VAL A 70 -13.89 -35.09 -14.46
CA VAL A 70 -13.38 -34.99 -13.12
C VAL A 70 -13.91 -36.02 -12.20
N ASP A 71 -15.18 -36.29 -12.33
CA ASP A 71 -15.84 -37.28 -11.53
C ASP A 71 -15.42 -38.70 -11.79
N GLN A 72 -15.23 -39.04 -13.04
CA GLN A 72 -14.81 -40.36 -13.38
C GLN A 72 -13.62 -40.12 -14.19
N ALA A 73 -12.59 -39.64 -13.54
CA ALA A 73 -11.43 -39.20 -14.26
C ALA A 73 -10.71 -40.28 -14.98
N GLU A 74 -10.44 -41.39 -14.33
CA GLU A 74 -9.72 -42.46 -14.98
C GLU A 74 -10.55 -43.06 -16.05
N ALA A 75 -11.81 -43.23 -15.76
CA ALA A 75 -12.68 -43.79 -16.79
C ALA A 75 -12.56 -43.00 -18.10
N PHE A 76 -12.46 -41.68 -17.98
CA PHE A 76 -12.51 -40.83 -19.16
C PHE A 76 -11.13 -40.36 -19.59
N SER A 77 -10.08 -41.03 -19.13
CA SER A 77 -8.71 -40.60 -19.40
C SER A 77 -8.10 -41.10 -20.73
N GLY A 78 -8.94 -41.56 -21.65
CA GLY A 78 -8.44 -42.10 -22.90
C GLY A 78 -8.40 -41.06 -24.01
N ARG A 79 -7.62 -41.35 -25.05
CA ARG A 79 -7.40 -40.39 -26.13
C ARG A 79 -7.94 -40.92 -27.45
N GLY A 80 -8.81 -40.15 -28.10
CA GLY A 80 -9.33 -40.50 -29.41
C GLY A 80 -8.31 -40.19 -30.51
N LYS A 81 -8.80 -40.02 -31.73
CA LYS A 81 -7.91 -39.69 -32.84
C LYS A 81 -8.44 -38.52 -33.64
N ILE A 82 -7.53 -37.81 -34.30
CA ILE A 82 -7.92 -36.74 -35.22
C ILE A 82 -7.56 -37.19 -36.63
N ALA A 83 -8.60 -37.48 -37.41
CA ALA A 83 -8.45 -38.10 -38.73
C ALA A 83 -7.29 -37.58 -39.60
N VAL A 84 -7.04 -36.28 -39.55
CA VAL A 84 -6.07 -35.65 -40.46
C VAL A 84 -4.62 -35.73 -39.99
N VAL A 85 -4.40 -36.08 -38.73
CA VAL A 85 -3.03 -36.17 -38.20
C VAL A 85 -2.69 -37.54 -37.64
N ASP A 86 -3.68 -38.42 -37.54
CA ASP A 86 -3.39 -39.77 -37.06
C ASP A 86 -2.36 -40.49 -37.92
N PRO A 87 -2.52 -40.41 -39.24
CA PRO A 87 -1.50 -40.99 -40.12
C PRO A 87 -0.12 -40.63 -39.63
N ILE A 88 0.03 -39.55 -38.88
CA ILE A 88 1.34 -39.13 -38.41
C ILE A 88 1.69 -39.62 -37.02
N PHE A 89 0.72 -39.56 -36.11
CA PHE A 89 1.02 -39.97 -34.73
C PHE A 89 0.82 -41.45 -34.50
N GLN A 90 -0.26 -42.00 -35.04
CA GLN A 90 -0.57 -43.41 -34.87
C GLN A 90 -0.35 -43.87 -33.44
N GLY A 91 -0.82 -43.09 -32.47
CA GLY A 91 -0.79 -43.48 -31.07
C GLY A 91 0.54 -43.31 -30.35
N TYR A 92 1.51 -42.65 -30.99
CA TYR A 92 2.76 -42.32 -30.32
C TYR A 92 2.81 -40.86 -29.87
N GLY A 93 3.59 -40.59 -28.84
CA GLY A 93 3.72 -39.22 -28.38
C GLY A 93 2.84 -38.88 -27.20
N VAL A 94 3.32 -37.96 -26.39
CA VAL A 94 2.67 -37.62 -25.13
C VAL A 94 1.23 -37.12 -25.27
N ILE A 95 0.77 -36.80 -26.46
CA ILE A 95 -0.62 -36.36 -26.62
C ILE A 95 -1.50 -37.54 -26.98
N PHE A 96 -1.20 -38.19 -28.09
CA PHE A 96 -2.04 -39.25 -28.61
C PHE A 96 -1.78 -40.65 -28.10
N ALA A 97 -0.85 -40.76 -27.18
CA ALA A 97 -0.52 -41.99 -26.55
C ALA A 97 -1.68 -42.40 -25.74
N ASN A 98 -1.69 -43.64 -25.28
CA ASN A 98 -2.78 -44.17 -24.51
C ASN A 98 -2.33 -45.21 -23.52
N GLY A 99 -3.12 -45.50 -22.52
CA GLY A 99 -2.73 -46.47 -21.52
C GLY A 99 -1.30 -46.29 -21.03
N GLU A 100 -0.65 -47.39 -20.69
CA GLU A 100 0.66 -47.33 -20.02
C GLU A 100 1.72 -46.49 -20.76
N ARG A 101 1.70 -46.47 -22.09
CA ARG A 101 2.61 -45.61 -22.84
C ARG A 101 2.39 -44.14 -22.50
N TRP A 102 1.12 -43.75 -22.45
CA TRP A 102 0.75 -42.40 -22.10
C TRP A 102 1.22 -42.02 -20.68
N ARG A 103 0.83 -42.79 -19.67
CA ARG A 103 1.19 -42.46 -18.30
C ARG A 103 2.69 -42.29 -18.15
N ALA A 104 3.44 -43.04 -18.95
CA ALA A 104 4.89 -43.04 -18.83
C ALA A 104 5.49 -41.78 -19.41
N LEU A 105 4.93 -41.36 -20.54
CA LEU A 105 5.43 -40.21 -21.26
C LEU A 105 4.99 -38.92 -20.58
N ARG A 106 3.76 -38.91 -20.09
CA ARG A 106 3.25 -37.70 -19.47
C ARG A 106 4.03 -37.42 -18.19
N ARG A 107 4.21 -38.45 -17.37
CA ARG A 107 4.96 -38.30 -16.15
C ARG A 107 6.33 -37.74 -16.51
N PHE A 108 7.00 -38.37 -17.48
CA PHE A 108 8.34 -37.91 -17.88
C PHE A 108 8.27 -36.48 -18.36
N SER A 109 7.29 -36.22 -19.22
CA SER A 109 7.19 -34.99 -19.97
C SER A 109 6.94 -33.77 -19.09
N LEU A 110 6.17 -33.96 -18.02
CA LEU A 110 5.94 -32.91 -17.03
C LEU A 110 7.22 -32.56 -16.29
N ALA A 111 7.81 -33.54 -15.63
CA ALA A 111 9.02 -33.31 -14.86
C ALA A 111 10.12 -32.71 -15.72
N THR A 112 10.22 -33.15 -16.97
CA THR A 112 11.36 -32.79 -17.79
C THR A 112 11.27 -31.35 -18.28
N MET A 113 10.09 -30.95 -18.66
CA MET A 113 9.89 -29.58 -19.11
C MET A 113 10.10 -28.63 -17.98
N ARG A 114 9.84 -29.11 -16.79
CA ARG A 114 10.02 -28.33 -15.60
C ARG A 114 11.45 -27.88 -15.33
N ASP A 115 12.45 -28.75 -15.49
CA ASP A 115 13.83 -28.35 -15.16
C ASP A 115 14.97 -28.25 -16.21
N PHE A 116 14.69 -28.54 -17.47
CA PHE A 116 15.72 -28.47 -18.50
C PHE A 116 15.29 -27.57 -19.65
N GLY A 117 16.21 -26.73 -20.09
CA GLY A 117 16.00 -25.75 -21.15
C GLY A 117 17.39 -25.27 -21.47
N MET A 118 17.59 -24.50 -22.53
CA MET A 118 18.94 -24.04 -22.81
C MET A 118 19.35 -23.14 -21.67
N GLY A 119 20.54 -23.35 -21.12
CA GLY A 119 21.07 -22.53 -20.07
C GLY A 119 20.73 -22.90 -18.64
N LYS A 120 19.97 -23.96 -18.44
CA LYS A 120 19.65 -24.37 -17.10
C LYS A 120 19.11 -23.17 -16.39
N ARG A 121 18.32 -22.41 -17.11
CA ARG A 121 17.65 -21.26 -16.59
C ARG A 121 16.20 -21.68 -16.64
N SER A 122 15.38 -21.11 -15.79
CA SER A 122 14.01 -21.55 -15.62
C SER A 122 13.10 -21.28 -16.75
N VAL A 123 12.01 -22.00 -16.81
CA VAL A 123 11.05 -21.78 -17.88
C VAL A 123 10.68 -20.30 -17.91
N GLU A 124 10.41 -19.75 -16.73
CA GLU A 124 10.11 -18.33 -16.64
C GLU A 124 11.22 -17.50 -17.19
N GLU A 125 12.46 -17.80 -16.80
CA GLU A 125 13.63 -17.04 -17.27
C GLU A 125 13.77 -17.03 -18.80
N ARG A 126 13.45 -18.15 -19.47
CA ARG A 126 13.51 -18.19 -20.93
C ARG A 126 12.42 -17.34 -21.57
N ILE A 127 11.19 -17.47 -21.05
CA ILE A 127 10.10 -16.65 -21.53
C ILE A 127 10.40 -15.15 -21.33
N GLN A 128 10.93 -14.78 -20.17
CA GLN A 128 11.39 -13.40 -19.93
C GLN A 128 12.38 -12.95 -20.99
N GLU A 129 13.29 -13.85 -21.35
CA GLU A 129 14.37 -13.48 -22.26
C GLU A 129 13.85 -13.43 -23.67
N GLU A 130 12.90 -14.28 -24.01
CA GLU A 130 12.25 -14.19 -25.32
C GLU A 130 11.51 -12.87 -25.43
N ALA A 131 10.79 -12.51 -24.38
CA ALA A 131 10.05 -11.26 -24.33
C ALA A 131 10.99 -10.09 -24.59
N ARG A 132 12.14 -10.09 -23.93
CA ARG A 132 13.18 -9.09 -24.19
C ARG A 132 13.60 -9.05 -25.67
N CYS A 133 13.89 -10.21 -26.26
CA CYS A 133 14.13 -10.30 -27.71
C CYS A 133 12.97 -9.75 -28.56
N LEU A 134 11.73 -10.06 -28.18
CA LEU A 134 10.56 -9.62 -28.92
C LEU A 134 10.43 -8.10 -28.95
N VAL A 135 10.61 -7.50 -27.79
CA VAL A 135 10.54 -6.06 -27.63
C VAL A 135 11.55 -5.36 -28.56
N GLU A 136 12.77 -5.86 -28.57
CA GLU A 136 13.79 -5.25 -29.39
C GLU A 136 13.46 -5.37 -30.88
N GLU A 137 12.97 -6.52 -31.30
CA GLU A 137 12.58 -6.70 -32.69
C GLU A 137 11.51 -5.66 -33.03
N LEU A 138 10.50 -5.54 -32.18
CA LEU A 138 9.42 -4.57 -32.38
C LEU A 138 9.90 -3.12 -32.45
N ARG A 139 10.93 -2.76 -31.68
CA ARG A 139 11.49 -1.41 -31.82
C ARG A 139 12.00 -1.22 -33.23
N LYS A 140 12.67 -2.22 -33.78
CA LYS A 140 13.17 -2.14 -35.15
C LYS A 140 12.12 -1.74 -36.19
N SER A 141 10.86 -2.14 -35.99
CA SER A 141 9.82 -1.75 -36.94
C SER A 141 9.41 -0.28 -36.84
N LYS A 142 10.02 0.46 -35.91
CA LYS A 142 9.77 1.88 -35.79
C LYS A 142 8.27 2.21 -35.84
N GLY A 143 7.43 1.32 -35.31
CA GLY A 143 6.03 1.63 -35.17
C GLY A 143 5.19 1.58 -36.43
N ALA A 144 5.79 1.07 -37.50
CA ALA A 144 5.07 0.88 -38.74
C ALA A 144 4.07 -0.26 -38.58
N LEU A 145 3.00 -0.21 -39.37
CA LEU A 145 1.99 -1.25 -39.43
C LEU A 145 2.55 -2.60 -39.84
N LEU A 146 2.26 -3.63 -39.05
CA LEU A 146 2.62 -4.99 -39.44
C LEU A 146 1.52 -6.02 -39.19
N ASP A 147 1.77 -7.25 -39.62
CA ASP A 147 0.98 -8.41 -39.22
C ASP A 147 1.80 -9.20 -38.19
N ASN A 148 1.29 -9.29 -36.96
CA ASN A 148 2.05 -9.90 -35.87
C ASN A 148 2.02 -11.42 -35.87
N THR A 149 1.32 -12.01 -36.84
CA THR A 149 1.17 -13.46 -36.86
C THR A 149 2.51 -14.20 -36.85
N LEU A 150 3.41 -13.84 -37.75
CA LEU A 150 4.71 -14.47 -37.80
C LEU A 150 5.48 -14.30 -36.48
N LEU A 151 5.69 -13.05 -36.07
CA LEU A 151 6.37 -12.78 -34.82
C LEU A 151 5.74 -13.50 -33.65
N PHE A 152 4.42 -13.52 -33.62
CA PHE A 152 3.71 -14.12 -32.50
C PHE A 152 3.92 -15.62 -32.45
N HIS A 153 4.06 -16.25 -33.63
CA HIS A 153 4.45 -17.67 -33.71
C HIS A 153 5.93 -17.88 -33.41
N SER A 154 6.75 -16.94 -33.84
CA SER A 154 8.15 -16.99 -33.53
C SER A 154 8.42 -17.11 -32.03
N ILE A 155 7.83 -16.23 -31.24
CA ILE A 155 8.18 -16.21 -29.82
C ILE A 155 7.65 -17.45 -29.07
N THR A 156 6.52 -18.00 -29.51
CA THR A 156 6.03 -19.22 -28.86
C THR A 156 6.96 -20.39 -29.18
N SER A 157 7.28 -20.57 -30.47
CA SER A 157 8.23 -21.57 -30.91
C SER A 157 9.52 -21.56 -30.09
N ASN A 158 10.22 -20.43 -30.09
CA ASN A 158 11.47 -20.33 -29.34
C ASN A 158 11.41 -20.78 -27.88
N ILE A 159 10.23 -20.83 -27.28
CA ILE A 159 10.16 -21.31 -25.92
C ILE A 159 10.29 -22.82 -25.96
N ILE A 160 9.49 -23.47 -26.82
CA ILE A 160 9.58 -24.91 -27.01
C ILE A 160 10.96 -25.30 -27.49
N CYS A 161 11.45 -24.58 -28.49
CA CYS A 161 12.82 -24.70 -29.01
C CYS A 161 13.93 -24.64 -27.97
N SER A 162 13.82 -23.70 -27.04
CA SER A 162 14.78 -23.55 -25.97
C SER A 162 14.64 -24.74 -25.05
N ILE A 163 13.42 -25.18 -24.87
CA ILE A 163 13.18 -26.27 -23.95
C ILE A 163 13.62 -27.59 -24.54
N VAL A 164 13.34 -27.78 -25.81
CA VAL A 164 13.47 -29.10 -26.44
C VAL A 164 14.77 -29.25 -27.21
N PHE A 165 15.19 -28.23 -27.93
CA PHE A 165 16.48 -28.25 -28.61
C PHE A 165 17.57 -27.51 -27.86
N GLY A 166 17.19 -26.79 -26.81
CA GLY A 166 18.15 -26.08 -25.99
C GLY A 166 18.75 -24.87 -26.68
N LYS A 167 18.02 -24.28 -27.61
CA LYS A 167 18.48 -23.06 -28.28
C LYS A 167 17.29 -22.32 -28.87
N ARG A 168 17.38 -21.00 -28.94
CA ARG A 168 16.37 -20.23 -29.65
C ARG A 168 16.89 -19.88 -31.01
N PHE A 169 16.00 -19.54 -31.93
CA PHE A 169 16.43 -19.13 -33.25
C PHE A 169 16.31 -17.63 -33.34
N ASP A 170 17.17 -16.99 -34.14
CA ASP A 170 16.98 -15.58 -34.38
C ASP A 170 15.74 -15.45 -35.25
N TYR A 171 15.02 -14.35 -35.10
CA TYR A 171 13.73 -14.23 -35.75
C TYR A 171 13.82 -14.33 -37.26
N LYS A 172 15.00 -14.01 -37.80
CA LYS A 172 15.19 -13.91 -39.23
C LYS A 172 15.98 -15.08 -39.81
N ASP A 173 16.32 -16.04 -38.97
CA ASP A 173 17.01 -17.26 -39.43
C ASP A 173 16.15 -18.08 -40.39
N PRO A 174 16.71 -18.41 -41.55
CA PRO A 174 15.95 -19.05 -42.64
C PRO A 174 15.58 -20.52 -42.34
N VAL A 175 16.47 -21.24 -41.66
CA VAL A 175 16.14 -22.56 -41.13
C VAL A 175 14.82 -22.41 -40.40
N PHE A 176 14.78 -21.40 -39.53
CA PHE A 176 13.68 -21.19 -38.60
C PHE A 176 12.43 -20.77 -39.36
N LEU A 177 12.56 -19.74 -40.19
CA LEU A 177 11.43 -19.24 -40.95
C LEU A 177 10.82 -20.36 -41.79
N ARG A 178 11.67 -21.22 -42.33
CA ARG A 178 11.23 -22.36 -43.13
C ARG A 178 10.43 -23.32 -42.24
N LEU A 179 10.96 -23.60 -41.06
CA LEU A 179 10.26 -24.40 -40.08
C LEU A 179 8.89 -23.78 -39.76
N LEU A 180 8.90 -22.56 -39.23
CA LEU A 180 7.67 -21.80 -38.94
C LEU A 180 6.70 -21.87 -40.09
N ASP A 181 7.25 -21.86 -41.31
CA ASP A 181 6.44 -21.87 -42.53
C ASP A 181 5.60 -23.13 -42.62
N LEU A 182 6.26 -24.29 -42.68
CA LEU A 182 5.60 -25.58 -42.66
C LEU A 182 4.56 -25.62 -41.57
N PHE A 183 5.01 -25.32 -40.36
CA PHE A 183 4.14 -25.18 -39.21
C PHE A 183 2.88 -24.36 -39.55
N PHE A 184 3.10 -23.15 -40.08
CA PHE A 184 2.06 -22.14 -40.30
C PHE A 184 0.90 -22.67 -41.16
N GLN A 185 1.22 -23.36 -42.25
CA GLN A 185 0.21 -23.98 -43.11
C GLN A 185 -0.59 -25.12 -42.47
N SER A 186 0.12 -26.15 -41.99
CA SER A 186 -0.51 -27.33 -41.37
C SER A 186 -1.59 -26.97 -40.35
N PHE A 187 -1.16 -26.23 -39.33
CA PHE A 187 -2.03 -25.85 -38.22
C PHE A 187 -3.36 -25.21 -38.68
N SER A 188 -3.31 -24.44 -39.75
CA SER A 188 -4.51 -23.80 -40.30
C SER A 188 -5.35 -24.76 -41.18
N LEU A 189 -4.70 -25.76 -41.78
CA LEU A 189 -5.42 -26.74 -42.57
C LEU A 189 -6.06 -27.77 -41.64
N ILE A 190 -5.39 -28.07 -40.54
CA ILE A 190 -5.99 -28.92 -39.54
C ILE A 190 -7.41 -28.47 -39.19
N SER A 191 -7.68 -27.19 -39.25
CA SER A 191 -8.98 -26.68 -38.89
C SER A 191 -9.85 -26.30 -40.05
N SER A 192 -9.39 -26.56 -41.25
CA SER A 192 -10.08 -26.16 -42.43
C SER A 192 -11.30 -26.97 -42.57
N PHE A 193 -12.20 -26.55 -43.43
CA PHE A 193 -13.42 -27.27 -43.56
C PHE A 193 -13.18 -28.66 -44.04
N SER A 194 -12.31 -28.81 -45.01
CA SER A 194 -12.07 -30.12 -45.58
C SER A 194 -11.71 -31.15 -44.52
N SER A 195 -10.86 -30.74 -43.58
CA SER A 195 -10.39 -31.62 -42.52
C SER A 195 -11.50 -32.00 -41.56
N GLN A 196 -12.48 -31.12 -41.42
CA GLN A 196 -13.68 -31.45 -40.69
C GLN A 196 -14.44 -32.56 -41.43
N VAL A 197 -14.50 -32.46 -42.76
CA VAL A 197 -15.17 -33.47 -43.60
C VAL A 197 -14.42 -34.78 -43.50
N PHE A 198 -13.14 -34.69 -43.80
CA PHE A 198 -12.23 -35.79 -43.67
C PHE A 198 -12.42 -36.51 -42.35
N GLU A 199 -12.97 -35.83 -41.35
CA GLU A 199 -13.16 -36.46 -40.05
C GLU A 199 -14.23 -37.54 -40.13
N LEU A 200 -15.26 -37.30 -40.93
CA LEU A 200 -16.35 -38.27 -41.05
C LEU A 200 -16.05 -39.43 -42.01
N PHE A 201 -15.29 -39.14 -43.04
CA PHE A 201 -15.10 -40.07 -44.14
C PHE A 201 -13.65 -40.37 -44.52
N SER A 202 -12.75 -40.40 -43.52
CA SER A 202 -11.35 -40.70 -43.79
C SER A 202 -11.22 -42.03 -44.52
N GLY A 203 -12.09 -42.97 -44.18
CA GLY A 203 -12.14 -44.25 -44.87
C GLY A 203 -12.16 -44.07 -46.37
N PHE A 204 -13.17 -43.37 -46.85
CA PHE A 204 -13.28 -42.95 -48.24
C PHE A 204 -12.16 -41.98 -48.62
N LEU A 205 -12.22 -40.78 -48.06
CA LEU A 205 -11.40 -39.66 -48.52
C LEU A 205 -9.89 -39.88 -48.45
N LYS A 206 -9.46 -40.81 -47.62
CA LYS A 206 -8.02 -41.02 -47.39
C LYS A 206 -7.29 -41.29 -48.69
N TYR A 207 -8.08 -41.58 -49.73
CA TYR A 207 -7.56 -42.06 -51.01
C TYR A 207 -7.38 -40.97 -52.07
N PHE A 208 -8.46 -40.28 -52.45
CA PHE A 208 -8.34 -39.17 -53.39
C PHE A 208 -7.45 -38.08 -52.77
N PRO A 209 -7.12 -37.02 -53.55
CA PRO A 209 -6.33 -35.92 -52.98
C PRO A 209 -7.11 -35.08 -51.97
N GLY A 210 -6.49 -34.00 -51.52
CA GLY A 210 -7.06 -33.18 -50.47
C GLY A 210 -5.95 -32.50 -49.72
N THR A 211 -6.30 -31.83 -48.63
CA THR A 211 -5.31 -31.09 -47.86
C THR A 211 -4.61 -31.98 -46.84
N HIS A 212 -5.20 -33.15 -46.57
CA HIS A 212 -4.60 -34.12 -45.65
C HIS A 212 -3.22 -34.55 -46.13
N ARG A 213 -2.94 -34.37 -47.42
CA ARG A 213 -1.65 -34.75 -47.97
C ARG A 213 -0.59 -33.70 -47.70
N GLN A 214 -0.96 -32.43 -47.87
CA GLN A 214 -0.02 -31.35 -47.58
C GLN A 214 0.17 -31.24 -46.06
N ILE A 215 -0.90 -31.52 -45.31
CA ILE A 215 -0.77 -31.63 -43.86
C ILE A 215 0.23 -32.75 -43.57
N TYR A 216 -0.06 -33.93 -44.10
CA TYR A 216 0.80 -35.08 -43.87
C TYR A 216 2.25 -34.80 -44.33
N ARG A 217 2.43 -34.28 -45.54
CA ARG A 217 3.80 -34.01 -45.99
C ARG A 217 4.49 -33.03 -45.06
N ASN A 218 3.85 -31.87 -44.87
CA ASN A 218 4.41 -30.81 -44.05
C ASN A 218 4.85 -31.30 -42.67
N LEU A 219 3.99 -32.07 -42.00
CA LEU A 219 4.33 -32.58 -40.70
C LEU A 219 5.54 -33.50 -40.79
N GLN A 220 5.60 -34.30 -41.84
CA GLN A 220 6.73 -35.19 -42.04
C GLN A 220 8.07 -34.43 -42.21
N GLU A 221 8.02 -33.27 -42.87
CA GLU A 221 9.20 -32.41 -43.01
C GLU A 221 9.71 -31.91 -41.67
N ILE A 222 8.78 -31.58 -40.78
CA ILE A 222 9.13 -31.14 -39.44
C ILE A 222 9.80 -32.30 -38.73
N ASN A 223 9.16 -33.46 -38.83
CA ASN A 223 9.69 -34.67 -38.21
C ASN A 223 11.12 -34.95 -38.68
N THR A 224 11.36 -34.75 -39.97
CA THR A 224 12.70 -34.86 -40.53
C THR A 224 13.65 -33.96 -39.74
N PHE A 225 13.25 -32.71 -39.50
CA PHE A 225 14.08 -31.78 -38.72
C PHE A 225 14.33 -32.23 -37.29
N ILE A 226 13.29 -32.73 -36.62
CA ILE A 226 13.47 -33.28 -35.28
C ILE A 226 14.40 -34.48 -35.36
N GLY A 227 14.24 -35.27 -36.42
CA GLY A 227 15.19 -36.32 -36.74
C GLY A 227 16.64 -35.86 -36.68
N GLN A 228 17.03 -35.00 -37.61
CA GLN A 228 18.38 -34.45 -37.60
C GLN A 228 18.84 -33.96 -36.23
N SER A 229 17.99 -33.21 -35.53
CA SER A 229 18.39 -32.60 -34.27
C SER A 229 18.67 -33.68 -33.22
N VAL A 230 17.85 -34.73 -33.21
CA VAL A 230 18.07 -35.87 -32.33
C VAL A 230 19.48 -36.42 -32.51
N GLU A 231 19.83 -36.74 -33.75
CA GLU A 231 21.15 -37.29 -34.10
C GLU A 231 22.33 -36.42 -33.66
N LYS A 232 22.20 -35.10 -33.85
CA LYS A 232 23.23 -34.15 -33.42
C LYS A 232 23.37 -34.18 -31.91
N HIS A 233 22.26 -34.41 -31.21
CA HIS A 233 22.27 -34.51 -29.75
C HIS A 233 22.92 -35.81 -29.35
N ARG A 234 22.44 -36.89 -29.97
CA ARG A 234 22.89 -38.25 -29.71
C ARG A 234 24.40 -38.40 -29.74
N ALA A 235 25.07 -37.53 -30.51
CA ALA A 235 26.51 -37.64 -30.74
C ALA A 235 27.30 -36.77 -29.78
N THR A 236 26.85 -35.52 -29.65
CA THR A 236 27.49 -34.57 -28.76
C THR A 236 27.13 -34.86 -27.31
N LEU A 237 26.16 -35.76 -27.12
CA LEU A 237 25.60 -36.07 -25.80
C LEU A 237 26.63 -36.21 -24.67
N ASP A 238 26.41 -35.53 -23.57
CA ASP A 238 27.25 -35.66 -22.41
C ASP A 238 26.39 -35.98 -21.23
N PRO A 239 26.63 -37.13 -20.62
CA PRO A 239 25.84 -37.63 -19.52
C PRO A 239 25.94 -36.81 -18.28
N SER A 240 27.06 -36.17 -18.11
CA SER A 240 27.25 -35.32 -16.98
C SER A 240 26.30 -34.15 -17.02
N ASN A 241 26.09 -33.65 -18.21
CA ASN A 241 25.34 -32.43 -18.37
C ASN A 241 24.28 -32.41 -19.45
N PRO A 242 23.11 -32.95 -19.18
CA PRO A 242 22.05 -32.92 -20.17
C PRO A 242 21.74 -31.49 -20.46
N ARG A 243 21.47 -31.18 -21.70
CA ARG A 243 21.31 -29.81 -22.10
C ARG A 243 19.88 -29.39 -22.23
N ASP A 244 18.97 -30.34 -22.34
CA ASP A 244 17.65 -30.00 -22.74
C ASP A 244 16.76 -31.22 -22.73
N PHE A 245 15.56 -31.09 -23.27
CA PHE A 245 14.62 -32.17 -23.26
C PHE A 245 15.11 -33.35 -24.01
N ILE A 246 15.76 -33.14 -25.12
CA ILE A 246 16.23 -34.26 -25.90
C ILE A 246 17.31 -35.07 -25.25
N ASP A 247 18.28 -34.43 -24.62
CA ASP A 247 19.29 -35.19 -23.92
C ASP A 247 18.70 -35.96 -22.77
N VAL A 248 17.90 -35.30 -21.96
CA VAL A 248 17.23 -35.97 -20.86
C VAL A 248 16.53 -37.26 -21.31
N TYR A 249 15.95 -37.25 -22.50
CA TYR A 249 15.26 -38.42 -23.05
C TYR A 249 16.26 -39.52 -23.40
N LEU A 250 17.35 -39.15 -24.06
CA LEU A 250 18.40 -40.12 -24.37
C LEU A 250 18.93 -40.73 -23.08
N LEU A 251 19.35 -39.91 -22.12
CA LEU A 251 19.85 -40.41 -20.84
C LEU A 251 18.88 -41.36 -20.15
N ARG A 252 17.59 -41.19 -20.42
CA ARG A 252 16.61 -42.07 -19.81
C ARG A 252 16.55 -43.33 -20.63
N MET A 253 16.68 -43.16 -21.93
CA MET A 253 16.62 -44.26 -22.89
C MET A 253 17.74 -45.26 -22.60
N GLU A 254 18.85 -44.75 -22.06
CA GLU A 254 20.00 -45.58 -21.72
C GLU A 254 19.83 -46.22 -20.36
N LYS A 255 19.33 -45.46 -19.40
CA LYS A 255 19.04 -46.02 -18.09
C LYS A 255 18.12 -47.23 -18.30
N ASP A 256 17.47 -47.28 -19.46
CA ASP A 256 16.44 -48.29 -19.72
C ASP A 256 16.86 -49.35 -20.75
N LYS A 257 18.11 -49.31 -21.18
CA LYS A 257 18.61 -50.19 -22.25
C LYS A 257 18.22 -51.67 -22.08
N SER A 258 18.06 -52.10 -20.83
CA SER A 258 17.78 -53.50 -20.54
C SER A 258 16.33 -53.73 -20.15
N ASP A 259 15.48 -52.74 -20.42
CA ASP A 259 14.05 -52.86 -20.11
C ASP A 259 13.18 -52.92 -21.37
N PRO A 260 12.67 -54.11 -21.69
CA PRO A 260 11.83 -54.37 -22.87
C PRO A 260 10.43 -53.78 -22.78
N SER A 261 10.10 -53.19 -21.64
CA SER A 261 8.76 -52.64 -21.47
C SER A 261 8.78 -51.12 -21.47
N SER A 262 9.98 -50.55 -21.48
CA SER A 262 10.16 -49.11 -21.51
C SER A 262 9.61 -48.52 -22.80
N GLU A 263 8.91 -47.40 -22.67
CA GLU A 263 8.30 -46.78 -23.84
C GLU A 263 9.20 -45.70 -24.45
N PHE A 264 10.36 -45.50 -23.84
CA PHE A 264 11.30 -44.47 -24.29
C PHE A 264 12.20 -44.88 -25.46
N HIS A 265 11.63 -44.90 -26.65
CA HIS A 265 12.34 -45.23 -27.88
C HIS A 265 12.11 -44.21 -28.99
N HIS A 266 12.79 -44.38 -30.12
CA HIS A 266 12.78 -43.39 -31.20
C HIS A 266 11.40 -42.80 -31.52
N GLN A 267 10.44 -43.63 -31.90
CA GLN A 267 9.13 -43.11 -32.28
C GLN A 267 8.54 -42.18 -31.20
N ASN A 268 8.53 -42.61 -29.95
CA ASN A 268 7.98 -41.75 -28.91
C ASN A 268 8.75 -40.43 -28.75
N LEU A 269 10.04 -40.45 -29.04
CA LEU A 269 10.83 -39.23 -28.99
C LEU A 269 10.40 -38.27 -30.09
N ILE A 270 10.46 -38.72 -31.34
CA ILE A 270 10.06 -37.90 -32.48
C ILE A 270 8.65 -37.34 -32.32
N LEU A 271 7.67 -38.22 -32.19
CA LEU A 271 6.28 -37.80 -32.09
C LEU A 271 6.00 -36.98 -30.81
N THR A 272 6.74 -37.23 -29.74
CA THR A 272 6.61 -36.41 -28.55
C THR A 272 7.10 -34.99 -28.84
N VAL A 273 8.33 -34.87 -29.29
CA VAL A 273 8.89 -33.57 -29.60
C VAL A 273 8.03 -32.84 -30.62
N LEU A 274 7.53 -33.56 -31.62
CA LEU A 274 6.58 -32.97 -32.55
C LEU A 274 5.37 -32.40 -31.80
N SER A 275 4.88 -33.13 -30.80
CA SER A 275 3.68 -32.74 -30.08
C SER A 275 3.91 -31.50 -29.24
N LEU A 276 5.09 -31.39 -28.66
CA LEU A 276 5.42 -30.23 -27.84
C LEU A 276 5.56 -28.99 -28.70
N PHE A 277 5.77 -29.18 -29.98
CA PHE A 277 5.88 -28.08 -30.94
C PHE A 277 4.49 -27.73 -31.47
N PHE A 278 3.76 -28.74 -31.81
CA PHE A 278 2.45 -28.55 -32.33
C PHE A 278 1.57 -27.91 -31.32
N ALA A 279 1.59 -28.44 -30.10
CA ALA A 279 0.82 -27.86 -29.03
C ALA A 279 1.35 -26.54 -28.54
N GLY A 280 2.61 -26.50 -28.26
CA GLY A 280 3.22 -25.32 -27.75
C GLY A 280 3.21 -24.15 -28.67
N THR A 281 3.53 -24.36 -29.93
CA THR A 281 3.52 -23.27 -30.85
C THR A 281 2.16 -22.73 -31.24
N GLU A 282 1.30 -23.60 -31.68
CA GLU A 282 0.03 -23.11 -32.17
CA GLU A 282 0.02 -23.20 -32.18
C GLU A 282 -1.05 -22.57 -31.35
N THR A 283 -1.37 -23.12 -30.21
CA THR A 283 -2.41 -22.55 -29.38
C THR A 283 -2.09 -21.30 -28.61
N THR A 284 -0.91 -21.26 -28.05
CA THR A 284 -0.48 -20.12 -27.30
C THR A 284 -0.38 -18.98 -28.24
N SER A 285 0.10 -19.26 -29.41
CA SER A 285 0.39 -18.22 -30.37
C SER A 285 -0.89 -17.57 -30.86
N THR A 286 -1.89 -18.34 -31.26
CA THR A 286 -3.13 -17.74 -31.74
C THR A 286 -3.94 -17.11 -30.59
N THR A 287 -3.72 -17.55 -29.35
CA THR A 287 -4.32 -16.88 -28.23
C THR A 287 -3.82 -15.44 -28.08
N LEU A 288 -2.51 -15.26 -28.00
CA LEU A 288 -1.90 -13.94 -28.01
C LEU A 288 -2.39 -13.10 -29.20
N ARG A 289 -2.33 -13.69 -30.38
CA ARG A 289 -2.78 -13.02 -31.60
C ARG A 289 -4.22 -12.54 -31.46
N TYR A 290 -5.06 -13.35 -30.83
CA TYR A 290 -6.46 -12.97 -30.65
C TYR A 290 -6.66 -11.97 -29.51
N GLY A 291 -5.84 -12.08 -28.47
CA GLY A 291 -5.88 -11.13 -27.37
C GLY A 291 -5.64 -9.71 -27.86
N PHE A 292 -4.71 -9.55 -28.78
CA PHE A 292 -4.37 -8.22 -29.25
C PHE A 292 -5.42 -7.66 -30.20
N LEU A 293 -6.22 -8.53 -30.80
CA LEU A 293 -7.31 -8.04 -31.63
C LEU A 293 -8.38 -7.45 -30.71
N LEU A 294 -8.64 -8.12 -29.58
CA LEU A 294 -9.53 -7.57 -28.55
C LEU A 294 -9.04 -6.23 -27.96
N MET A 295 -7.72 -6.08 -27.75
CA MET A 295 -7.15 -4.84 -27.25
C MET A 295 -7.32 -3.69 -28.24
N LEU A 296 -7.43 -4.01 -29.51
CA LEU A 296 -7.69 -2.98 -30.51
C LEU A 296 -9.16 -2.57 -30.45
N LYS A 297 -10.02 -3.54 -30.12
CA LYS A 297 -11.46 -3.32 -30.03
C LYS A 297 -11.86 -2.63 -28.71
N TYR A 298 -11.14 -2.92 -27.64
CA TYR A 298 -11.42 -2.33 -26.33
C TYR A 298 -10.22 -1.54 -25.81
N PRO A 299 -9.89 -0.44 -26.48
CA PRO A 299 -8.75 0.38 -26.02
C PRO A 299 -8.86 0.75 -24.54
N HIS A 300 -10.09 0.82 -24.03
CA HIS A 300 -10.29 1.13 -22.63
C HIS A 300 -9.75 0.04 -21.70
N VAL A 301 -9.96 -1.23 -22.05
CA VAL A 301 -9.37 -2.33 -21.33
C VAL A 301 -7.85 -2.31 -21.47
N THR A 302 -7.36 -2.21 -22.69
CA THR A 302 -5.93 -2.06 -22.90
C THR A 302 -5.31 -1.02 -21.94
N GLU A 303 -5.96 0.14 -21.83
CA GLU A 303 -5.42 1.27 -21.06
C GLU A 303 -5.40 0.95 -19.57
N ARG A 304 -6.46 0.31 -19.11
CA ARG A 304 -6.52 -0.11 -17.71
C ARG A 304 -5.40 -1.13 -17.39
N VAL A 305 -5.11 -2.01 -18.36
CA VAL A 305 -4.05 -3.00 -18.18
C VAL A 305 -2.71 -2.29 -18.04
N GLN A 306 -2.43 -1.38 -18.97
CA GLN A 306 -1.17 -0.62 -18.97
C GLN A 306 -0.97 0.17 -17.66
N LYS A 307 -2.08 0.58 -17.05
CA LYS A 307 -2.05 1.36 -15.82
C LYS A 307 -1.74 0.47 -14.63
N GLU A 308 -2.25 -0.76 -14.65
CA GLU A 308 -1.93 -1.71 -13.62
C GLU A 308 -0.47 -2.13 -13.72
N ILE A 309 -0.02 -2.40 -14.95
CA ILE A 309 1.39 -2.63 -15.22
C ILE A 309 2.23 -1.51 -14.61
N GLU A 310 1.74 -0.27 -14.71
CA GLU A 310 2.43 0.85 -14.13
C GLU A 310 2.45 0.84 -12.59
N GLN A 311 1.29 0.66 -11.95
CA GLN A 311 1.23 0.72 -10.48
C GLN A 311 2.10 -0.35 -9.83
N VAL A 312 2.05 -1.55 -10.39
CA VAL A 312 2.70 -2.72 -9.82
C VAL A 312 4.12 -2.99 -10.32
N ILE A 313 4.29 -3.02 -11.63
CA ILE A 313 5.60 -3.35 -12.18
C ILE A 313 6.46 -2.10 -12.40
N GLY A 314 5.87 -1.05 -12.93
CA GLY A 314 6.62 0.14 -13.28
C GLY A 314 7.14 0.06 -14.70
N SER A 315 7.96 1.01 -15.08
CA SER A 315 8.35 1.09 -16.46
C SER A 315 9.77 0.62 -16.69
N HIS A 316 10.44 0.16 -15.64
CA HIS A 316 11.85 -0.19 -15.81
C HIS A 316 12.25 -1.67 -15.71
N ARG A 317 11.74 -2.41 -14.75
CA ARG A 317 12.10 -3.83 -14.70
C ARG A 317 11.15 -4.64 -15.59
N PRO A 318 11.65 -5.76 -16.16
CA PRO A 318 10.72 -6.57 -16.96
C PRO A 318 9.70 -7.29 -16.09
N PRO A 319 8.47 -7.46 -16.58
CA PRO A 319 7.47 -8.20 -15.80
C PRO A 319 7.99 -9.58 -15.38
N ALA A 320 7.69 -9.96 -14.14
CA ALA A 320 8.03 -11.28 -13.62
C ALA A 320 6.74 -12.01 -13.29
N LEU A 321 6.81 -13.34 -13.29
CA LEU A 321 5.61 -14.13 -13.18
C LEU A 321 4.87 -13.77 -11.92
N ASP A 322 5.55 -13.69 -10.79
CA ASP A 322 4.81 -13.42 -9.57
C ASP A 322 4.32 -11.97 -9.42
N ASP A 323 4.44 -11.20 -10.49
CA ASP A 323 3.75 -9.93 -10.54
C ASP A 323 2.27 -10.17 -10.78
N ARG A 324 1.91 -11.35 -11.27
CA ARG A 324 0.53 -11.62 -11.66
C ARG A 324 -0.46 -11.67 -10.49
N ALA A 325 -0.03 -12.15 -9.34
CA ALA A 325 -0.96 -12.25 -8.22
C ALA A 325 -1.28 -10.86 -7.67
N LYS A 326 -0.45 -9.88 -8.06
CA LYS A 326 -0.57 -8.48 -7.68
C LYS A 326 -1.37 -7.68 -8.73
N MET A 327 -1.77 -8.34 -9.81
CA MET A 327 -2.37 -7.68 -10.95
C MET A 327 -3.63 -8.42 -11.42
N PRO A 328 -4.64 -8.54 -10.56
CA PRO A 328 -5.84 -9.28 -10.92
C PRO A 328 -6.58 -8.72 -12.14
N TYR A 329 -6.51 -7.41 -12.38
CA TYR A 329 -7.23 -6.92 -13.53
C TYR A 329 -6.64 -7.55 -14.78
N THR A 330 -5.32 -7.53 -14.88
CA THR A 330 -4.69 -8.02 -16.07
C THR A 330 -4.93 -9.52 -16.18
N ASP A 331 -4.78 -10.19 -15.05
CA ASP A 331 -5.06 -11.61 -14.94
C ASP A 331 -6.49 -11.90 -15.43
N ALA A 332 -7.44 -11.07 -15.04
CA ALA A 332 -8.82 -11.27 -15.47
C ALA A 332 -8.97 -11.07 -16.99
N VAL A 333 -8.18 -10.17 -17.55
CA VAL A 333 -8.29 -9.90 -18.98
C VAL A 333 -7.75 -11.09 -19.75
N ILE A 334 -6.78 -11.78 -19.17
CA ILE A 334 -6.20 -12.92 -19.85
C ILE A 334 -7.16 -14.11 -19.77
N HIS A 335 -7.74 -14.34 -18.59
CA HIS A 335 -8.82 -15.31 -18.45
C HIS A 335 -9.87 -15.01 -19.49
N GLU A 336 -10.24 -13.74 -19.63
CA GLU A 336 -11.34 -13.37 -20.51
C GLU A 336 -10.95 -13.44 -21.97
N ILE A 337 -9.66 -13.32 -22.26
CA ILE A 337 -9.15 -13.54 -23.61
C ILE A 337 -9.23 -15.03 -23.94
N GLN A 338 -8.83 -15.88 -23.01
CA GLN A 338 -8.87 -17.30 -23.26
C GLN A 338 -10.29 -17.77 -23.42
N ARG A 339 -11.19 -17.28 -22.56
CA ARG A 339 -12.54 -17.82 -22.52
C ARG A 339 -13.29 -17.53 -23.84
N LEU A 340 -13.23 -16.28 -24.28
CA LEU A 340 -13.93 -15.83 -25.46
C LEU A 340 -13.25 -16.31 -26.73
N GLY A 341 -11.93 -16.24 -26.75
CA GLY A 341 -11.15 -16.68 -27.88
C GLY A 341 -11.35 -18.16 -28.15
N ASP A 342 -11.59 -18.91 -27.07
CA ASP A 342 -12.03 -20.29 -27.18
C ASP A 342 -11.25 -21.04 -28.27
N LEU A 343 -9.96 -21.18 -28.11
CA LEU A 343 -9.11 -21.69 -29.16
C LEU A 343 -9.23 -23.13 -29.55
N ILE A 344 -9.77 -23.95 -28.68
CA ILE A 344 -10.01 -25.35 -28.94
C ILE A 344 -11.41 -25.69 -28.57
N PRO A 345 -12.31 -25.47 -29.51
CA PRO A 345 -13.75 -25.54 -29.36
C PRO A 345 -14.39 -26.84 -28.99
N PHE A 346 -13.96 -27.97 -29.51
CA PHE A 346 -14.52 -29.20 -29.04
C PHE A 346 -13.52 -30.07 -28.34
N GLY A 347 -12.52 -29.46 -27.73
CA GLY A 347 -11.50 -30.21 -27.02
C GLY A 347 -10.72 -31.10 -27.95
N VAL A 348 -9.87 -31.94 -27.39
CA VAL A 348 -9.25 -33.00 -28.16
C VAL A 348 -9.94 -34.29 -27.74
N PRO A 349 -10.37 -35.11 -28.72
CA PRO A 349 -11.14 -36.34 -28.48
C PRO A 349 -10.58 -37.24 -27.37
N HIS A 350 -11.47 -37.70 -26.51
CA HIS A 350 -11.18 -38.64 -25.45
C HIS A 350 -11.74 -40.00 -25.87
N THR A 351 -11.44 -41.03 -25.09
CA THR A 351 -12.18 -42.31 -25.13
C THR A 351 -12.35 -42.79 -23.71
N VAL A 352 -13.40 -43.58 -23.44
CA VAL A 352 -13.53 -44.20 -22.13
C VAL A 352 -12.62 -45.41 -22.05
N THR A 353 -12.00 -45.66 -20.90
CA THR A 353 -11.07 -46.77 -20.81
C THR A 353 -11.77 -48.08 -20.44
N LYS A 354 -13.10 -48.04 -20.41
CA LYS A 354 -13.87 -49.19 -19.98
C LYS A 354 -15.34 -48.91 -20.19
N ASP A 355 -16.15 -49.96 -20.27
CA ASP A 355 -17.59 -49.78 -20.21
C ASP A 355 -17.87 -48.84 -19.04
N THR A 356 -18.57 -47.73 -19.30
CA THR A 356 -18.85 -46.75 -18.26
C THR A 356 -20.33 -46.42 -18.14
N GLN A 357 -20.83 -46.40 -16.90
CA GLN A 357 -22.21 -45.98 -16.64
C GLN A 357 -22.19 -44.48 -16.33
N PHE A 358 -22.92 -43.70 -17.13
CA PHE A 358 -22.84 -42.26 -17.05
C PHE A 358 -24.19 -41.57 -17.31
N ARG A 359 -24.75 -40.97 -16.27
CA ARG A 359 -26.04 -40.32 -16.37
C ARG A 359 -27.08 -41.33 -16.86
N GLY A 360 -27.03 -42.54 -16.33
CA GLY A 360 -27.98 -43.57 -16.66
C GLY A 360 -27.80 -44.22 -18.03
N TYR A 361 -26.62 -44.04 -18.62
CA TYR A 361 -26.30 -44.67 -19.90
C TYR A 361 -25.14 -45.64 -19.72
N VAL A 362 -24.87 -46.40 -20.77
CA VAL A 362 -23.65 -47.17 -20.82
C VAL A 362 -22.83 -46.75 -22.04
N ILE A 363 -21.58 -46.38 -21.78
CA ILE A 363 -20.68 -46.06 -22.83
C ILE A 363 -19.64 -47.13 -22.84
N PRO A 364 -19.55 -47.80 -23.96
CA PRO A 364 -18.65 -48.93 -24.18
C PRO A 364 -17.20 -48.54 -24.27
N LYS A 365 -16.35 -49.40 -23.79
CA LYS A 365 -14.94 -49.10 -23.71
C LYS A 365 -14.53 -48.65 -25.08
N ASN A 366 -13.62 -47.69 -25.10
CA ASN A 366 -13.08 -47.17 -26.33
C ASN A 366 -13.92 -46.35 -27.28
N THR A 367 -15.05 -45.89 -26.80
CA THR A 367 -15.84 -45.03 -27.62
C THR A 367 -15.33 -43.62 -27.48
N GLU A 368 -15.18 -42.94 -28.59
CA GLU A 368 -14.69 -41.59 -28.54
C GLU A 368 -15.69 -40.69 -27.88
N VAL A 369 -15.19 -39.88 -26.98
CA VAL A 369 -15.98 -38.88 -26.28
C VAL A 369 -15.43 -37.50 -26.61
N PHE A 370 -16.31 -36.59 -26.97
CA PHE A 370 -15.93 -35.22 -27.31
C PHE A 370 -16.37 -34.26 -26.21
N PRO A 371 -15.45 -33.83 -25.33
CA PRO A 371 -15.84 -32.86 -24.31
C PRO A 371 -15.81 -31.46 -24.92
N VAL A 372 -16.99 -30.91 -25.20
CA VAL A 372 -17.04 -29.69 -25.98
C VAL A 372 -16.72 -28.51 -25.09
N LEU A 373 -15.43 -28.23 -24.97
CA LEU A 373 -14.92 -27.18 -24.09
C LEU A 373 -15.65 -25.87 -24.32
N SER A 374 -16.01 -25.59 -25.57
CA SER A 374 -16.62 -24.30 -25.87
C SER A 374 -17.95 -24.08 -25.17
N SER A 375 -18.78 -25.12 -25.12
CA SER A 375 -20.10 -24.98 -24.51
C SER A 375 -20.06 -24.72 -23.02
N ALA A 376 -18.87 -24.88 -22.43
CA ALA A 376 -18.62 -24.53 -21.02
C ALA A 376 -18.00 -23.12 -20.94
N LEU A 377 -17.16 -22.80 -21.91
CA LEU A 377 -16.63 -21.45 -21.99
C LEU A 377 -17.75 -20.44 -22.25
N HIS A 378 -18.79 -20.85 -22.97
CA HIS A 378 -19.91 -19.94 -23.22
C HIS A 378 -21.19 -20.34 -22.52
N ASP A 379 -21.06 -21.12 -21.44
CA ASP A 379 -22.20 -21.66 -20.72
C ASP A 379 -22.87 -20.60 -19.84
N PRO A 380 -24.11 -20.23 -20.17
CA PRO A 380 -24.84 -19.15 -19.49
C PRO A 380 -25.09 -19.44 -18.02
N ARG A 381 -25.12 -20.73 -17.66
CA ARG A 381 -25.26 -21.12 -16.26
C ARG A 381 -24.14 -20.51 -15.43
N TYR A 382 -23.02 -20.16 -16.09
CA TYR A 382 -21.81 -19.70 -15.39
C TYR A 382 -21.28 -18.32 -15.82
N PHE A 383 -21.68 -17.84 -16.98
CA PHE A 383 -21.22 -16.53 -17.47
C PHE A 383 -22.37 -15.68 -18.00
N GLU A 384 -22.64 -14.56 -17.37
CA GLU A 384 -23.70 -13.70 -17.82
C GLU A 384 -23.32 -13.27 -19.21
N THR A 385 -24.24 -13.23 -20.13
CA THR A 385 -23.90 -12.66 -21.42
C THR A 385 -22.62 -13.20 -22.04
N PRO A 386 -22.59 -14.49 -22.28
CA PRO A 386 -21.42 -15.24 -22.66
C PRO A 386 -20.71 -14.88 -23.94
N ASN A 387 -21.37 -14.29 -24.92
CA ASN A 387 -20.69 -13.98 -26.15
C ASN A 387 -20.08 -12.62 -26.29
N THR A 388 -20.19 -11.83 -25.25
CA THR A 388 -19.51 -10.53 -25.18
C THR A 388 -18.25 -10.55 -24.31
N PHE A 389 -17.25 -9.80 -24.72
CA PHE A 389 -16.01 -9.70 -23.96
C PHE A 389 -16.13 -8.87 -22.70
N ASN A 390 -15.96 -9.52 -21.54
CA ASN A 390 -15.95 -8.80 -20.27
C ASN A 390 -15.03 -9.38 -19.23
N PRO A 391 -13.88 -8.73 -19.00
CA PRO A 391 -12.98 -9.19 -17.93
C PRO A 391 -13.71 -9.27 -16.58
N GLY A 392 -14.85 -8.59 -16.50
CA GLY A 392 -15.70 -8.66 -15.32
C GLY A 392 -16.04 -10.07 -14.84
N HIS A 393 -16.14 -11.00 -15.78
CA HIS A 393 -16.48 -12.37 -15.45
C HIS A 393 -15.58 -12.95 -14.38
N PHE A 394 -14.37 -12.40 -14.25
CA PHE A 394 -13.37 -12.95 -13.34
C PHE A 394 -12.98 -12.00 -12.23
N LEU A 395 -13.79 -10.97 -12.02
CA LEU A 395 -13.53 -9.99 -10.97
C LEU A 395 -14.68 -9.91 -9.96
N ASP A 396 -14.37 -9.85 -8.67
CA ASP A 396 -15.39 -9.63 -7.66
C ASP A 396 -15.57 -8.15 -7.35
N ALA A 397 -16.36 -7.81 -6.34
CA ALA A 397 -16.66 -6.39 -6.11
C ALA A 397 -15.42 -5.57 -5.82
N ASN A 398 -14.41 -6.23 -5.25
CA ASN A 398 -13.18 -5.56 -4.85
C ASN A 398 -12.08 -5.56 -5.90
N GLY A 399 -12.35 -6.15 -7.04
CA GLY A 399 -11.36 -6.17 -8.08
C GLY A 399 -10.36 -7.27 -7.90
N ALA A 400 -10.67 -8.22 -7.03
CA ALA A 400 -9.85 -9.44 -6.86
C ALA A 400 -10.21 -10.53 -7.89
N LEU A 401 -9.22 -11.31 -8.33
CA LEU A 401 -9.50 -12.36 -9.29
C LEU A 401 -10.54 -13.28 -8.69
N LYS A 402 -11.41 -13.84 -9.52
CA LYS A 402 -12.53 -14.67 -9.03
C LYS A 402 -12.75 -15.96 -9.85
N ARG A 403 -12.26 -17.07 -9.32
CA ARG A 403 -12.39 -18.38 -9.98
C ARG A 403 -13.82 -18.63 -10.46
N ASN A 404 -13.97 -19.19 -11.66
CA ASN A 404 -15.27 -19.52 -12.24
C ASN A 404 -15.29 -20.95 -12.80
N GLU A 405 -16.15 -21.82 -12.25
CA GLU A 405 -16.10 -23.25 -12.58
C GLU A 405 -16.15 -23.50 -14.07
N GLY A 406 -16.81 -22.62 -14.80
CA GLY A 406 -17.03 -22.87 -16.20
C GLY A 406 -15.81 -22.66 -17.04
N PHE A 407 -14.79 -22.04 -16.48
CA PHE A 407 -13.62 -21.69 -17.25
C PHE A 407 -12.63 -22.80 -17.20
N MET A 408 -12.57 -23.58 -18.26
CA MET A 408 -11.67 -24.70 -18.39
C MET A 408 -11.03 -24.72 -19.75
N PRO A 409 -10.23 -23.73 -20.09
CA PRO A 409 -9.66 -23.64 -21.41
C PRO A 409 -8.69 -24.74 -21.78
N PHE A 410 -8.09 -25.36 -20.79
CA PHE A 410 -7.13 -26.41 -20.99
C PHE A 410 -7.78 -27.75 -20.79
N SER A 411 -9.08 -27.77 -20.69
CA SER A 411 -9.84 -28.97 -20.39
C SER A 411 -9.64 -29.25 -18.91
N LEU A 412 -10.07 -30.43 -18.46
CA LEU A 412 -9.92 -30.80 -17.05
C LEU A 412 -9.50 -32.24 -16.94
N GLY A 413 -9.25 -32.68 -15.72
CA GLY A 413 -9.08 -34.10 -15.47
C GLY A 413 -7.69 -34.57 -15.78
N LYS A 414 -7.52 -35.88 -15.91
CA LYS A 414 -6.20 -36.51 -16.01
C LYS A 414 -5.44 -36.19 -17.29
N ARG A 415 -6.16 -35.77 -18.34
CA ARG A 415 -5.53 -35.37 -19.60
C ARG A 415 -5.36 -33.86 -19.75
N ILE A 416 -5.65 -33.13 -18.68
CA ILE A 416 -5.63 -31.68 -18.77
C ILE A 416 -4.29 -31.29 -19.36
N CYS A 417 -4.28 -30.17 -20.09
CA CYS A 417 -3.09 -29.77 -20.85
C CYS A 417 -1.80 -29.90 -20.01
N ALA A 418 -0.83 -30.61 -20.58
CA ALA A 418 0.47 -30.83 -19.94
C ALA A 418 1.31 -29.56 -19.94
N GLY A 419 0.89 -28.58 -20.75
CA GLY A 419 1.61 -27.34 -20.88
C GLY A 419 0.95 -26.12 -20.25
N GLU A 420 -0.09 -26.33 -19.46
CA GLU A 420 -0.88 -25.19 -19.00
C GLU A 420 -0.07 -24.20 -18.18
N GLY A 421 0.91 -24.69 -17.44
CA GLY A 421 1.74 -23.79 -16.65
C GLY A 421 2.62 -22.92 -17.51
N ILE A 422 3.15 -23.51 -18.59
CA ILE A 422 4.01 -22.80 -19.51
C ILE A 422 3.19 -21.81 -20.32
N ALA A 423 2.00 -22.24 -20.73
CA ALA A 423 1.20 -21.43 -21.60
C ALA A 423 0.73 -20.22 -20.81
N ARG A 424 0.30 -20.45 -19.58
CA ARG A 424 -0.18 -19.34 -18.80
C ARG A 424 0.94 -18.32 -18.56
N THR A 425 2.16 -18.81 -18.35
CA THR A 425 3.26 -17.90 -18.09
C THR A 425 3.61 -17.13 -19.33
N GLU A 426 3.54 -17.78 -20.47
CA GLU A 426 3.75 -17.11 -21.74
C GLU A 426 2.74 -15.99 -21.92
N LEU A 427 1.45 -16.32 -21.80
CA LEU A 427 0.41 -15.30 -21.93
C LEU A 427 0.72 -14.06 -21.07
N PHE A 428 0.98 -14.28 -19.78
CA PHE A 428 1.16 -13.17 -18.85
C PHE A 428 2.40 -12.35 -19.14
N LEU A 429 3.53 -13.01 -19.36
CA LEU A 429 4.79 -12.31 -19.62
C LEU A 429 4.85 -11.61 -20.98
N PHE A 430 4.27 -12.22 -22.02
CA PHE A 430 4.21 -11.57 -23.34
C PHE A 430 3.23 -10.39 -23.38
N PHE A 431 2.05 -10.56 -22.78
CA PHE A 431 1.05 -9.50 -22.71
CA PHE A 431 1.05 -9.52 -22.70
C PHE A 431 1.60 -8.31 -21.94
N THR A 432 1.98 -8.51 -20.69
CA THR A 432 2.51 -7.42 -19.90
C THR A 432 3.78 -6.82 -20.48
N THR A 433 4.63 -7.64 -21.10
CA THR A 433 5.93 -7.12 -21.52
C THR A 433 5.81 -6.27 -22.78
N ILE A 434 4.83 -6.60 -23.61
CA ILE A 434 4.57 -5.82 -24.83
C ILE A 434 3.87 -4.52 -24.46
N LEU A 435 2.84 -4.62 -23.62
CA LEU A 435 2.09 -3.44 -23.21
C LEU A 435 2.87 -2.50 -22.29
N GLN A 436 3.86 -3.02 -21.58
CA GLN A 436 4.77 -2.18 -20.79
C GLN A 436 5.55 -1.22 -21.68
N ASN A 437 6.03 -1.76 -22.81
CA ASN A 437 6.92 -1.06 -23.73
C ASN A 437 6.21 -0.49 -24.97
N PHE A 438 4.96 -0.86 -25.19
CA PHE A 438 4.29 -0.43 -26.41
C PHE A 438 2.83 -0.02 -26.25
N SER A 439 2.39 0.90 -27.09
CA SER A 439 0.97 1.13 -27.30
C SER A 439 0.59 0.55 -28.64
N ILE A 440 -0.65 0.07 -28.76
CA ILE A 440 -1.06 -0.50 -30.01
C ILE A 440 -2.09 0.37 -30.72
N ALA A 441 -2.15 0.25 -32.04
CA ALA A 441 -3.18 0.93 -32.82
C ALA A 441 -3.44 0.17 -34.10
N SER A 442 -4.61 0.39 -34.67
CA SER A 442 -5.03 -0.22 -35.91
C SER A 442 -5.62 0.89 -36.70
N PRO A 443 -5.55 0.79 -38.03
CA PRO A 443 -6.27 1.69 -38.94
C PRO A 443 -7.78 1.59 -38.71
N VAL A 444 -8.27 0.35 -38.66
CA VAL A 444 -9.66 0.07 -38.36
C VAL A 444 -10.09 0.63 -37.01
N PRO A 445 -11.21 1.37 -36.98
CA PRO A 445 -11.80 1.77 -35.71
C PRO A 445 -12.40 0.58 -34.94
N PRO A 446 -12.33 0.61 -33.60
CA PRO A 446 -12.79 -0.48 -32.74
C PRO A 446 -14.12 -1.07 -33.15
N GLU A 447 -15.13 -0.25 -33.34
CA GLU A 447 -16.47 -0.77 -33.56
C GLU A 447 -16.53 -1.65 -34.79
N ASP A 448 -15.54 -1.49 -35.65
CA ASP A 448 -15.47 -2.18 -36.93
C ASP A 448 -14.80 -3.56 -36.85
N ILE A 449 -14.04 -3.78 -35.79
CA ILE A 449 -13.28 -5.01 -35.63
C ILE A 449 -14.19 -6.21 -35.41
N ASP A 450 -13.96 -7.28 -36.18
CA ASP A 450 -14.82 -8.47 -36.17
C ASP A 450 -14.08 -9.69 -35.70
N LEU A 451 -14.36 -10.14 -34.48
CA LEU A 451 -13.66 -11.26 -33.85
C LEU A 451 -14.03 -12.63 -34.41
N THR A 452 -14.76 -12.65 -35.52
CA THR A 452 -15.19 -13.92 -36.09
C THR A 452 -14.05 -14.72 -36.71
N PRO A 453 -13.78 -15.92 -36.14
CA PRO A 453 -12.67 -16.76 -36.55
C PRO A 453 -12.65 -16.97 -38.06
N ARG A 454 -11.48 -16.79 -38.68
CA ARG A 454 -11.29 -17.10 -40.10
C ARG A 454 -11.53 -18.59 -40.41
N GLU A 455 -11.15 -19.45 -39.46
CA GLU A 455 -11.38 -20.89 -39.59
C GLU A 455 -11.78 -21.46 -38.25
N SER A 456 -12.85 -22.25 -38.23
CA SER A 456 -13.22 -22.91 -36.99
C SER A 456 -13.26 -24.44 -37.15
N GLY A 457 -12.58 -25.14 -36.25
CA GLY A 457 -12.44 -26.57 -36.35
C GLY A 457 -11.86 -27.10 -35.07
N VAL A 458 -10.89 -28.00 -35.15
CA VAL A 458 -10.32 -28.53 -33.92
C VAL A 458 -9.65 -27.38 -33.17
N GLY A 459 -9.26 -26.36 -33.93
CA GLY A 459 -8.77 -25.14 -33.35
C GLY A 459 -9.57 -23.99 -33.94
N ASN A 460 -9.49 -22.84 -33.29
CA ASN A 460 -10.02 -21.59 -33.81
C ASN A 460 -8.89 -20.75 -34.35
N VAL A 461 -8.99 -20.32 -35.60
CA VAL A 461 -8.00 -19.41 -36.17
C VAL A 461 -8.58 -18.01 -36.36
N PRO A 462 -8.11 -17.04 -35.58
CA PRO A 462 -8.60 -15.67 -35.69
C PRO A 462 -8.16 -15.06 -37.00
N PRO A 463 -8.89 -14.03 -37.47
CA PRO A 463 -8.66 -13.41 -38.77
C PRO A 463 -7.34 -12.66 -38.74
N SER A 464 -6.71 -12.43 -39.88
CA SER A 464 -5.48 -11.66 -39.84
C SER A 464 -5.85 -10.20 -39.67
N TYR A 465 -4.90 -9.39 -39.23
CA TYR A 465 -5.18 -7.98 -39.00
C TYR A 465 -3.91 -7.14 -38.96
N GLN A 466 -4.07 -5.87 -39.29
CA GLN A 466 -2.96 -4.92 -39.24
C GLN A 466 -2.92 -4.27 -37.85
N ILE A 467 -1.73 -4.15 -37.30
CA ILE A 467 -1.52 -3.53 -36.00
C ILE A 467 -0.16 -2.84 -35.97
N ARG A 468 -0.07 -1.73 -35.25
CA ARG A 468 1.21 -1.09 -35.06
C ARG A 468 1.57 -1.09 -33.57
N PHE A 469 2.86 -1.18 -33.25
CA PHE A 469 3.33 -1.15 -31.88
C PHE A 469 4.16 0.10 -31.68
N LEU A 470 3.60 1.07 -30.96
CA LEU A 470 4.24 2.36 -30.76
C LEU A 470 5.04 2.40 -29.47
N ALA A 471 6.35 2.52 -29.61
CA ALA A 471 7.24 2.59 -28.46
C ALA A 471 6.80 3.65 -27.44
N ARG A 472 6.71 3.25 -26.17
CA ARG A 472 6.28 4.17 -25.10
C ARG A 472 7.37 5.09 -24.49
N HIS A 473 6.96 6.31 -24.13
CA HIS A 473 7.86 7.33 -23.57
C HIS A 473 8.24 7.07 -22.10
N GLY B 9 38.11 39.54 39.73
CA GLY B 9 36.70 39.23 39.54
C GLY B 9 36.30 39.08 38.07
N LYS B 10 35.27 39.83 37.68
CA LYS B 10 34.76 39.85 36.30
C LYS B 10 33.59 38.87 36.07
N LEU B 11 32.44 39.42 35.76
CA LEU B 11 31.29 38.65 35.38
C LEU B 11 31.52 38.26 33.97
N PRO B 12 30.64 37.42 33.47
CA PRO B 12 30.73 37.00 32.09
C PRO B 12 30.30 38.17 31.28
N PRO B 13 30.64 38.11 30.02
CA PRO B 13 30.53 39.19 29.07
C PRO B 13 29.13 39.48 28.78
N GLY B 14 28.88 40.58 28.11
CA GLY B 14 27.54 40.88 27.69
C GLY B 14 27.40 42.31 27.35
N PRO B 15 26.28 42.67 26.77
CA PRO B 15 26.01 44.07 26.46
C PRO B 15 25.94 44.94 27.70
N SER B 16 26.58 46.11 27.61
CA SER B 16 26.61 47.12 28.65
C SER B 16 25.21 47.66 28.95
N PRO B 17 24.79 47.58 30.21
CA PRO B 17 23.45 47.93 30.68
C PRO B 17 23.17 49.43 30.80
N LEU B 18 21.91 49.77 30.94
CA LEU B 18 21.49 51.12 31.21
C LEU B 18 20.74 51.05 32.51
N PRO B 19 20.98 51.96 33.40
CA PRO B 19 20.38 51.85 34.71
C PRO B 19 18.89 51.84 34.58
N VAL B 20 18.24 51.01 35.36
CA VAL B 20 16.82 50.86 35.31
C VAL B 20 16.37 50.10 34.09
N LEU B 21 16.72 50.58 32.91
CA LEU B 21 16.44 49.90 31.67
C LEU B 21 17.21 48.60 31.48
N GLY B 22 18.40 48.54 32.03
CA GLY B 22 19.24 47.38 31.85
C GLY B 22 19.63 47.17 30.41
N ASN B 23 19.40 45.97 29.87
CA ASN B 23 19.75 45.65 28.49
C ASN B 23 18.53 45.66 27.63
N LEU B 24 17.48 46.21 28.16
CA LEU B 24 16.22 46.17 27.50
C LEU B 24 16.45 46.59 26.09
N LEU B 25 17.40 47.45 25.86
CA LEU B 25 17.67 47.82 24.49
C LEU B 25 18.17 46.64 23.68
N GLN B 26 18.75 45.63 24.34
CA GLN B 26 19.30 44.47 23.64
C GLN B 26 18.41 43.23 23.60
N MET B 27 17.20 43.37 24.08
CA MET B 27 16.22 42.33 24.13
C MET B 27 15.59 42.13 22.79
N ASP B 28 14.80 41.08 22.64
CA ASP B 28 14.11 40.75 21.40
C ASP B 28 12.60 40.66 21.67
N ARG B 29 11.79 41.34 20.86
CA ARG B 29 10.35 41.45 21.11
C ARG B 29 9.68 40.10 21.19
N LYS B 30 10.21 39.11 20.46
CA LYS B 30 9.66 37.75 20.51
C LYS B 30 9.49 37.30 21.97
N GLY B 31 10.54 37.45 22.77
CA GLY B 31 10.46 37.18 24.20
C GLY B 31 11.80 36.90 24.86
N LEU B 32 11.75 36.45 26.10
CA LEU B 32 12.97 36.23 26.88
C LEU B 32 13.92 35.27 26.24
N LEU B 33 13.38 34.15 25.75
CA LEU B 33 14.22 33.11 25.17
C LEU B 33 14.93 33.56 23.90
N ARG B 34 14.22 34.21 22.98
CA ARG B 34 14.87 34.61 21.74
C ARG B 34 15.93 35.65 22.11
N SER B 35 15.57 36.54 23.03
CA SER B 35 16.49 37.54 23.54
C SER B 35 17.76 36.90 24.02
N PHE B 36 17.63 35.83 24.82
CA PHE B 36 18.79 35.08 25.30
C PHE B 36 19.57 34.46 24.15
N LEU B 37 18.85 33.95 23.14
CA LEU B 37 19.47 33.19 22.08
C LEU B 37 20.25 34.07 21.12
N ARG B 38 19.63 35.19 20.72
CA ARG B 38 20.33 36.18 19.90
C ARG B 38 21.62 36.65 20.55
N LEU B 39 21.53 37.13 21.80
CA LEU B 39 22.72 37.48 22.58
C LEU B 39 23.79 36.41 22.53
N ARG B 40 23.40 35.15 22.75
CA ARG B 40 24.36 34.06 22.70
C ARG B 40 25.34 34.27 21.56
N GLU B 41 24.81 34.55 20.38
CA GLU B 41 25.63 34.68 19.17
C GLU B 41 26.82 35.65 19.29
N LYS B 42 26.56 36.83 19.86
CA LYS B 42 27.59 37.85 20.03
C LYS B 42 28.55 37.53 21.19
N TYR B 43 28.06 36.86 22.23
CA TYR B 43 28.83 36.74 23.47
C TYR B 43 29.26 35.33 23.90
N GLY B 44 28.77 34.31 23.22
CA GLY B 44 29.14 32.94 23.57
C GLY B 44 28.19 32.25 24.52
N ASP B 45 28.57 31.05 24.95
CA ASP B 45 27.68 30.16 25.72
C ASP B 45 27.39 30.66 27.13
N VAL B 46 28.21 31.58 27.61
CA VAL B 46 28.02 32.16 28.94
C VAL B 46 28.05 33.68 28.84
N PHE B 47 26.98 34.34 29.24
CA PHE B 47 26.95 35.79 29.21
C PHE B 47 26.13 36.41 30.35
N THR B 48 26.06 37.74 30.37
CA THR B 48 25.45 38.45 31.48
C THR B 48 24.53 39.53 30.95
N VAL B 49 23.28 39.50 31.40
CA VAL B 49 22.27 40.43 30.92
C VAL B 49 21.52 41.03 32.10
N TYR B 50 20.97 42.23 31.91
CA TYR B 50 20.26 42.94 32.97
C TYR B 50 18.77 43.06 32.71
N LEU B 51 17.99 42.39 33.55
CA LEU B 51 16.55 42.38 33.43
C LEU B 51 16.04 43.40 34.43
N GLY B 52 16.06 44.67 34.01
CA GLY B 52 15.81 45.78 34.90
C GLY B 52 17.07 46.07 35.68
N SER B 53 16.96 46.03 37.01
CA SER B 53 18.12 46.13 37.87
C SER B 53 18.95 44.83 37.82
N ARG B 54 18.24 43.70 37.86
CA ARG B 54 18.84 42.39 38.12
C ARG B 54 19.82 41.90 37.06
N PRO B 55 21.07 41.63 37.46
CA PRO B 55 22.01 40.97 36.55
C PRO B 55 21.81 39.46 36.64
N VAL B 56 21.53 38.81 35.51
CA VAL B 56 21.39 37.35 35.47
C VAL B 56 22.43 36.81 34.54
N VAL B 57 23.11 35.75 34.95
CA VAL B 57 24.05 35.08 34.07
C VAL B 57 23.37 33.95 33.32
N VAL B 58 23.52 33.94 31.99
CA VAL B 58 22.88 32.93 31.16
C VAL B 58 23.84 31.84 30.71
N LEU B 59 23.38 30.58 30.71
CA LEU B 59 24.16 29.44 30.23
C LEU B 59 23.51 28.75 29.03
N CYS B 60 24.29 28.42 28.01
CA CYS B 60 23.74 27.80 26.79
C CYS B 60 24.48 26.58 26.26
N GLY B 61 23.72 25.63 25.75
CA GLY B 61 24.30 24.42 25.20
C GLY B 61 24.61 23.41 26.29
N THR B 62 24.69 22.15 25.88
CA THR B 62 24.84 21.08 26.84
C THR B 62 26.01 21.35 27.75
N ASP B 63 27.16 21.63 27.17
CA ASP B 63 28.44 21.60 27.91
C ASP B 63 28.54 22.61 29.06
N ALA B 64 28.16 23.85 28.77
CA ALA B 64 28.11 24.88 29.80
C ALA B 64 27.10 24.54 30.90
N ILE B 65 25.86 24.28 30.52
CA ILE B 65 24.83 23.99 31.49
C ILE B 65 25.30 22.86 32.38
N ARG B 66 26.01 21.92 31.79
CA ARG B 66 26.43 20.74 32.53
C ARG B 66 27.64 21.05 33.42
N GLU B 67 28.54 21.88 32.94
CA GLU B 67 29.68 22.26 33.74
C GLU B 67 29.23 22.94 34.99
N ALA B 68 28.24 23.81 34.92
CA ALA B 68 27.75 24.41 36.14
C ALA B 68 26.93 23.52 37.04
N LEU B 69 25.89 22.91 36.51
CA LEU B 69 24.95 22.13 37.31
C LEU B 69 25.51 20.87 37.88
N VAL B 70 26.37 20.23 37.13
CA VAL B 70 26.92 18.96 37.57
C VAL B 70 28.30 19.05 38.15
N ASP B 71 29.15 19.75 37.45
CA ASP B 71 30.52 19.94 37.85
C ASP B 71 30.66 20.78 39.08
N GLN B 72 29.77 21.74 39.27
CA GLN B 72 29.79 22.51 40.49
C GLN B 72 28.40 22.51 40.97
N ALA B 73 27.95 21.36 41.41
CA ALA B 73 26.57 21.24 41.71
C ALA B 73 26.11 22.04 42.89
N GLU B 74 26.83 21.95 43.99
CA GLU B 74 26.41 22.63 45.19
C GLU B 74 26.46 24.09 44.96
N ALA B 75 27.45 24.50 44.21
CA ALA B 75 27.58 25.92 43.95
C ALA B 75 26.33 26.48 43.29
N PHE B 76 25.86 25.80 42.25
CA PHE B 76 24.69 26.27 41.50
C PHE B 76 23.39 25.69 42.03
N SER B 77 23.34 25.32 43.30
CA SER B 77 22.17 24.64 43.84
C SER B 77 21.07 25.58 44.33
N GLY B 78 21.23 26.87 44.09
CA GLY B 78 20.30 27.86 44.60
C GLY B 78 19.15 28.18 43.68
N ARG B 79 17.98 28.40 44.28
CA ARG B 79 16.78 28.80 43.54
C ARG B 79 16.82 30.31 43.35
N GLY B 80 16.22 30.78 42.26
CA GLY B 80 16.10 32.20 42.00
C GLY B 80 14.63 32.54 42.09
N LYS B 81 14.21 33.62 41.44
CA LYS B 81 12.82 34.03 41.53
C LYS B 81 12.17 34.19 40.16
N ILE B 82 10.86 34.00 40.12
CA ILE B 82 10.06 34.28 38.94
C ILE B 82 9.10 35.39 39.32
N ALA B 83 9.38 36.61 38.83
CA ALA B 83 8.67 37.81 39.25
C ALA B 83 7.14 37.68 39.40
N VAL B 84 6.49 36.99 38.46
CA VAL B 84 5.01 36.95 38.48
C VAL B 84 4.39 36.03 39.51
N VAL B 85 5.17 35.12 40.09
CA VAL B 85 4.62 34.26 41.14
C VAL B 85 5.36 34.39 42.46
N ASP B 86 6.38 35.24 42.51
CA ASP B 86 7.09 35.45 43.77
C ASP B 86 6.16 36.00 44.84
N PRO B 87 5.30 36.97 44.47
CA PRO B 87 4.32 37.44 45.45
C PRO B 87 3.61 36.31 46.18
N ILE B 88 3.47 35.15 45.53
CA ILE B 88 2.75 34.04 46.13
C ILE B 88 3.65 33.11 46.95
N PHE B 89 4.80 32.76 46.40
CA PHE B 89 5.66 31.80 47.08
C PHE B 89 6.59 32.42 48.10
N GLN B 90 7.29 33.48 47.70
CA GLN B 90 8.24 34.18 48.56
C GLN B 90 9.21 33.21 49.25
N GLY B 91 9.85 32.34 48.48
CA GLY B 91 10.84 31.42 49.01
C GLY B 91 10.31 30.41 49.99
N TYR B 92 9.01 30.12 49.94
CA TYR B 92 8.42 29.02 50.69
C TYR B 92 7.99 27.88 49.77
N GLY B 93 7.96 26.66 50.29
CA GLY B 93 7.60 25.51 49.49
C GLY B 93 8.79 24.99 48.71
N VAL B 94 8.72 23.72 48.32
CA VAL B 94 9.87 23.03 47.75
C VAL B 94 10.48 23.67 46.49
N ILE B 95 9.65 24.13 45.56
CA ILE B 95 10.22 24.72 44.35
C ILE B 95 11.11 25.91 44.69
N PHE B 96 10.55 26.92 45.35
CA PHE B 96 11.25 28.16 45.57
C PHE B 96 11.99 28.37 46.86
N ALA B 97 12.03 27.35 47.69
CA ALA B 97 12.74 27.37 48.93
C ALA B 97 14.21 27.40 48.64
N ASN B 98 15.02 27.72 49.62
CA ASN B 98 16.46 27.83 49.50
C ASN B 98 17.19 27.42 50.76
N GLY B 99 18.45 27.10 50.64
CA GLY B 99 19.26 26.73 51.78
C GLY B 99 18.65 25.59 52.59
N GLU B 100 18.65 25.71 53.90
CA GLU B 100 18.22 24.61 54.75
C GLU B 100 16.71 24.33 54.60
N ARG B 101 15.92 25.36 54.39
CA ARG B 101 14.50 25.14 54.16
C ARG B 101 14.31 24.19 52.97
N TRP B 102 14.99 24.50 51.88
CA TRP B 102 14.92 23.70 50.67
C TRP B 102 15.37 22.25 50.92
N ARG B 103 16.56 22.07 51.47
CA ARG B 103 17.07 20.73 51.72
C ARG B 103 16.09 19.93 52.56
N ALA B 104 15.49 20.58 53.55
CA ALA B 104 14.53 19.91 54.43
C ALA B 104 13.29 19.49 53.67
N LEU B 105 12.80 20.39 52.81
CA LEU B 105 11.55 20.18 52.12
C LEU B 105 11.69 19.16 51.00
N ARG B 106 12.84 19.17 50.34
CA ARG B 106 13.05 18.23 49.25
C ARG B 106 13.28 16.83 49.81
N ARG B 107 14.11 16.71 50.83
CA ARG B 107 14.33 15.40 51.42
C ARG B 107 12.97 14.77 51.78
N PHE B 108 12.07 15.55 52.38
CA PHE B 108 10.76 15.05 52.80
C PHE B 108 9.86 14.75 51.62
N SER B 109 9.78 15.70 50.69
CA SER B 109 8.93 15.59 49.52
C SER B 109 9.23 14.33 48.70
N LEU B 110 10.51 14.07 48.51
CA LEU B 110 10.94 12.91 47.73
C LEU B 110 10.52 11.59 48.37
N ALA B 111 10.74 11.44 49.66
CA ALA B 111 10.33 10.24 50.32
C ALA B 111 8.85 10.12 50.38
N THR B 112 8.19 11.22 50.63
CA THR B 112 6.76 11.16 50.77
C THR B 112 6.02 10.86 49.53
N MET B 113 6.42 11.43 48.43
CA MET B 113 5.68 11.16 47.23
C MET B 113 5.78 9.73 46.84
N ARG B 114 6.90 9.11 47.17
CA ARG B 114 7.14 7.70 46.85
C ARG B 114 6.29 6.60 47.52
N ASP B 115 6.04 6.71 48.82
CA ASP B 115 5.26 5.69 49.53
C ASP B 115 3.82 5.91 50.02
N PHE B 116 3.18 7.02 49.69
CA PHE B 116 1.81 7.23 50.17
C PHE B 116 0.84 7.76 49.12
N GLY B 117 -0.44 7.42 49.26
CA GLY B 117 -1.41 7.90 48.30
C GLY B 117 -2.73 7.22 48.60
N MET B 118 -3.82 7.62 47.96
CA MET B 118 -5.12 7.06 48.31
C MET B 118 -5.27 5.54 48.04
N GLY B 119 -5.39 4.73 49.09
CA GLY B 119 -5.31 3.29 49.01
C GLY B 119 -4.01 2.54 49.31
N LYS B 120 -2.99 3.25 49.78
CA LYS B 120 -1.68 2.66 50.02
C LYS B 120 -1.21 1.95 48.75
N ARG B 121 -1.77 2.39 47.62
CA ARG B 121 -1.38 1.89 46.31
C ARG B 121 -0.14 2.65 45.84
N SER B 122 0.62 2.07 44.93
CA SER B 122 1.84 2.72 44.43
C SER B 122 1.51 3.91 43.55
N VAL B 123 2.51 4.72 43.26
CA VAL B 123 2.27 5.80 42.31
C VAL B 123 1.94 5.21 40.95
N GLU B 124 2.57 4.13 40.60
CA GLU B 124 2.28 3.52 39.35
C GLU B 124 0.90 3.04 39.25
N GLU B 125 0.36 2.50 40.33
CA GLU B 125 -1.00 2.02 40.37
C GLU B 125 -2.03 3.10 40.23
N ARG B 126 -1.74 4.25 40.84
CA ARG B 126 -2.65 5.40 40.79
C ARG B 126 -2.75 5.87 39.35
N ILE B 127 -1.60 5.89 38.68
CA ILE B 127 -1.54 6.29 37.30
C ILE B 127 -2.19 5.28 36.39
N GLN B 128 -1.99 4.01 36.65
CA GLN B 128 -2.59 2.94 35.90
C GLN B 128 -4.07 3.01 36.01
N GLU B 129 -4.56 3.50 37.11
CA GLU B 129 -5.98 3.59 37.38
C GLU B 129 -6.55 4.82 36.72
N GLU B 130 -5.87 5.94 36.88
CA GLU B 130 -6.31 7.16 36.25
C GLU B 130 -6.43 6.89 34.75
N ALA B 131 -5.47 6.13 34.23
CA ALA B 131 -5.47 5.77 32.83
C ALA B 131 -6.74 5.01 32.47
N ARG B 132 -7.11 4.03 33.30
CA ARG B 132 -8.34 3.28 33.12
C ARG B 132 -9.57 4.20 33.06
N CYS B 133 -9.70 5.10 34.03
CA CYS B 133 -10.77 6.10 34.01
C CYS B 133 -10.81 6.92 32.72
N LEU B 134 -9.63 7.25 32.20
CA LEU B 134 -9.49 8.05 31.00
C LEU B 134 -10.01 7.32 29.77
N VAL B 135 -9.55 6.10 29.59
CA VAL B 135 -10.04 5.25 28.50
C VAL B 135 -11.59 5.21 28.51
N GLU B 136 -12.14 5.03 29.70
CA GLU B 136 -13.58 5.00 29.87
C GLU B 136 -14.29 6.32 29.50
N GLU B 137 -13.76 7.44 29.96
CA GLU B 137 -14.37 8.74 29.62
C GLU B 137 -14.24 9.04 28.15
N LEU B 138 -13.15 8.60 27.51
CA LEU B 138 -12.97 8.79 26.07
C LEU B 138 -13.95 7.93 25.28
N ARG B 139 -14.16 6.69 25.71
CA ARG B 139 -15.15 5.84 25.04
C ARG B 139 -16.50 6.56 24.96
N LYS B 140 -16.84 7.29 26.02
CA LYS B 140 -18.11 7.99 26.05
C LYS B 140 -18.25 9.00 24.91
N SER B 141 -17.16 9.58 24.46
CA SER B 141 -17.25 10.58 23.40
C SER B 141 -17.59 9.92 22.08
N LYS B 142 -17.49 8.59 22.01
CA LYS B 142 -17.87 7.87 20.80
C LYS B 142 -17.12 8.32 19.54
N GLY B 143 -15.91 8.83 19.70
CA GLY B 143 -15.08 9.13 18.55
C GLY B 143 -15.28 10.51 17.96
N ALA B 144 -16.18 11.29 18.56
CA ALA B 144 -16.39 12.67 18.15
C ALA B 144 -15.11 13.46 18.33
N LEU B 145 -14.99 14.55 17.60
CA LEU B 145 -13.91 15.49 17.83
C LEU B 145 -14.07 16.16 19.19
N LEU B 146 -12.95 16.38 19.86
CA LEU B 146 -12.96 17.17 21.08
C LEU B 146 -11.67 17.96 21.17
N ASP B 147 -11.58 18.85 22.15
CA ASP B 147 -10.30 19.42 22.50
C ASP B 147 -9.80 18.67 23.73
N ASN B 148 -8.64 18.00 23.62
CA ASN B 148 -8.19 17.14 24.71
C ASN B 148 -7.54 17.88 25.87
N THR B 149 -7.52 19.20 25.79
CA THR B 149 -6.83 20.02 26.79
C THR B 149 -7.37 19.82 28.20
N LEU B 150 -8.68 19.97 28.35
CA LEU B 150 -9.28 19.81 29.66
C LEU B 150 -8.95 18.43 30.23
N LEU B 151 -9.36 17.38 29.53
CA LEU B 151 -9.10 16.02 30.00
C LEU B 151 -7.62 15.76 30.28
N PHE B 152 -6.74 16.32 29.46
CA PHE B 152 -5.32 16.05 29.62
C PHE B 152 -4.76 16.72 30.87
N HIS B 153 -5.33 17.85 31.27
CA HIS B 153 -5.03 18.45 32.58
C HIS B 153 -5.67 17.70 33.75
N SER B 154 -6.82 17.08 33.50
CA SER B 154 -7.55 16.39 34.54
C SER B 154 -6.79 15.18 35.03
N ILE B 155 -6.14 14.49 34.11
CA ILE B 155 -5.58 13.21 34.50
C ILE B 155 -4.26 13.41 35.23
N THR B 156 -3.53 14.46 34.86
CA THR B 156 -2.29 14.77 35.58
C THR B 156 -2.63 15.32 36.96
N SER B 157 -3.71 16.09 37.05
CA SER B 157 -4.18 16.64 38.31
C SER B 157 -4.59 15.55 39.31
N ASN B 158 -5.45 14.64 38.87
CA ASN B 158 -5.82 13.51 39.71
C ASN B 158 -4.64 12.74 40.30
N ILE B 159 -3.55 12.63 39.55
CA ILE B 159 -2.40 11.89 40.04
C ILE B 159 -1.84 12.59 41.25
N ILE B 160 -1.78 13.92 41.18
CA ILE B 160 -1.28 14.71 42.30
C ILE B 160 -2.30 14.74 43.45
N CYS B 161 -3.57 14.95 43.11
CA CYS B 161 -4.68 14.93 44.07
C CYS B 161 -4.79 13.61 44.82
N SER B 162 -4.47 12.51 44.14
CA SER B 162 -4.48 11.20 44.77
C SER B 162 -3.34 11.13 45.76
N ILE B 163 -2.21 11.71 45.34
CA ILE B 163 -1.03 11.72 46.17
C ILE B 163 -1.19 12.66 47.35
N VAL B 164 -1.67 13.88 47.10
CA VAL B 164 -1.65 14.93 48.11
C VAL B 164 -2.93 15.02 48.95
N PHE B 165 -4.09 15.03 48.29
CA PHE B 165 -5.35 15.11 48.99
C PHE B 165 -5.95 13.76 49.25
N GLY B 166 -5.25 12.71 48.85
CA GLY B 166 -5.71 11.36 49.13
C GLY B 166 -6.87 10.87 48.29
N LYS B 167 -7.55 11.74 47.56
CA LYS B 167 -8.65 11.31 46.69
C LYS B 167 -8.44 11.71 45.22
N ARG B 168 -9.30 11.24 44.33
CA ARG B 168 -9.33 11.74 42.95
C ARG B 168 -10.72 12.26 42.63
N PHE B 169 -10.80 13.32 41.85
CA PHE B 169 -12.08 13.87 41.45
C PHE B 169 -12.59 13.22 40.19
N ASP B 170 -13.90 13.24 40.00
CA ASP B 170 -14.50 12.75 38.78
C ASP B 170 -14.49 13.85 37.74
N TYR B 171 -14.09 13.51 36.52
CA TYR B 171 -13.83 14.52 35.50
C TYR B 171 -14.87 15.65 35.41
N LYS B 172 -16.14 15.33 35.66
CA LYS B 172 -17.23 16.27 35.54
C LYS B 172 -17.66 16.90 36.90
N ASP B 173 -17.07 16.41 37.99
CA ASP B 173 -17.20 17.03 39.32
C ASP B 173 -16.94 18.53 39.26
N PRO B 174 -17.93 19.34 39.62
CA PRO B 174 -17.81 20.79 39.45
C PRO B 174 -16.79 21.44 40.39
N VAL B 175 -16.46 20.79 41.51
CA VAL B 175 -15.42 21.30 42.38
C VAL B 175 -14.10 21.27 41.62
N PHE B 176 -13.79 20.07 41.15
CA PHE B 176 -12.57 19.80 40.40
C PHE B 176 -12.46 20.70 39.18
N LEU B 177 -13.53 20.78 38.40
CA LEU B 177 -13.55 21.61 37.21
C LEU B 177 -13.20 23.05 37.53
N ARG B 178 -13.85 23.60 38.56
CA ARG B 178 -13.67 24.99 38.96
C ARG B 178 -12.22 25.25 39.36
N LEU B 179 -11.61 24.25 40.01
CA LEU B 179 -10.19 24.30 40.35
C LEU B 179 -9.34 24.41 39.07
N LEU B 180 -9.40 23.37 38.22
CA LEU B 180 -8.70 23.36 36.94
C LEU B 180 -8.80 24.70 36.26
N ASP B 181 -10.01 25.27 36.29
CA ASP B 181 -10.30 26.55 35.67
C ASP B 181 -9.24 27.59 36.08
N LEU B 182 -9.17 27.83 37.40
CA LEU B 182 -8.17 28.70 37.98
C LEU B 182 -6.79 28.36 37.43
N PHE B 183 -6.40 27.11 37.65
CA PHE B 183 -5.14 26.56 37.16
C PHE B 183 -4.79 26.93 35.73
N PHE B 184 -5.71 26.67 34.81
CA PHE B 184 -5.40 26.71 33.38
C PHE B 184 -5.02 28.12 32.94
N GLN B 185 -5.80 29.12 33.38
CA GLN B 185 -5.52 30.52 33.10
C GLN B 185 -4.15 31.02 33.62
N SER B 186 -3.87 30.76 34.89
CA SER B 186 -2.57 31.07 35.49
C SER B 186 -1.43 30.70 34.54
N PHE B 187 -1.34 29.40 34.25
CA PHE B 187 -0.25 28.82 33.48
C PHE B 187 -0.03 29.49 32.13
N SER B 188 -1.11 29.78 31.42
CA SER B 188 -1.04 30.45 30.14
C SER B 188 -0.56 31.91 30.30
N LEU B 189 -0.88 32.49 31.45
CA LEU B 189 -0.50 33.86 31.74
C LEU B 189 0.95 33.94 32.18
N ILE B 190 1.39 32.94 32.93
CA ILE B 190 2.77 32.90 33.40
C ILE B 190 3.77 32.92 32.25
N SER B 191 3.30 32.56 31.06
CA SER B 191 4.17 32.54 29.90
C SER B 191 3.78 33.60 28.89
N SER B 192 2.75 34.37 29.22
CA SER B 192 2.28 35.44 28.34
C SER B 192 3.38 36.49 28.14
N PHE B 193 3.21 37.32 27.14
CA PHE B 193 4.22 38.33 26.85
C PHE B 193 4.41 39.27 28.03
N SER B 194 3.31 39.79 28.56
CA SER B 194 3.36 40.69 29.70
C SER B 194 4.19 40.11 30.84
N SER B 195 3.93 38.85 31.18
CA SER B 195 4.68 38.16 32.25
C SER B 195 6.18 38.12 31.99
N GLN B 196 6.58 38.22 30.72
CA GLN B 196 7.99 38.31 30.41
C GLN B 196 8.51 39.74 30.58
N VAL B 197 7.66 40.72 30.30
CA VAL B 197 7.99 42.13 30.54
C VAL B 197 8.03 42.41 32.04
N PHE B 198 6.98 41.96 32.72
CA PHE B 198 6.94 42.00 34.16
C PHE B 198 8.24 41.49 34.76
N GLU B 199 8.93 40.60 34.06
CA GLU B 199 10.18 40.08 34.59
C GLU B 199 11.20 41.20 34.76
N LEU B 200 11.25 42.09 33.77
CA LEU B 200 12.25 43.14 33.75
C LEU B 200 11.90 44.36 34.62
N PHE B 201 10.60 44.62 34.78
CA PHE B 201 10.16 45.84 35.43
C PHE B 201 9.18 45.72 36.59
N SER B 202 9.13 44.53 37.20
CA SER B 202 8.26 44.29 38.37
C SER B 202 8.33 45.33 39.47
N GLY B 203 9.48 45.97 39.61
CA GLY B 203 9.61 47.10 40.53
C GLY B 203 8.65 48.21 40.13
N PHE B 204 8.68 48.54 38.84
CA PHE B 204 7.78 49.52 38.27
C PHE B 204 6.36 48.95 38.20
N LEU B 205 6.20 47.88 37.44
CA LEU B 205 4.89 47.42 37.01
C LEU B 205 4.03 46.78 38.08
N LYS B 206 4.63 46.43 39.21
CA LYS B 206 3.86 45.83 40.32
C LYS B 206 2.69 46.73 40.69
N TYR B 207 2.72 47.95 40.19
CA TYR B 207 1.71 48.92 40.56
C TYR B 207 0.53 49.05 39.64
N PHE B 208 0.78 49.13 38.37
CA PHE B 208 -0.29 49.27 37.44
C PHE B 208 -0.95 47.93 37.30
N PRO B 209 -2.12 47.89 36.71
CA PRO B 209 -2.86 46.66 36.56
C PRO B 209 -2.23 45.78 35.52
N GLY B 210 -2.64 44.53 35.46
CA GLY B 210 -2.04 43.64 34.52
C GLY B 210 -2.49 42.23 34.71
N THR B 211 -1.86 41.34 33.99
CA THR B 211 -2.13 39.94 34.10
C THR B 211 -1.75 39.42 35.46
N HIS B 212 -0.66 39.92 36.00
CA HIS B 212 -0.12 39.41 37.27
C HIS B 212 -1.09 39.54 38.45
N ARG B 213 -2.13 40.36 38.32
CA ARG B 213 -3.13 40.47 39.36
C ARG B 213 -4.13 39.33 39.30
N GLN B 214 -4.52 38.93 38.09
CA GLN B 214 -5.35 37.76 37.93
C GLN B 214 -4.54 36.50 38.24
N ILE B 215 -3.25 36.51 37.88
CA ILE B 215 -2.39 35.39 38.25
C ILE B 215 -2.41 35.32 39.77
N TYR B 216 -2.10 36.45 40.39
CA TYR B 216 -2.01 36.52 41.84
C TYR B 216 -3.32 36.09 42.49
N ARG B 217 -4.45 36.64 42.01
CA ARG B 217 -5.71 36.33 42.67
C ARG B 217 -6.01 34.85 42.54
N ASN B 218 -5.70 34.30 41.37
CA ASN B 218 -6.07 32.92 41.06
C ASN B 218 -5.24 31.90 41.80
N LEU B 219 -3.94 32.17 41.89
CA LEU B 219 -3.07 31.33 42.69
C LEU B 219 -3.52 31.37 44.12
N GLN B 220 -4.07 32.50 44.55
CA GLN B 220 -4.60 32.57 45.90
C GLN B 220 -5.86 31.71 46.07
N GLU B 221 -6.79 31.77 45.12
CA GLU B 221 -8.02 30.97 45.23
C GLU B 221 -7.71 29.49 45.37
N ILE B 222 -6.63 29.04 44.72
CA ILE B 222 -6.17 27.66 44.86
C ILE B 222 -5.64 27.42 46.25
N ASN B 223 -4.76 28.31 46.69
CA ASN B 223 -4.24 28.26 48.05
C ASN B 223 -5.37 28.20 49.08
N THR B 224 -6.45 28.90 48.81
CA THR B 224 -7.63 28.88 49.66
C THR B 224 -8.22 27.48 49.73
N PHE B 225 -8.36 26.80 48.59
CA PHE B 225 -8.84 25.40 48.55
C PHE B 225 -7.88 24.43 49.26
N ILE B 226 -6.59 24.69 49.14
CA ILE B 226 -5.59 23.87 49.81
C ILE B 226 -5.71 24.04 51.31
N GLY B 227 -5.88 25.29 51.75
CA GLY B 227 -6.15 25.58 53.14
C GLY B 227 -7.30 24.73 53.65
N GLN B 228 -8.44 24.84 53.00
CA GLN B 228 -9.62 24.06 53.37
C GLN B 228 -9.30 22.59 53.59
N SER B 229 -8.61 21.97 52.62
CA SER B 229 -8.33 20.54 52.68
C SER B 229 -7.36 20.18 53.80
N VAL B 230 -6.44 21.09 54.11
CA VAL B 230 -5.55 20.88 55.25
C VAL B 230 -6.33 20.78 56.59
N GLU B 231 -7.28 21.69 56.77
CA GLU B 231 -8.13 21.72 57.97
C GLU B 231 -9.00 20.47 58.13
N LYS B 232 -9.57 20.03 57.01
CA LYS B 232 -10.37 18.79 56.99
C LYS B 232 -9.47 17.63 57.39
N HIS B 233 -8.21 17.67 56.95
CA HIS B 233 -7.28 16.60 57.20
C HIS B 233 -6.91 16.59 58.66
N ARG B 234 -6.56 17.78 59.15
CA ARG B 234 -6.10 18.02 60.52
C ARG B 234 -7.04 17.52 61.61
N ALA B 235 -8.33 17.57 61.32
CA ALA B 235 -9.37 17.20 62.28
C ALA B 235 -9.63 15.70 62.23
N THR B 236 -9.73 15.18 61.01
CA THR B 236 -10.01 13.77 60.79
C THR B 236 -8.77 12.91 60.95
N LEU B 237 -7.63 13.56 61.19
CA LEU B 237 -6.33 12.89 61.17
C LEU B 237 -6.24 11.63 62.05
N ASP B 238 -5.44 10.67 61.64
CA ASP B 238 -5.22 9.50 62.45
C ASP B 238 -3.78 9.09 62.38
N PRO B 239 -3.08 9.14 63.49
CA PRO B 239 -1.67 8.84 63.54
C PRO B 239 -1.38 7.42 63.19
N SER B 240 -2.31 6.55 63.49
CA SER B 240 -2.12 5.17 63.13
C SER B 240 -2.04 4.98 61.63
N ASN B 241 -2.87 5.66 60.84
CA ASN B 241 -2.71 5.59 59.40
C ASN B 241 -2.76 6.87 58.63
N PRO B 242 -1.62 7.26 58.11
CA PRO B 242 -1.49 8.47 57.33
C PRO B 242 -2.18 8.22 56.05
N ARG B 243 -2.86 9.19 55.51
CA ARG B 243 -3.59 8.97 54.29
C ARG B 243 -2.77 9.46 53.13
N ASP B 244 -2.17 10.62 53.24
CA ASP B 244 -1.52 11.17 52.09
C ASP B 244 -0.47 12.18 52.45
N PHE B 245 0.07 12.86 51.47
CA PHE B 245 1.14 13.78 51.70
C PHE B 245 0.79 14.68 52.83
N ILE B 246 -0.45 15.12 52.88
CA ILE B 246 -0.81 16.10 53.91
C ILE B 246 -0.70 15.56 55.34
N ASP B 247 -1.26 14.39 55.60
CA ASP B 247 -1.13 13.75 56.91
C ASP B 247 0.33 13.56 57.28
N VAL B 248 1.06 12.88 56.41
CA VAL B 248 2.49 12.65 56.58
C VAL B 248 3.24 13.91 57.02
N TYR B 249 2.83 15.05 56.50
CA TYR B 249 3.42 16.35 56.85
C TYR B 249 2.94 16.78 58.24
N LEU B 250 1.65 16.63 58.49
CA LEU B 250 1.09 16.97 59.80
C LEU B 250 1.70 16.10 60.91
N LEU B 251 1.97 14.83 60.60
CA LEU B 251 2.57 13.94 61.58
C LEU B 251 4.00 14.33 61.82
N ARG B 252 4.62 14.88 60.80
CA ARG B 252 5.98 15.34 60.94
C ARG B 252 5.93 16.59 61.79
N MET B 253 4.89 17.39 61.59
CA MET B 253 4.67 18.59 62.38
C MET B 253 4.63 18.28 63.88
N GLU B 254 3.93 17.20 64.26
CA GLU B 254 3.87 16.77 65.65
C GLU B 254 5.24 16.34 66.15
N LYS B 255 5.89 15.46 65.39
CA LYS B 255 7.25 15.06 65.69
C LYS B 255 8.09 16.28 66.02
N ASP B 256 7.94 17.35 65.25
CA ASP B 256 8.82 18.51 65.37
C ASP B 256 8.29 19.63 66.27
N LYS B 257 7.24 19.32 67.03
CA LYS B 257 6.58 20.28 67.92
C LYS B 257 7.54 21.12 68.75
N SER B 258 8.65 20.50 69.16
CA SER B 258 9.56 21.15 70.10
C SER B 258 10.88 21.49 69.44
N ASP B 259 10.92 21.36 68.12
CA ASP B 259 12.08 21.80 67.34
C ASP B 259 11.75 23.13 66.69
N PRO B 260 12.42 24.19 67.15
CA PRO B 260 12.20 25.55 66.65
C PRO B 260 12.97 25.83 65.35
N SER B 261 13.80 24.88 64.94
CA SER B 261 14.49 25.01 63.67
C SER B 261 13.72 24.29 62.56
N SER B 262 12.83 23.38 62.95
CA SER B 262 12.00 22.65 61.99
C SER B 262 11.38 23.59 60.97
N GLU B 263 11.37 23.19 59.71
CA GLU B 263 10.81 24.02 58.64
C GLU B 263 9.38 23.61 58.27
N PHE B 264 8.83 22.65 59.01
CA PHE B 264 7.55 22.08 58.69
C PHE B 264 6.35 22.73 59.39
N HIS B 265 5.95 23.88 58.88
CA HIS B 265 4.83 24.67 59.35
C HIS B 265 3.94 25.08 58.22
N HIS B 266 2.89 25.82 58.50
CA HIS B 266 1.81 26.06 57.57
C HIS B 266 2.17 26.68 56.24
N GLN B 267 3.06 27.65 56.18
CA GLN B 267 3.36 28.20 54.89
C GLN B 267 3.99 27.16 54.01
N ASN B 268 4.93 26.43 54.55
CA ASN B 268 5.60 25.46 53.75
C ASN B 268 4.65 24.41 53.32
N LEU B 269 3.77 23.99 54.19
CA LEU B 269 2.75 23.04 53.77
C LEU B 269 1.93 23.55 52.57
N ILE B 270 1.29 24.70 52.74
CA ILE B 270 0.42 25.27 51.73
C ILE B 270 1.12 25.54 50.40
N LEU B 271 2.29 26.17 50.46
CA LEU B 271 2.99 26.56 49.25
C LEU B 271 3.73 25.38 48.62
N THR B 272 3.90 24.31 49.40
CA THR B 272 4.55 23.11 48.87
C THR B 272 3.53 22.35 48.07
N VAL B 273 2.35 22.16 48.68
CA VAL B 273 1.23 21.55 47.98
C VAL B 273 0.83 22.36 46.76
N LEU B 274 0.78 23.68 46.87
CA LEU B 274 0.53 24.50 45.71
C LEU B 274 1.57 24.18 44.63
N SER B 275 2.81 23.89 45.06
CA SER B 275 3.90 23.62 44.12
C SER B 275 3.72 22.31 43.40
N LEU B 276 3.47 21.25 44.15
CA LEU B 276 3.28 19.94 43.57
C LEU B 276 2.11 19.95 42.58
N PHE B 277 1.12 20.78 42.86
CA PHE B 277 -0.01 20.93 41.96
C PHE B 277 0.41 21.71 40.71
N PHE B 278 1.14 22.79 40.95
CA PHE B 278 1.58 23.69 39.91
C PHE B 278 2.44 22.94 38.92
N ALA B 279 3.58 22.45 39.39
CA ALA B 279 4.48 21.65 38.56
C ALA B 279 3.80 20.39 38.02
N GLY B 280 3.23 19.59 38.91
CA GLY B 280 2.64 18.31 38.50
C GLY B 280 1.54 18.38 37.47
N THR B 281 0.90 19.54 37.35
CA THR B 281 -0.24 19.69 36.46
C THR B 281 -0.04 20.38 35.10
N GLU B 282 0.70 21.47 35.05
CA GLU B 282 0.99 22.13 33.78
CA GLU B 282 1.06 22.17 33.81
C GLU B 282 1.93 21.31 32.89
N THR B 283 3.19 21.18 33.29
CA THR B 283 4.19 20.58 32.41
C THR B 283 3.90 19.15 31.89
N THR B 284 3.49 18.24 32.75
CA THR B 284 3.12 16.89 32.30
C THR B 284 1.95 16.89 31.31
N SER B 285 0.99 17.80 31.50
CA SER B 285 -0.17 17.85 30.62
C SER B 285 0.23 18.36 29.27
N THR B 286 0.86 19.53 29.24
CA THR B 286 1.19 20.14 27.95
C THR B 286 2.19 19.27 27.19
N THR B 287 2.93 18.43 27.90
CA THR B 287 3.76 17.44 27.21
C THR B 287 2.91 16.39 26.50
N LEU B 288 1.95 15.81 27.19
CA LEU B 288 1.00 14.91 26.56
C LEU B 288 0.22 15.58 25.41
N ARG B 289 -0.26 16.79 25.69
CA ARG B 289 -0.97 17.60 24.70
C ARG B 289 -0.10 17.80 23.46
N TYR B 290 1.18 18.08 23.68
CA TYR B 290 2.09 18.28 22.56
C TYR B 290 2.42 16.96 21.83
N GLY B 291 2.63 15.91 22.60
CA GLY B 291 2.81 14.59 22.05
C GLY B 291 1.74 14.20 21.05
N PHE B 292 0.46 14.30 21.43
CA PHE B 292 -0.58 13.86 20.51
C PHE B 292 -0.69 14.76 19.29
N LEU B 293 -0.20 15.98 19.38
CA LEU B 293 -0.16 16.84 18.21
C LEU B 293 0.88 16.30 17.22
N LEU B 294 2.06 15.92 17.71
CA LEU B 294 3.07 15.22 16.89
C LEU B 294 2.55 13.90 16.28
N MET B 295 1.78 13.14 17.05
CA MET B 295 1.22 11.87 16.58
C MET B 295 0.30 12.11 15.42
N LEU B 296 -0.33 13.29 15.38
CA LEU B 296 -1.21 13.64 14.26
C LEU B 296 -0.40 14.05 13.02
N LYS B 297 0.76 14.66 13.26
CA LYS B 297 1.65 15.09 12.18
C LYS B 297 2.42 13.92 11.57
N TYR B 298 2.63 12.87 12.37
CA TYR B 298 3.41 11.71 11.99
C TYR B 298 2.69 10.39 12.26
N PRO B 299 1.58 10.16 11.56
CA PRO B 299 0.83 8.91 11.70
C PRO B 299 1.71 7.67 11.65
N HIS B 300 2.81 7.71 10.90
CA HIS B 300 3.70 6.56 10.77
C HIS B 300 4.33 6.16 12.11
N VAL B 301 4.71 7.15 12.90
CA VAL B 301 5.30 6.92 14.21
C VAL B 301 4.23 6.41 15.15
N THR B 302 3.06 7.03 15.12
CA THR B 302 1.96 6.55 15.92
C THR B 302 1.74 5.07 15.65
N GLU B 303 1.70 4.72 14.37
CA GLU B 303 1.42 3.35 13.93
C GLU B 303 2.51 2.39 14.39
N ARG B 304 3.75 2.86 14.39
CA ARG B 304 4.84 2.03 14.90
C ARG B 304 4.73 1.82 16.43
N VAL B 305 4.52 2.90 17.18
CA VAL B 305 4.30 2.80 18.62
C VAL B 305 3.18 1.82 18.93
N GLN B 306 2.09 1.89 18.16
CA GLN B 306 0.94 1.02 18.37
C GLN B 306 1.26 -0.47 18.10
N LYS B 307 2.13 -0.74 17.12
CA LYS B 307 2.59 -2.10 16.83
C LYS B 307 3.46 -2.62 17.96
N GLU B 308 4.36 -1.78 18.46
CA GLU B 308 5.24 -2.19 19.52
C GLU B 308 4.39 -2.49 20.74
N ILE B 309 3.34 -1.69 20.96
CA ILE B 309 2.42 -1.94 22.05
C ILE B 309 1.76 -3.31 21.89
N GLU B 310 1.48 -3.68 20.66
CA GLU B 310 0.87 -4.97 20.41
C GLU B 310 1.84 -6.11 20.69
N GLN B 311 3.09 -6.00 20.23
CA GLN B 311 4.03 -7.12 20.35
C GLN B 311 4.33 -7.39 21.81
N VAL B 312 4.53 -6.32 22.57
CA VAL B 312 5.05 -6.41 23.93
C VAL B 312 3.96 -6.50 25.00
N ILE B 313 2.97 -5.62 24.91
CA ILE B 313 1.96 -5.55 25.94
C ILE B 313 0.80 -6.49 25.60
N GLY B 314 0.31 -6.35 24.37
CA GLY B 314 -0.90 -7.03 23.98
C GLY B 314 -2.06 -6.07 23.91
N SER B 315 -3.23 -6.61 23.65
CA SER B 315 -4.42 -5.79 23.57
C SER B 315 -5.34 -5.89 24.74
N HIS B 316 -4.97 -6.66 25.74
CA HIS B 316 -5.88 -6.92 26.85
C HIS B 316 -5.51 -6.47 28.23
N ARG B 317 -4.25 -6.53 28.59
CA ARG B 317 -3.85 -6.11 29.90
C ARG B 317 -3.48 -4.66 29.83
N PRO B 318 -3.60 -3.90 30.91
CA PRO B 318 -3.14 -2.50 30.87
C PRO B 318 -1.63 -2.38 30.94
N PRO B 319 -1.06 -1.42 30.20
CA PRO B 319 0.40 -1.20 30.21
C PRO B 319 0.94 -1.01 31.63
N ALA B 320 2.10 -1.60 31.92
CA ALA B 320 2.76 -1.46 33.21
C ALA B 320 4.12 -0.78 33.02
N LEU B 321 4.61 -0.14 34.07
CA LEU B 321 5.81 0.67 33.91
C LEU B 321 6.97 -0.17 33.42
N ASP B 322 7.13 -1.38 33.95
CA ASP B 322 8.28 -2.17 33.54
C ASP B 322 8.10 -2.77 32.15
N ASP B 323 7.07 -2.31 31.45
CA ASP B 323 6.91 -2.63 30.05
C ASP B 323 7.81 -1.73 29.25
N ARG B 324 8.26 -0.65 29.86
CA ARG B 324 9.02 0.37 29.15
C ARG B 324 10.38 -0.13 28.63
N ALA B 325 11.09 -0.92 29.42
CA ALA B 325 12.41 -1.36 29.00
C ALA B 325 12.30 -2.33 27.83
N LYS B 326 11.12 -2.94 27.66
CA LYS B 326 10.88 -3.83 26.53
C LYS B 326 10.44 -3.10 25.26
N MET B 327 10.31 -1.77 25.35
CA MET B 327 9.72 -0.99 24.29
C MET B 327 10.57 0.24 24.00
N PRO B 328 11.80 0.02 23.53
CA PRO B 328 12.70 1.13 23.24
C PRO B 328 12.13 2.09 22.21
N TYR B 329 11.35 1.59 21.26
CA TYR B 329 10.89 2.51 20.23
C TYR B 329 9.96 3.52 20.85
N THR B 330 9.04 3.04 21.67
CA THR B 330 8.08 3.93 22.25
C THR B 330 8.75 4.87 23.24
N ASP B 331 9.67 4.32 24.01
CA ASP B 331 10.46 5.13 24.92
C ASP B 331 11.18 6.22 24.13
N ALA B 332 11.75 5.88 22.99
CA ALA B 332 12.40 6.88 22.14
C ALA B 332 11.45 7.98 21.66
N VAL B 333 10.19 7.64 21.42
CA VAL B 333 9.23 8.61 20.91
C VAL B 333 8.88 9.58 22.03
N ILE B 334 8.84 9.07 23.25
CA ILE B 334 8.52 9.92 24.38
C ILE B 334 9.68 10.85 24.64
N HIS B 335 10.90 10.29 24.63
CA HIS B 335 12.10 11.12 24.76
C HIS B 335 12.05 12.26 23.76
N GLU B 336 11.77 11.90 22.51
CA GLU B 336 11.81 12.86 21.42
C GLU B 336 10.67 13.87 21.51
N ILE B 337 9.53 13.48 22.07
CA ILE B 337 8.48 14.43 22.39
C ILE B 337 8.97 15.46 23.42
N GLN B 338 9.55 15.00 24.51
CA GLN B 338 10.09 15.93 25.50
C GLN B 338 11.14 16.86 24.91
N ARG B 339 12.04 16.33 24.08
CA ARG B 339 13.13 17.13 23.57
C ARG B 339 12.60 18.27 22.70
N LEU B 340 11.70 17.94 21.80
CA LEU B 340 11.22 18.88 20.83
C LEU B 340 10.14 19.77 21.42
N GLY B 341 9.30 19.20 22.28
CA GLY B 341 8.26 19.98 22.96
C GLY B 341 8.87 21.05 23.83
N ASP B 342 10.02 20.73 24.40
CA ASP B 342 10.84 21.70 25.10
C ASP B 342 9.99 22.57 26.02
N LEU B 343 9.39 21.96 27.02
CA LEU B 343 8.28 22.55 27.73
C LEU B 343 8.70 23.63 28.73
N ILE B 344 9.94 23.64 29.09
CA ILE B 344 10.48 24.64 29.95
C ILE B 344 11.74 25.14 29.34
N PRO B 345 11.61 26.16 28.52
CA PRO B 345 12.67 26.67 27.65
C PRO B 345 13.90 27.27 28.23
N PHE B 346 13.83 28.12 29.24
CA PHE B 346 15.04 28.60 29.84
C PHE B 346 15.28 28.04 31.21
N GLY B 347 14.50 27.07 31.59
CA GLY B 347 14.69 26.46 32.89
C GLY B 347 13.94 27.26 33.93
N VAL B 348 14.14 26.90 35.20
CA VAL B 348 13.65 27.69 36.31
C VAL B 348 14.89 28.32 36.94
N PRO B 349 14.85 29.64 37.18
CA PRO B 349 16.01 30.41 37.62
C PRO B 349 16.74 29.78 38.80
N HIS B 350 18.07 29.78 38.71
CA HIS B 350 18.96 29.29 39.75
C HIS B 350 19.66 30.54 40.35
N THR B 351 20.37 30.36 41.46
CA THR B 351 21.40 31.33 41.88
C THR B 351 22.57 30.55 42.43
N VAL B 352 23.72 31.19 42.52
CA VAL B 352 24.91 30.57 43.12
C VAL B 352 24.91 30.75 44.65
N THR B 353 25.13 29.66 45.37
CA THR B 353 25.09 29.74 46.83
C THR B 353 26.29 30.51 47.37
N LYS B 354 27.23 30.81 46.48
CA LYS B 354 28.46 31.47 46.88
C LYS B 354 29.14 32.13 45.70
N ASP B 355 30.00 33.11 46.00
CA ASP B 355 30.96 33.59 45.03
C ASP B 355 31.54 32.39 44.31
N THR B 356 31.34 32.31 42.99
CA THR B 356 31.85 31.17 42.23
C THR B 356 32.73 31.59 41.06
N GLN B 357 33.85 30.88 40.89
CA GLN B 357 34.72 31.08 39.72
C GLN B 357 34.31 30.09 38.63
N PHE B 358 33.86 30.61 37.49
CA PHE B 358 33.32 29.75 36.44
C PHE B 358 33.78 30.13 35.04
N ARG B 359 34.58 29.28 34.42
CA ARG B 359 35.13 29.60 33.11
C ARG B 359 35.88 30.93 33.20
N GLY B 360 36.73 31.03 34.22
CA GLY B 360 37.52 32.23 34.42
C GLY B 360 36.75 33.51 34.66
N TYR B 361 35.51 33.41 35.11
CA TYR B 361 34.76 34.58 35.53
C TYR B 361 34.48 34.48 37.01
N VAL B 362 33.83 35.47 37.55
CA VAL B 362 33.39 35.32 38.90
C VAL B 362 31.92 35.61 39.03
N ILE B 363 31.21 34.68 39.61
CA ILE B 363 29.81 34.87 39.81
C ILE B 363 29.64 35.16 41.27
N PRO B 364 29.22 36.37 41.54
CA PRO B 364 29.08 36.84 42.89
C PRO B 364 27.99 36.08 43.56
N LYS B 365 28.15 35.81 44.82
CA LYS B 365 27.22 34.97 45.48
C LYS B 365 25.87 35.52 45.14
N ASN B 366 24.89 34.66 45.08
CA ASN B 366 23.53 35.07 44.85
C ASN B 366 23.02 35.65 43.56
N THR B 367 23.82 35.59 42.52
CA THR B 367 23.40 36.08 41.24
C THR B 367 22.50 35.10 40.54
N GLU B 368 21.47 35.61 39.88
CA GLU B 368 20.54 34.72 39.21
C GLU B 368 21.21 34.07 37.98
N VAL B 369 21.07 32.76 37.90
CA VAL B 369 21.62 31.98 36.79
C VAL B 369 20.48 31.30 36.04
N PHE B 370 20.39 31.56 34.74
CA PHE B 370 19.41 30.91 33.89
C PHE B 370 20.06 29.77 33.08
N PRO B 371 19.82 28.49 33.46
CA PRO B 371 20.35 27.41 32.62
C PRO B 371 19.34 27.12 31.51
N VAL B 372 19.64 27.61 30.31
CA VAL B 372 18.65 27.65 29.23
C VAL B 372 18.56 26.26 28.65
N LEU B 373 17.53 25.54 29.07
CA LEU B 373 17.44 24.11 28.80
C LEU B 373 17.26 23.87 27.32
N SER B 374 16.46 24.71 26.68
CA SER B 374 16.16 24.55 25.27
C SER B 374 17.44 24.47 24.47
N SER B 375 18.44 25.23 24.89
CA SER B 375 19.66 25.35 24.10
C SER B 375 20.45 24.05 24.12
N ALA B 376 20.16 23.19 25.10
CA ALA B 376 20.77 21.86 25.16
C ALA B 376 19.86 20.80 24.52
N LEU B 377 18.55 21.01 24.60
CA LEU B 377 17.62 20.12 23.90
C LEU B 377 17.75 20.25 22.39
N HIS B 378 18.05 21.45 21.90
CA HIS B 378 18.29 21.65 20.47
C HIS B 378 19.77 21.82 20.12
N ASP B 379 20.67 21.39 21.00
CA ASP B 379 22.12 21.58 20.83
C ASP B 379 22.70 20.79 19.62
N PRO B 380 23.17 21.50 18.59
CA PRO B 380 23.59 20.77 17.40
C PRO B 380 24.77 19.88 17.69
N ARG B 381 25.51 20.20 18.72
CA ARG B 381 26.66 19.44 19.07
C ARG B 381 26.22 18.07 19.45
N TYR B 382 24.96 17.93 19.82
CA TYR B 382 24.44 16.66 20.28
C TYR B 382 23.32 16.03 19.50
N PHE B 383 22.59 16.79 18.73
CA PHE B 383 21.51 16.25 17.95
C PHE B 383 21.61 16.64 16.51
N GLU B 384 21.70 15.68 15.62
CA GLU B 384 21.71 15.98 14.18
C GLU B 384 20.38 16.63 13.81
N THR B 385 20.44 17.71 13.07
CA THR B 385 19.22 18.43 12.70
C THR B 385 18.16 18.69 13.79
N PRO B 386 18.60 19.34 14.88
CA PRO B 386 17.88 19.46 16.14
C PRO B 386 16.46 19.98 16.10
N ASN B 387 16.03 20.55 14.98
CA ASN B 387 14.73 21.21 14.96
C ASN B 387 13.62 20.43 14.30
N THR B 388 13.90 19.16 14.05
CA THR B 388 12.92 18.26 13.47
C THR B 388 12.66 17.02 14.29
N PHE B 389 11.41 16.62 14.32
CA PHE B 389 11.03 15.41 15.03
C PHE B 389 11.71 14.17 14.46
N ASN B 390 12.52 13.53 15.28
CA ASN B 390 13.03 12.22 14.92
C ASN B 390 13.27 11.39 16.15
N PRO B 391 12.37 10.44 16.41
CA PRO B 391 12.61 9.46 17.47
C PRO B 391 14.00 8.83 17.34
N GLY B 392 14.55 8.79 16.13
CA GLY B 392 15.88 8.28 15.88
C GLY B 392 17.00 8.80 16.77
N HIS B 393 16.86 10.03 17.26
CA HIS B 393 17.88 10.59 18.14
C HIS B 393 18.20 9.69 19.31
N PHE B 394 17.27 8.81 19.66
CA PHE B 394 17.43 7.99 20.84
C PHE B 394 17.51 6.50 20.51
N LEU B 395 17.67 6.18 19.24
CA LEU B 395 17.79 4.79 18.82
C LEU B 395 19.16 4.50 18.21
N ASP B 396 19.71 3.34 18.52
CA ASP B 396 20.97 2.92 17.91
C ASP B 396 20.72 1.93 16.76
N ALA B 397 21.77 1.38 16.17
CA ALA B 397 21.58 0.60 14.95
C ALA B 397 20.59 -0.54 15.17
N ASN B 398 20.45 -0.95 16.41
CA ASN B 398 19.65 -2.12 16.73
C ASN B 398 18.27 -1.81 17.26
N GLY B 399 17.92 -0.54 17.28
CA GLY B 399 16.61 -0.13 17.74
C GLY B 399 16.51 -0.22 19.25
N ALA B 400 17.67 -0.21 19.91
CA ALA B 400 17.75 -0.09 21.37
C ALA B 400 17.84 1.39 21.83
N LEU B 401 17.20 1.70 22.95
CA LEU B 401 17.22 3.07 23.44
C LEU B 401 18.67 3.51 23.62
N LYS B 402 18.99 4.77 23.31
CA LYS B 402 20.36 5.25 23.50
C LYS B 402 20.48 6.62 24.19
N ARG B 403 21.20 6.64 25.30
CA ARG B 403 21.26 7.84 26.12
C ARG B 403 22.04 8.91 25.36
N ASN B 404 21.51 10.13 25.38
CA ASN B 404 22.15 11.31 24.79
C ASN B 404 22.34 12.39 25.86
N GLU B 405 23.55 12.95 25.98
CA GLU B 405 23.84 13.91 27.05
C GLU B 405 23.07 15.22 26.90
N GLY B 406 22.69 15.57 25.70
CA GLY B 406 21.96 16.80 25.51
C GLY B 406 20.58 16.68 26.06
N PHE B 407 20.17 15.48 26.38
CA PHE B 407 18.82 15.29 26.83
C PHE B 407 18.69 15.54 28.29
N MET B 408 18.25 16.74 28.62
CA MET B 408 17.98 17.15 29.97
C MET B 408 16.73 17.96 30.09
N PRO B 409 15.57 17.39 29.81
CA PRO B 409 14.31 18.09 29.91
C PRO B 409 13.91 18.49 31.33
N PHE B 410 14.44 17.77 32.30
CA PHE B 410 14.18 17.98 33.70
C PHE B 410 15.34 18.69 34.33
N SER B 411 16.24 19.23 33.54
CA SER B 411 17.44 19.85 34.08
C SER B 411 18.26 18.81 34.86
N LEU B 412 19.37 19.26 35.46
CA LEU B 412 20.32 18.34 36.09
C LEU B 412 20.75 18.87 37.43
N GLY B 413 21.55 18.08 38.13
CA GLY B 413 22.21 18.58 39.31
C GLY B 413 21.32 18.44 40.52
N LYS B 414 21.59 19.24 41.54
CA LYS B 414 20.93 19.04 42.82
C LYS B 414 19.49 19.53 42.82
N ARG B 415 19.13 20.36 41.85
CA ARG B 415 17.76 20.88 41.74
C ARG B 415 16.91 20.17 40.68
N ILE B 416 17.41 19.06 40.18
CA ILE B 416 16.73 18.34 39.11
C ILE B 416 15.32 18.01 39.55
N CYS B 417 14.37 18.05 38.62
CA CYS B 417 12.95 17.91 38.96
C CYS B 417 12.70 16.83 40.01
N ALA B 418 12.05 17.24 41.09
CA ALA B 418 11.73 16.34 42.20
C ALA B 418 10.65 15.35 41.76
N GLY B 419 10.01 15.64 40.64
CA GLY B 419 8.96 14.79 40.13
C GLY B 419 9.30 13.96 38.88
N GLU B 420 10.54 14.03 38.40
CA GLU B 420 10.91 13.36 37.16
C GLU B 420 10.43 11.91 37.05
N GLY B 421 10.37 11.19 38.16
CA GLY B 421 9.90 9.81 38.13
C GLY B 421 8.39 9.72 37.89
N ILE B 422 7.65 10.60 38.55
CA ILE B 422 6.21 10.61 38.40
C ILE B 422 5.85 11.10 36.98
N ALA B 423 6.66 11.97 36.41
CA ALA B 423 6.32 12.46 35.09
C ALA B 423 6.64 11.42 34.03
N ARG B 424 7.82 10.81 34.12
CA ARG B 424 8.17 9.81 33.13
C ARG B 424 7.13 8.70 33.16
N THR B 425 6.62 8.41 34.34
CA THR B 425 5.67 7.31 34.48
C THR B 425 4.29 7.69 33.93
N GLU B 426 3.83 8.91 34.19
CA GLU B 426 2.61 9.41 33.57
C GLU B 426 2.75 9.41 32.07
N LEU B 427 3.91 9.83 31.56
CA LEU B 427 4.07 9.90 30.10
C LEU B 427 3.91 8.52 29.46
N PHE B 428 4.58 7.52 30.01
CA PHE B 428 4.57 6.20 29.42
C PHE B 428 3.20 5.54 29.51
N LEU B 429 2.61 5.57 30.70
CA LEU B 429 1.34 4.86 30.93
C LEU B 429 0.14 5.49 30.24
N PHE B 430 0.16 6.82 30.14
CA PHE B 430 -0.91 7.56 29.47
C PHE B 430 -0.79 7.45 27.96
N PHE B 431 0.39 7.76 27.43
CA PHE B 431 0.69 7.54 26.01
CA PHE B 431 0.68 7.56 26.02
C PHE B 431 0.34 6.12 25.58
N THR B 432 0.86 5.12 26.30
CA THR B 432 0.60 3.75 25.88
C THR B 432 -0.85 3.32 26.08
N THR B 433 -1.46 3.73 27.18
CA THR B 433 -2.79 3.22 27.48
C THR B 433 -3.82 3.82 26.55
N ILE B 434 -3.62 5.09 26.19
CA ILE B 434 -4.46 5.73 25.19
C ILE B 434 -4.30 5.00 23.85
N LEU B 435 -3.06 4.86 23.37
CA LEU B 435 -2.81 4.32 22.03
C LEU B 435 -3.08 2.83 21.91
N GLN B 436 -3.07 2.12 23.03
CA GLN B 436 -3.45 0.71 23.03
C GLN B 436 -4.93 0.56 22.72
N ASN B 437 -5.72 1.53 23.13
CA ASN B 437 -7.18 1.45 23.10
C ASN B 437 -7.83 2.33 22.04
N PHE B 438 -7.06 3.26 21.48
CA PHE B 438 -7.62 4.22 20.54
C PHE B 438 -6.68 4.53 19.37
N SER B 439 -7.28 4.75 18.20
CA SER B 439 -6.59 5.41 17.11
C SER B 439 -6.96 6.89 17.09
N ILE B 440 -6.04 7.73 16.66
CA ILE B 440 -6.33 9.15 16.64
C ILE B 440 -6.50 9.71 15.23
N ALA B 441 -7.28 10.77 15.13
CA ALA B 441 -7.40 11.46 13.85
C ALA B 441 -7.69 12.92 14.08
N SER B 442 -7.56 13.69 13.00
CA SER B 442 -7.72 15.12 13.02
C SER B 442 -8.15 15.53 11.62
N PRO B 443 -9.05 16.51 11.55
CA PRO B 443 -9.50 17.10 10.29
C PRO B 443 -8.34 17.69 9.50
N VAL B 444 -7.36 18.27 10.18
CA VAL B 444 -6.18 18.81 9.52
C VAL B 444 -5.26 17.70 9.09
N PRO B 445 -4.85 17.73 7.81
CA PRO B 445 -3.87 16.79 7.25
C PRO B 445 -2.47 17.03 7.85
N PRO B 446 -1.69 15.97 8.04
CA PRO B 446 -0.41 16.16 8.74
C PRO B 446 0.39 17.37 8.25
N GLU B 447 0.65 17.45 6.95
CA GLU B 447 1.56 18.48 6.43
C GLU B 447 1.15 19.90 6.86
N ASP B 448 -0.11 20.05 7.21
CA ASP B 448 -0.66 21.36 7.60
C ASP B 448 -0.44 21.72 9.07
N ILE B 449 -0.24 20.72 9.91
CA ILE B 449 -0.03 20.94 11.34
C ILE B 449 1.21 21.76 11.71
N ASP B 450 1.01 22.79 12.54
CA ASP B 450 2.10 23.67 13.00
C ASP B 450 2.36 23.45 14.48
N LEU B 451 3.59 23.09 14.84
CA LEU B 451 3.95 22.79 16.22
C LEU B 451 4.47 24.03 16.97
N THR B 452 4.19 25.20 16.41
CA THR B 452 4.67 26.45 16.99
C THR B 452 3.84 26.84 18.18
N PRO B 453 4.47 26.90 19.36
CA PRO B 453 3.77 27.14 20.63
C PRO B 453 2.89 28.37 20.53
N ARG B 454 1.67 28.29 21.07
CA ARG B 454 0.77 29.45 21.15
C ARG B 454 1.33 30.56 22.04
N GLU B 455 2.08 30.15 23.06
CA GLU B 455 2.67 31.06 24.01
C GLU B 455 4.02 30.51 24.43
N SER B 456 5.06 31.33 24.35
CA SER B 456 6.36 30.87 24.80
C SER B 456 6.95 31.81 25.83
N GLY B 457 7.32 31.24 26.97
CA GLY B 457 7.80 32.02 28.08
C GLY B 457 8.54 31.12 29.03
N VAL B 458 8.23 31.20 30.32
CA VAL B 458 8.90 30.34 31.27
C VAL B 458 8.46 28.91 30.94
N GLY B 459 7.26 28.81 30.40
CA GLY B 459 6.77 27.56 29.87
C GLY B 459 6.48 27.70 28.40
N ASN B 460 6.38 26.56 27.72
CA ASN B 460 5.80 26.49 26.39
C ASN B 460 4.41 25.98 26.50
N VAL B 461 3.49 26.69 25.85
CA VAL B 461 2.09 26.28 25.77
C VAL B 461 1.77 26.03 24.30
N PRO B 462 1.59 24.76 23.94
CA PRO B 462 1.35 24.37 22.55
C PRO B 462 -0.03 24.79 22.11
N PRO B 463 -0.23 24.97 20.79
CA PRO B 463 -1.49 25.47 20.20
C PRO B 463 -2.60 24.48 20.44
N SER B 464 -3.84 24.96 20.53
CA SER B 464 -4.92 24.04 20.80
C SER B 464 -5.27 23.38 19.49
N TYR B 465 -5.80 22.17 19.54
CA TYR B 465 -6.15 21.46 18.32
C TYR B 465 -7.36 20.59 18.52
N GLN B 466 -7.96 20.18 17.41
CA GLN B 466 -9.05 19.22 17.44
C GLN B 466 -8.51 17.80 17.22
N ILE B 467 -9.01 16.84 18.00
CA ILE B 467 -8.60 15.45 17.86
C ILE B 467 -9.76 14.54 18.19
N ARG B 468 -9.84 13.41 17.51
CA ARG B 468 -10.81 12.40 17.89
C ARG B 468 -10.09 11.12 18.33
N PHE B 469 -10.67 10.41 19.30
CA PHE B 469 -10.13 9.13 19.77
C PHE B 469 -11.06 8.01 19.41
N LEU B 470 -10.64 7.22 18.43
CA LEU B 470 -11.43 6.12 17.85
C LEU B 470 -11.13 4.79 18.53
N ALA B 471 -12.14 4.23 19.19
CA ALA B 471 -11.97 2.94 19.88
C ALA B 471 -11.57 1.81 18.93
N ARG B 472 -10.70 0.92 19.39
CA ARG B 472 -10.11 -0.11 18.51
C ARG B 472 -10.74 -1.52 18.59
N HIS B 473 -10.56 -2.29 17.50
CA HIS B 473 -11.11 -3.65 17.40
C HIS B 473 -10.14 -4.71 17.94
N GLY C 9 -60.02 -25.16 -18.88
CA GLY C 9 -59.79 -24.73 -17.51
C GLY C 9 -58.41 -25.10 -16.97
N LYS C 10 -58.32 -25.21 -15.65
CA LYS C 10 -57.09 -25.60 -14.92
C LYS C 10 -56.25 -24.40 -14.40
N LEU C 11 -56.10 -24.34 -13.09
CA LEU C 11 -55.22 -23.40 -12.43
C LEU C 11 -53.87 -24.02 -12.49
N PRO C 12 -52.86 -23.29 -12.08
CA PRO C 12 -51.52 -23.82 -12.09
C PRO C 12 -51.35 -24.81 -10.99
N PRO C 13 -50.34 -25.62 -11.12
CA PRO C 13 -50.07 -26.74 -10.24
C PRO C 13 -49.86 -26.25 -8.87
N GLY C 14 -50.15 -27.03 -7.85
CA GLY C 14 -49.87 -26.61 -6.50
C GLY C 14 -50.03 -27.76 -5.57
N PRO C 15 -49.59 -27.60 -4.34
CA PRO C 15 -49.92 -28.59 -3.33
C PRO C 15 -51.38 -28.46 -2.98
N SER C 16 -52.04 -29.59 -2.78
CA SER C 16 -53.45 -29.64 -2.46
C SER C 16 -53.75 -29.07 -1.10
N PRO C 17 -54.72 -28.20 -1.05
CA PRO C 17 -55.07 -27.45 0.14
C PRO C 17 -55.84 -28.22 1.16
N LEU C 18 -56.02 -27.64 2.32
CA LEU C 18 -56.82 -28.26 3.34
C LEU C 18 -57.87 -27.26 3.65
N PRO C 19 -59.11 -27.67 3.62
CA PRO C 19 -60.13 -26.64 3.70
C PRO C 19 -59.93 -25.87 4.94
N VAL C 20 -59.86 -24.57 4.73
CA VAL C 20 -59.79 -23.57 5.75
C VAL C 20 -58.39 -23.35 6.28
N LEU C 21 -57.48 -24.25 5.99
CA LEU C 21 -56.12 -24.13 6.47
C LEU C 21 -55.18 -24.00 5.31
N GLY C 22 -55.73 -24.19 4.12
CA GLY C 22 -54.97 -24.04 2.89
C GLY C 22 -53.78 -24.94 2.84
N ASN C 23 -52.64 -24.40 2.45
CA ASN C 23 -51.43 -25.19 2.30
C ASN C 23 -50.51 -24.96 3.44
N LEU C 24 -51.10 -24.61 4.56
CA LEU C 24 -50.34 -24.26 5.72
C LEU C 24 -49.39 -25.37 6.06
N LEU C 25 -49.78 -26.60 5.88
CA LEU C 25 -48.84 -27.67 6.16
C LEU C 25 -47.69 -27.68 5.18
N GLN C 26 -47.79 -26.94 4.09
CA GLN C 26 -46.73 -26.91 3.10
C GLN C 26 -45.89 -25.65 3.11
N MET C 27 -46.03 -24.87 4.16
CA MET C 27 -45.33 -23.62 4.33
C MET C 27 -43.99 -23.75 5.00
N ASP C 28 -43.29 -22.65 5.18
CA ASP C 28 -42.02 -22.66 5.87
C ASP C 28 -42.02 -21.59 6.96
N ARG C 29 -41.68 -22.01 8.18
CA ARG C 29 -41.70 -21.12 9.34
C ARG C 29 -40.90 -19.84 9.12
N LYS C 30 -39.84 -19.92 8.31
CA LYS C 30 -38.99 -18.77 8.06
C LYS C 30 -39.82 -17.57 7.58
N GLY C 31 -40.78 -17.84 6.70
CA GLY C 31 -41.68 -16.80 6.24
C GLY C 31 -42.39 -17.06 4.93
N LEU C 32 -43.19 -16.08 4.51
CA LEU C 32 -43.98 -16.21 3.29
C LEU C 32 -43.11 -16.40 2.09
N LEU C 33 -42.00 -15.65 2.03
CA LEU C 33 -41.11 -15.71 0.87
C LEU C 33 -40.39 -17.05 0.77
N ARG C 34 -39.87 -17.53 1.90
CA ARG C 34 -39.16 -18.81 1.90
C ARG C 34 -40.13 -19.90 1.46
N SER C 35 -41.35 -19.85 1.98
CA SER C 35 -42.38 -20.81 1.64
C SER C 35 -42.62 -20.82 0.15
N PHE C 36 -42.74 -19.63 -0.44
CA PHE C 36 -42.90 -19.52 -1.89
C PHE C 36 -41.73 -20.13 -2.66
N LEU C 37 -40.51 -19.91 -2.17
CA LEU C 37 -39.33 -20.32 -2.92
C LEU C 37 -39.10 -21.82 -2.86
N ARG C 38 -39.36 -22.39 -1.68
CA ARG C 38 -39.33 -23.85 -1.51
C ARG C 38 -40.27 -24.52 -2.49
N LEU C 39 -41.57 -24.27 -2.35
CA LEU C 39 -42.57 -24.81 -3.26
C LEU C 39 -42.11 -24.71 -4.72
N ARG C 40 -41.72 -23.52 -5.15
CA ARG C 40 -41.22 -23.33 -6.50
C ARG C 40 -40.36 -24.51 -6.93
N GLU C 41 -39.47 -24.94 -6.05
CA GLU C 41 -38.51 -26.00 -6.35
C GLU C 41 -39.22 -27.27 -6.85
N LYS C 42 -40.39 -27.53 -6.27
CA LYS C 42 -41.16 -28.75 -6.55
C LYS C 42 -42.17 -28.59 -7.71
N TYR C 43 -42.74 -27.39 -7.86
CA TYR C 43 -43.83 -27.19 -8.83
C TYR C 43 -43.45 -26.40 -10.09
N GLY C 44 -42.42 -25.57 -9.99
CA GLY C 44 -42.01 -24.77 -11.13
C GLY C 44 -42.21 -23.26 -10.93
N ASP C 45 -41.88 -22.50 -11.98
CA ASP C 45 -41.87 -21.05 -11.90
C ASP C 45 -43.25 -20.45 -11.62
N VAL C 46 -44.30 -21.20 -12.00
CA VAL C 46 -45.67 -20.76 -11.77
C VAL C 46 -46.47 -21.83 -11.04
N PHE C 47 -47.14 -21.44 -9.97
CA PHE C 47 -47.86 -22.40 -9.15
C PHE C 47 -48.86 -21.74 -8.21
N THR C 48 -49.87 -22.52 -7.78
CA THR C 48 -50.95 -22.01 -6.95
C THR C 48 -50.80 -22.47 -5.50
N VAL C 49 -51.21 -21.64 -4.57
CA VAL C 49 -51.05 -21.95 -3.16
C VAL C 49 -52.18 -21.26 -2.39
N TYR C 50 -52.62 -21.89 -1.30
CA TYR C 50 -53.74 -21.37 -0.52
C TYR C 50 -53.30 -20.81 0.84
N LEU C 51 -53.40 -19.50 0.96
CA LEU C 51 -53.08 -18.82 2.20
C LEU C 51 -54.38 -18.75 2.98
N GLY C 52 -54.70 -19.84 3.66
CA GLY C 52 -55.99 -20.02 4.30
C GLY C 52 -57.01 -20.43 3.26
N SER C 53 -58.00 -19.57 3.04
CA SER C 53 -58.98 -19.83 2.00
C SER C 53 -58.52 -19.25 0.66
N ARG C 54 -57.59 -18.31 0.73
CA ARG C 54 -57.19 -17.54 -0.46
C ARG C 54 -56.34 -18.35 -1.44
N PRO C 55 -56.82 -18.50 -2.69
CA PRO C 55 -55.95 -19.09 -3.71
C PRO C 55 -55.14 -17.98 -4.35
N VAL C 56 -53.82 -18.10 -4.38
CA VAL C 56 -52.96 -17.11 -5.03
C VAL C 56 -52.03 -17.79 -6.03
N VAL C 57 -51.87 -17.20 -7.22
CA VAL C 57 -50.89 -17.69 -8.17
C VAL C 57 -49.54 -16.99 -7.98
N VAL C 58 -48.47 -17.77 -7.89
CA VAL C 58 -47.12 -17.22 -7.63
C VAL C 58 -46.21 -17.28 -8.87
N LEU C 59 -45.61 -16.16 -9.24
CA LEU C 59 -44.70 -16.12 -10.39
C LEU C 59 -43.24 -15.94 -9.97
N CYS C 60 -42.38 -16.85 -10.41
CA CYS C 60 -40.95 -16.72 -10.09
C CYS C 60 -40.03 -16.63 -11.30
N GLY C 61 -39.00 -15.80 -11.17
CA GLY C 61 -38.00 -15.66 -12.22
C GLY C 61 -38.30 -14.55 -13.21
N THR C 62 -37.24 -13.98 -13.74
CA THR C 62 -37.39 -12.89 -14.66
C THR C 62 -38.46 -13.19 -15.69
N ASP C 63 -38.43 -14.39 -16.27
CA ASP C 63 -39.25 -14.71 -17.46
C ASP C 63 -40.75 -14.82 -17.20
N ALA C 64 -41.13 -15.59 -16.18
CA ALA C 64 -42.52 -15.67 -15.79
C ALA C 64 -43.06 -14.28 -15.48
N ILE C 65 -42.45 -13.62 -14.50
CA ILE C 65 -42.90 -12.30 -14.09
C ILE C 65 -43.04 -11.37 -15.29
N ARG C 66 -42.16 -11.51 -16.27
CA ARG C 66 -42.20 -10.65 -17.45
C ARG C 66 -43.34 -11.03 -18.38
N GLU C 67 -43.55 -12.32 -18.55
CA GLU C 67 -44.54 -12.79 -19.46
C GLU C 67 -45.86 -12.25 -19.03
N ALA C 68 -46.13 -12.29 -17.75
CA ALA C 68 -47.37 -11.73 -17.23
C ALA C 68 -47.52 -10.23 -17.13
N LEU C 69 -46.62 -9.56 -16.46
CA LEU C 69 -46.70 -8.14 -16.21
C LEU C 69 -46.54 -7.28 -17.40
N VAL C 70 -45.71 -7.72 -18.31
CA VAL C 70 -45.46 -6.96 -19.50
C VAL C 70 -46.20 -7.42 -20.71
N ASP C 71 -46.18 -8.71 -20.93
CA ASP C 71 -46.83 -9.34 -22.05
C ASP C 71 -48.32 -9.25 -22.02
N GLN C 72 -48.85 -9.34 -20.83
CA GLN C 72 -50.28 -9.25 -20.59
C GLN C 72 -50.55 -8.15 -19.57
N ALA C 73 -50.12 -6.94 -19.91
CA ALA C 73 -50.17 -5.84 -18.97
C ALA C 73 -51.57 -5.64 -18.37
N GLU C 74 -52.53 -5.24 -19.20
CA GLU C 74 -53.87 -4.92 -18.68
C GLU C 74 -54.49 -6.12 -17.99
N ALA C 75 -54.15 -7.32 -18.45
CA ALA C 75 -54.60 -8.53 -17.79
C ALA C 75 -54.17 -8.58 -16.32
N PHE C 76 -52.91 -8.24 -16.07
CA PHE C 76 -52.38 -8.38 -14.72
C PHE C 76 -52.28 -7.05 -13.99
N SER C 77 -53.11 -6.08 -14.37
CA SER C 77 -53.03 -4.76 -13.77
C SER C 77 -53.85 -4.54 -12.48
N GLY C 78 -54.31 -5.62 -11.87
CA GLY C 78 -55.12 -5.50 -10.68
C GLY C 78 -54.34 -5.56 -9.39
N ARG C 79 -54.77 -4.79 -8.41
CA ARG C 79 -54.15 -4.76 -7.09
C ARG C 79 -54.84 -5.74 -6.17
N GLY C 80 -54.07 -6.47 -5.37
CA GLY C 80 -54.60 -7.35 -4.36
C GLY C 80 -54.70 -6.68 -3.00
N LYS C 81 -54.68 -7.49 -1.94
CA LYS C 81 -54.76 -6.96 -0.58
C LYS C 81 -53.57 -7.43 0.25
N ILE C 82 -53.19 -6.61 1.21
CA ILE C 82 -52.26 -7.02 2.25
C ILE C 82 -53.09 -7.04 3.54
N ALA C 83 -53.33 -8.24 4.05
CA ALA C 83 -54.20 -8.41 5.20
C ALA C 83 -54.07 -7.35 6.31
N VAL C 84 -52.84 -7.03 6.69
CA VAL C 84 -52.60 -6.21 7.88
C VAL C 84 -52.92 -4.75 7.67
N VAL C 85 -53.02 -4.31 6.41
CA VAL C 85 -53.32 -2.92 6.12
C VAL C 85 -54.58 -2.69 5.31
N ASP C 86 -55.27 -3.76 4.90
CA ASP C 86 -56.56 -3.57 4.22
C ASP C 86 -57.56 -2.79 5.08
N PRO C 87 -57.72 -3.20 6.35
CA PRO C 87 -58.61 -2.39 7.19
C PRO C 87 -58.45 -0.89 6.95
N ILE C 88 -57.22 -0.43 6.79
CA ILE C 88 -57.01 1.00 6.59
C ILE C 88 -57.31 1.46 5.17
N PHE C 89 -56.77 0.78 4.18
CA PHE C 89 -56.87 1.29 2.82
C PHE C 89 -58.18 0.89 2.17
N GLN C 90 -58.50 -0.40 2.24
CA GLN C 90 -59.78 -0.92 1.78
C GLN C 90 -60.09 -0.47 0.34
N GLY C 91 -59.12 -0.65 -0.55
CA GLY C 91 -59.33 -0.33 -1.95
C GLY C 91 -59.41 1.14 -2.27
N TYR C 92 -59.06 1.99 -1.31
CA TYR C 92 -58.90 3.43 -1.56
C TYR C 92 -57.42 3.91 -1.63
N GLY C 93 -57.19 4.98 -2.38
CA GLY C 93 -55.87 5.54 -2.52
C GLY C 93 -55.14 4.89 -3.68
N VAL C 94 -54.16 5.59 -4.24
CA VAL C 94 -53.49 5.16 -5.47
C VAL C 94 -52.85 3.78 -5.41
N ILE C 95 -52.35 3.38 -4.25
CA ILE C 95 -51.66 2.09 -4.18
C ILE C 95 -52.67 0.96 -4.33
N PHE C 96 -53.63 0.92 -3.43
CA PHE C 96 -54.59 -0.17 -3.37
C PHE C 96 -55.87 -0.03 -4.12
N ALA C 97 -55.98 1.04 -4.87
CA ALA C 97 -57.13 1.32 -5.69
C ALA C 97 -57.18 0.30 -6.75
N ASN C 98 -58.26 0.24 -7.50
CA ASN C 98 -58.40 -0.75 -8.54
C ASN C 98 -59.28 -0.20 -9.64
N GLY C 99 -59.24 -0.78 -10.80
CA GLY C 99 -60.14 -0.35 -11.83
C GLY C 99 -60.05 1.08 -12.21
N GLU C 100 -61.17 1.69 -12.52
CA GLU C 100 -61.18 3.08 -12.92
C GLU C 100 -60.75 4.03 -11.84
N ARG C 101 -61.09 3.75 -10.63
CA ARG C 101 -60.59 4.59 -9.54
C ARG C 101 -59.07 4.66 -9.61
N TRP C 102 -58.44 3.50 -9.75
CA TRP C 102 -56.99 3.41 -9.84
C TRP C 102 -56.43 4.19 -11.04
N ARG C 103 -57.00 3.99 -12.22
CA ARG C 103 -56.55 4.71 -13.40
C ARG C 103 -56.67 6.22 -13.20
N ALA C 104 -57.73 6.64 -12.55
CA ALA C 104 -57.97 8.06 -12.33
C ALA C 104 -56.94 8.62 -11.36
N LEU C 105 -56.62 7.82 -10.35
CA LEU C 105 -55.73 8.27 -9.28
C LEU C 105 -54.26 8.21 -9.66
N ARG C 106 -53.93 7.24 -10.50
CA ARG C 106 -52.55 7.11 -10.94
C ARG C 106 -52.20 8.22 -11.93
N ARG C 107 -53.07 8.46 -12.90
CA ARG C 107 -52.80 9.49 -13.89
C ARG C 107 -52.60 10.85 -13.23
N PHE C 108 -53.41 11.13 -12.20
CA PHE C 108 -53.32 12.38 -11.45
C PHE C 108 -52.03 12.44 -10.63
N SER C 109 -51.79 11.35 -9.90
CA SER C 109 -50.64 11.25 -9.03
C SER C 109 -49.32 11.44 -9.77
N LEU C 110 -49.24 10.89 -10.97
CA LEU C 110 -48.04 11.02 -11.77
C LEU C 110 -47.76 12.41 -12.18
N ALA C 111 -48.75 13.13 -12.64
CA ALA C 111 -48.58 14.53 -12.96
C ALA C 111 -48.39 15.46 -11.80
N THR C 112 -49.12 15.23 -10.75
CA THR C 112 -48.98 16.12 -9.65
C THR C 112 -47.64 16.02 -9.00
N MET C 113 -47.15 14.83 -8.77
CA MET C 113 -45.88 14.71 -8.09
C MET C 113 -44.83 15.27 -8.98
N ARG C 114 -45.06 15.20 -10.26
CA ARG C 114 -44.09 15.69 -11.18
C ARG C 114 -43.79 17.16 -11.03
N ASP C 115 -44.76 18.03 -10.77
CA ASP C 115 -44.42 19.46 -10.73
C ASP C 115 -44.85 20.37 -9.58
N PHE C 116 -45.24 19.82 -8.44
CA PHE C 116 -45.67 20.62 -7.30
C PHE C 116 -44.98 20.17 -6.02
N GLY C 117 -44.81 21.11 -5.11
CA GLY C 117 -44.06 20.93 -3.88
C GLY C 117 -43.79 22.29 -3.26
N MET C 118 -42.89 22.40 -2.30
CA MET C 118 -42.52 23.69 -1.76
C MET C 118 -41.83 24.59 -2.78
N GLY C 119 -42.42 25.73 -3.06
CA GLY C 119 -41.79 26.72 -3.92
C GLY C 119 -41.55 26.46 -5.40
N LYS C 120 -42.42 25.76 -6.08
CA LYS C 120 -42.22 25.69 -7.51
C LYS C 120 -40.78 25.34 -7.69
N ARG C 121 -40.31 24.41 -6.90
CA ARG C 121 -38.95 23.96 -7.00
C ARG C 121 -39.08 22.57 -7.52
N SER C 122 -38.13 22.15 -8.32
CA SER C 122 -38.25 20.82 -8.91
C SER C 122 -38.16 19.75 -7.84
N VAL C 123 -38.54 18.52 -8.19
CA VAL C 123 -38.34 17.42 -7.25
C VAL C 123 -36.85 17.29 -6.99
N GLU C 124 -36.08 17.38 -8.08
CA GLU C 124 -34.64 17.38 -7.97
C GLU C 124 -34.15 18.45 -7.01
N GLU C 125 -34.65 19.67 -7.14
CA GLU C 125 -34.20 20.74 -6.24
C GLU C 125 -34.61 20.49 -4.77
N ARG C 126 -35.76 19.89 -4.52
CA ARG C 126 -36.12 19.63 -3.14
C ARG C 126 -35.18 18.60 -2.55
N ILE C 127 -34.82 17.61 -3.36
CA ILE C 127 -33.90 16.59 -2.87
C ILE C 127 -32.47 17.15 -2.67
N GLN C 128 -31.93 17.82 -3.68
CA GLN C 128 -30.66 18.52 -3.53
C GLN C 128 -30.58 19.27 -2.21
N GLU C 129 -31.71 19.85 -1.81
CA GLU C 129 -31.75 20.78 -0.69
C GLU C 129 -31.87 20.01 0.59
N GLU C 130 -32.64 18.93 0.55
CA GLU C 130 -32.76 18.07 1.71
C GLU C 130 -31.37 17.54 1.99
N ALA C 131 -30.68 17.10 0.95
CA ALA C 131 -29.32 16.60 1.08
C ALA C 131 -28.42 17.63 1.75
N ARG C 132 -28.58 18.89 1.35
CA ARG C 132 -27.83 20.01 1.92
C ARG C 132 -28.06 20.14 3.41
N CYS C 133 -29.30 19.96 3.85
CA CYS C 133 -29.65 19.99 5.26
C CYS C 133 -29.08 18.80 6.01
N LEU C 134 -28.99 17.67 5.32
CA LEU C 134 -28.52 16.45 5.93
C LEU C 134 -27.01 16.55 6.15
N VAL C 135 -26.31 17.04 5.13
CA VAL C 135 -24.88 17.26 5.28
C VAL C 135 -24.61 18.13 6.50
N GLU C 136 -25.37 19.20 6.64
CA GLU C 136 -25.24 20.08 7.79
C GLU C 136 -25.54 19.36 9.13
N GLU C 137 -26.66 18.65 9.19
CA GLU C 137 -27.00 17.90 10.37
C GLU C 137 -25.87 16.95 10.74
N LEU C 138 -25.35 16.19 9.77
CA LEU C 138 -24.29 15.21 10.06
C LEU C 138 -23.02 15.88 10.56
N ARG C 139 -22.72 17.06 10.01
CA ARG C 139 -21.57 17.80 10.49
C ARG C 139 -21.68 18.11 11.98
N LYS C 140 -22.91 18.28 12.46
CA LYS C 140 -23.17 18.59 13.85
C LYS C 140 -22.75 17.49 14.82
N SER C 141 -22.63 16.25 14.33
CA SER C 141 -22.30 15.14 15.21
C SER C 141 -20.79 15.05 15.42
N LYS C 142 -20.04 15.85 14.68
CA LYS C 142 -18.58 15.87 14.78
C LYS C 142 -17.97 14.48 14.61
N GLY C 143 -18.65 13.59 13.87
CA GLY C 143 -18.08 12.30 13.54
C GLY C 143 -18.29 11.20 14.57
N ALA C 144 -19.05 11.48 15.61
CA ALA C 144 -19.38 10.46 16.59
C ALA C 144 -20.17 9.36 15.94
N LEU C 145 -20.17 8.19 16.56
CA LEU C 145 -20.97 7.07 16.10
C LEU C 145 -22.45 7.36 16.31
N LEU C 146 -23.29 6.94 15.39
CA LEU C 146 -24.74 7.03 15.59
C LEU C 146 -25.46 5.90 14.90
N ASP C 147 -26.77 5.78 15.14
CA ASP C 147 -27.56 4.89 14.33
C ASP C 147 -28.32 5.75 13.31
N ASN C 148 -28.06 5.53 12.03
CA ASN C 148 -28.56 6.45 11.01
C ASN C 148 -30.01 6.20 10.62
N THR C 149 -30.67 5.29 11.31
CA THR C 149 -32.03 4.96 10.93
C THR C 149 -33.02 6.14 11.00
N LEU C 150 -32.96 6.92 12.06
CA LEU C 150 -33.88 8.05 12.18
C LEU C 150 -33.65 9.06 11.08
N LEU C 151 -32.43 9.56 10.98
CA LEU C 151 -32.05 10.51 9.94
C LEU C 151 -32.37 10.02 8.53
N PHE C 152 -32.04 8.76 8.27
CA PHE C 152 -32.30 8.20 6.95
C PHE C 152 -33.80 8.12 6.65
N HIS C 153 -34.63 8.07 7.69
CA HIS C 153 -36.09 8.17 7.50
C HIS C 153 -36.54 9.61 7.38
N SER C 154 -35.88 10.50 8.13
CA SER C 154 -36.21 11.92 8.08
C SER C 154 -36.04 12.49 6.67
N ILE C 155 -34.95 12.15 6.01
CA ILE C 155 -34.71 12.78 4.71
C ILE C 155 -35.69 12.26 3.67
N THR C 156 -36.04 10.99 3.73
CA THR C 156 -36.99 10.48 2.76
C THR C 156 -38.39 11.06 2.99
N SER C 157 -38.80 11.13 4.26
CA SER C 157 -40.05 11.81 4.63
C SER C 157 -40.17 13.24 4.09
N ASN C 158 -39.24 14.10 4.48
CA ASN C 158 -39.28 15.49 4.02
C ASN C 158 -39.51 15.66 2.51
N ILE C 159 -39.05 14.72 1.70
CA ILE C 159 -39.24 14.86 0.27
C ILE C 159 -40.71 14.71 0.00
N ILE C 160 -41.33 13.70 0.57
CA ILE C 160 -42.77 13.56 0.42
C ILE C 160 -43.51 14.75 1.05
N CYS C 161 -43.18 15.06 2.31
CA CYS C 161 -43.73 16.21 3.02
C CYS C 161 -43.72 17.50 2.22
N SER C 162 -42.63 17.75 1.50
CA SER C 162 -42.47 18.96 0.72
C SER C 162 -43.36 18.91 -0.49
N ILE C 163 -43.56 17.70 -1.00
CA ILE C 163 -44.35 17.49 -2.18
C ILE C 163 -45.83 17.53 -1.86
N VAL C 164 -46.21 16.90 -0.74
CA VAL C 164 -47.62 16.74 -0.37
C VAL C 164 -48.15 17.85 0.55
N PHE C 165 -47.48 18.12 1.65
CA PHE C 165 -47.91 19.20 2.55
C PHE C 165 -47.34 20.55 2.18
N GLY C 166 -46.42 20.57 1.23
CA GLY C 166 -45.89 21.83 0.75
C GLY C 166 -44.80 22.41 1.61
N LYS C 167 -44.24 21.63 2.55
CA LYS C 167 -43.16 22.12 3.40
C LYS C 167 -42.37 20.96 4.04
N ARG C 168 -41.22 21.27 4.63
CA ARG C 168 -40.43 20.27 5.36
C ARG C 168 -40.36 20.53 6.86
N PHE C 169 -40.02 19.51 7.64
CA PHE C 169 -39.84 19.67 9.08
C PHE C 169 -38.38 19.68 9.43
N ASP C 170 -38.04 20.28 10.56
CA ASP C 170 -36.68 20.20 11.05
C ASP C 170 -36.48 18.83 11.66
N TYR C 171 -35.27 18.31 11.54
CA TYR C 171 -34.98 16.99 12.06
C TYR C 171 -35.34 16.90 13.54
N LYS C 172 -35.25 18.03 14.22
CA LYS C 172 -35.42 18.06 15.67
C LYS C 172 -36.84 18.43 16.10
N ASP C 173 -37.68 18.84 15.14
CA ASP C 173 -39.09 19.19 15.42
C ASP C 173 -39.91 18.02 15.99
N PRO C 174 -40.56 18.25 17.13
CA PRO C 174 -41.23 17.19 17.89
C PRO C 174 -42.52 16.67 17.21
N VAL C 175 -43.19 17.51 16.44
CA VAL C 175 -44.29 17.04 15.60
C VAL C 175 -43.76 15.92 14.74
N PHE C 176 -42.73 16.28 13.97
CA PHE C 176 -42.15 15.42 12.94
C PHE C 176 -41.65 14.13 13.54
N LEU C 177 -40.97 14.23 14.68
CA LEU C 177 -40.40 13.07 15.37
C LEU C 177 -41.49 12.10 15.79
N ARG C 178 -42.60 12.64 16.31
CA ARG C 178 -43.75 11.83 16.70
C ARG C 178 -44.29 11.07 15.48
N LEU C 179 -44.60 11.81 14.43
CA LEU C 179 -44.96 11.25 13.14
C LEU C 179 -44.05 10.04 12.77
N LEU C 180 -42.76 10.32 12.63
CA LEU C 180 -41.77 9.32 12.26
C LEU C 180 -41.85 8.10 13.17
N ASP C 181 -42.19 8.34 14.43
CA ASP C 181 -42.29 7.27 15.41
C ASP C 181 -43.35 6.26 14.93
N LEU C 182 -44.59 6.73 14.89
CA LEU C 182 -45.71 5.97 14.36
C LEU C 182 -45.30 5.24 13.09
N PHE C 183 -44.68 5.97 12.19
CA PHE C 183 -44.26 5.40 10.93
C PHE C 183 -43.30 4.24 11.12
N PHE C 184 -42.24 4.47 11.90
CA PHE C 184 -41.16 3.49 12.08
C PHE C 184 -41.71 2.16 12.62
N GLN C 185 -42.51 2.26 13.69
CA GLN C 185 -43.17 1.10 14.30
C GLN C 185 -43.98 0.21 13.31
N SER C 186 -44.95 0.80 12.60
CA SER C 186 -45.75 0.08 11.60
C SER C 186 -44.92 -0.87 10.71
N PHE C 187 -43.94 -0.29 10.02
CA PHE C 187 -43.21 -0.97 8.96
C PHE C 187 -42.53 -2.29 9.36
N SER C 188 -41.96 -2.32 10.56
CA SER C 188 -41.31 -3.53 11.06
C SER C 188 -42.36 -4.54 11.55
N LEU C 189 -43.58 -4.06 11.75
CA LEU C 189 -44.69 -4.92 12.11
C LEU C 189 -45.35 -5.44 10.85
N ILE C 190 -45.48 -4.58 9.85
CA ILE C 190 -46.01 -5.00 8.55
C ILE C 190 -45.21 -6.15 7.95
N SER C 191 -43.96 -6.30 8.38
CA SER C 191 -43.13 -7.39 7.88
C SER C 191 -42.73 -8.39 8.96
N SER C 192 -43.24 -8.17 10.16
CA SER C 192 -43.03 -9.10 11.27
C SER C 192 -43.60 -10.49 10.97
N PHE C 193 -43.18 -11.49 11.73
CA PHE C 193 -43.67 -12.83 11.49
C PHE C 193 -45.19 -12.85 11.59
N SER C 194 -45.72 -12.31 12.69
CA SER C 194 -47.16 -12.38 12.95
C SER C 194 -47.98 -11.80 11.79
N SER C 195 -47.45 -10.79 11.11
CA SER C 195 -48.15 -10.17 10.00
C SER C 195 -48.20 -11.07 8.77
N GLN C 196 -47.24 -11.97 8.63
CA GLN C 196 -47.29 -12.95 7.56
C GLN C 196 -48.32 -14.02 7.92
N VAL C 197 -48.39 -14.40 9.19
CA VAL C 197 -49.40 -15.34 9.67
C VAL C 197 -50.78 -14.76 9.43
N PHE C 198 -50.97 -13.56 9.96
CA PHE C 198 -52.18 -12.80 9.76
C PHE C 198 -52.62 -12.85 8.31
N GLU C 199 -51.66 -12.91 7.43
CA GLU C 199 -51.99 -12.89 6.03
C GLU C 199 -52.84 -14.08 5.73
N LEU C 200 -52.42 -15.22 6.24
CA LEU C 200 -53.16 -16.46 6.10
C LEU C 200 -54.50 -16.57 6.80
N PHE C 201 -54.60 -16.05 8.00
CA PHE C 201 -55.75 -16.25 8.83
C PHE C 201 -56.42 -15.02 9.36
N SER C 202 -56.45 -13.97 8.57
CA SER C 202 -57.00 -12.71 9.00
C SER C 202 -58.41 -12.83 9.54
N GLY C 203 -59.23 -13.69 8.96
CA GLY C 203 -60.55 -13.85 9.53
C GLY C 203 -60.52 -14.40 10.94
N PHE C 204 -59.73 -15.43 11.18
CA PHE C 204 -59.63 -15.96 12.50
C PHE C 204 -58.93 -14.99 13.43
N LEU C 205 -57.80 -14.46 13.01
CA LEU C 205 -57.01 -13.59 13.87
C LEU C 205 -57.51 -12.17 13.97
N LYS C 206 -58.40 -11.80 13.09
CA LYS C 206 -58.76 -10.42 13.06
C LYS C 206 -59.26 -10.08 14.44
N TYR C 207 -59.89 -11.04 15.10
CA TYR C 207 -60.39 -10.79 16.45
C TYR C 207 -59.45 -10.63 17.62
N PHE C 208 -58.48 -11.50 17.77
CA PHE C 208 -57.69 -11.44 18.99
C PHE C 208 -56.64 -10.39 18.94
N PRO C 209 -55.97 -10.14 20.05
CA PRO C 209 -54.93 -9.12 20.09
C PRO C 209 -53.79 -9.53 19.20
N GLY C 210 -53.13 -8.56 18.60
CA GLY C 210 -52.09 -8.86 17.66
C GLY C 210 -51.36 -7.60 17.35
N THR C 211 -50.30 -7.70 16.58
CA THR C 211 -49.60 -6.52 16.13
C THR C 211 -50.52 -5.71 15.24
N HIS C 212 -51.43 -6.40 14.57
CA HIS C 212 -52.29 -5.80 13.55
C HIS C 212 -53.19 -4.70 14.11
N ARG C 213 -53.28 -4.61 15.43
CA ARG C 213 -54.08 -3.59 16.10
C ARG C 213 -53.26 -2.34 16.37
N GLN C 214 -51.96 -2.53 16.60
CA GLN C 214 -51.09 -1.37 16.74
C GLN C 214 -50.76 -0.83 15.35
N ILE C 215 -50.57 -1.74 14.39
CA ILE C 215 -50.42 -1.32 13.00
C ILE C 215 -51.60 -0.44 12.64
N TYR C 216 -52.79 -0.94 12.95
CA TYR C 216 -54.02 -0.23 12.66
C TYR C 216 -54.10 1.07 13.45
N ARG C 217 -53.88 1.01 14.76
CA ARG C 217 -54.05 2.22 15.57
C ARG C 217 -53.11 3.30 15.04
N ASN C 218 -51.86 2.89 14.80
CA ASN C 218 -50.80 3.79 14.34
C ASN C 218 -51.14 4.45 13.02
N LEU C 219 -51.40 3.64 12.00
CA LEU C 219 -51.77 4.20 10.71
C LEU C 219 -52.93 5.16 10.86
N GLN C 220 -53.72 4.97 11.90
CA GLN C 220 -54.84 5.85 12.14
C GLN C 220 -54.39 7.24 12.61
N GLU C 221 -53.43 7.28 13.54
CA GLU C 221 -52.90 8.56 14.04
C GLU C 221 -52.35 9.37 12.88
N ILE C 222 -51.67 8.69 11.97
CA ILE C 222 -51.10 9.35 10.80
C ILE C 222 -52.22 9.93 9.98
N ASN C 223 -53.25 9.13 9.72
CA ASN C 223 -54.38 9.60 8.92
C ASN C 223 -55.02 10.86 9.50
N THR C 224 -55.06 10.92 10.84
CA THR C 224 -55.54 12.11 11.54
C THR C 224 -54.69 13.34 11.20
N PHE C 225 -53.38 13.23 11.38
CA PHE C 225 -52.46 14.32 11.00
C PHE C 225 -52.59 14.70 9.52
N ILE C 226 -52.79 13.71 8.66
CA ILE C 226 -53.08 14.04 7.27
C ILE C 226 -54.38 14.83 7.26
N GLY C 227 -55.39 14.30 7.94
CA GLY C 227 -56.66 14.98 8.14
C GLY C 227 -56.49 16.47 8.46
N GLN C 228 -55.96 16.78 9.64
CA GLN C 228 -55.73 18.18 10.00
C GLN C 228 -55.11 19.00 8.87
N SER C 229 -54.04 18.48 8.26
CA SER C 229 -53.32 19.22 7.22
C SER C 229 -54.18 19.55 6.02
N VAL C 230 -55.07 18.62 5.66
CA VAL C 230 -56.05 18.89 4.60
C VAL C 230 -56.86 20.15 4.90
N GLU C 231 -57.55 20.15 6.05
CA GLU C 231 -58.34 21.29 6.51
C GLU C 231 -57.58 22.61 6.51
N LYS C 232 -56.39 22.62 7.10
CA LYS C 232 -55.54 23.80 7.09
C LYS C 232 -55.34 24.27 5.66
N HIS C 233 -55.20 23.31 4.75
CA HIS C 233 -55.00 23.59 3.34
C HIS C 233 -56.27 24.17 2.75
N ARG C 234 -57.38 23.46 3.01
CA ARG C 234 -58.70 23.78 2.48
C ARG C 234 -59.18 25.21 2.76
N ALA C 235 -58.76 25.76 3.90
CA ALA C 235 -59.21 27.08 4.34
C ALA C 235 -58.28 28.18 3.85
N THR C 236 -57.01 27.84 3.69
CA THR C 236 -56.01 28.78 3.23
C THR C 236 -55.91 28.77 1.70
N LEU C 237 -56.73 27.93 1.08
CA LEU C 237 -56.61 27.65 -0.36
C LEU C 237 -56.73 28.90 -1.25
N ASP C 238 -55.79 29.03 -2.18
CA ASP C 238 -55.75 30.16 -3.10
C ASP C 238 -55.57 29.63 -4.53
N PRO C 239 -56.69 29.53 -5.28
CA PRO C 239 -56.85 28.82 -6.55
C PRO C 239 -55.97 29.34 -7.70
N SER C 240 -55.20 30.39 -7.47
CA SER C 240 -54.36 30.94 -8.51
C SER C 240 -52.91 30.50 -8.29
N ASN C 241 -52.63 30.13 -7.05
CA ASN C 241 -51.36 29.62 -6.64
C ASN C 241 -51.44 28.37 -5.79
N PRO C 242 -51.56 27.21 -6.42
CA PRO C 242 -51.55 25.94 -5.69
C PRO C 242 -50.20 25.67 -5.09
N ARG C 243 -50.16 25.12 -3.90
CA ARG C 243 -48.90 24.93 -3.20
C ARG C 243 -48.35 23.52 -3.23
N ASP C 244 -49.19 22.54 -3.48
CA ASP C 244 -48.73 21.21 -3.32
C ASP C 244 -49.80 20.22 -3.68
N PHE C 245 -49.54 18.95 -3.48
CA PHE C 245 -50.39 17.91 -3.95
C PHE C 245 -51.75 18.11 -3.39
N ILE C 246 -51.83 18.46 -2.14
CA ILE C 246 -53.09 18.67 -1.52
C ILE C 246 -53.90 19.79 -2.12
N ASP C 247 -53.29 20.92 -2.40
CA ASP C 247 -54.04 21.99 -3.01
C ASP C 247 -54.49 21.60 -4.38
N VAL C 248 -53.60 21.00 -5.13
CA VAL C 248 -53.87 20.56 -6.49
C VAL C 248 -55.01 19.56 -6.55
N TYR C 249 -55.06 18.67 -5.56
CA TYR C 249 -56.14 17.69 -5.44
C TYR C 249 -57.45 18.40 -5.10
N LEU C 250 -57.36 19.43 -4.27
CA LEU C 250 -58.54 20.20 -3.91
C LEU C 250 -59.08 20.99 -5.11
N LEU C 251 -58.19 21.57 -5.90
CA LEU C 251 -58.62 22.30 -7.09
C LEU C 251 -59.23 21.35 -8.09
N ARG C 252 -58.96 20.07 -7.94
CA ARG C 252 -59.54 19.08 -8.83
C ARG C 252 -60.92 18.70 -8.34
N MET C 253 -61.06 18.52 -7.03
CA MET C 253 -62.35 18.28 -6.41
C MET C 253 -63.37 19.32 -6.90
N GLU C 254 -62.92 20.57 -6.98
CA GLU C 254 -63.78 21.69 -7.36
C GLU C 254 -64.18 21.62 -8.81
N LYS C 255 -63.18 21.56 -9.69
CA LYS C 255 -63.45 21.37 -11.10
C LYS C 255 -64.55 20.32 -11.21
N ASP C 256 -64.41 19.24 -10.46
CA ASP C 256 -65.31 18.09 -10.60
C ASP C 256 -66.58 18.15 -9.73
N LYS C 257 -66.83 19.29 -9.08
CA LYS C 257 -67.98 19.46 -8.16
C LYS C 257 -69.29 18.87 -8.69
N SER C 258 -69.42 18.81 -10.02
CA SER C 258 -70.68 18.40 -10.64
C SER C 258 -70.60 17.07 -11.37
N ASP C 259 -69.51 16.33 -11.17
CA ASP C 259 -69.36 15.01 -11.78
C ASP C 259 -69.48 13.90 -10.74
N PRO C 260 -70.61 13.19 -10.74
CA PRO C 260 -70.96 12.16 -9.77
C PRO C 260 -70.11 10.88 -9.89
N SER C 261 -69.24 10.82 -10.88
CA SER C 261 -68.38 9.64 -11.05
C SER C 261 -66.91 9.98 -10.84
N SER C 262 -66.62 11.21 -10.44
CA SER C 262 -65.27 11.61 -10.10
C SER C 262 -64.81 10.85 -8.87
N GLU C 263 -63.57 10.38 -8.89
CA GLU C 263 -63.05 9.58 -7.77
C GLU C 263 -62.32 10.45 -6.76
N PHE C 264 -62.27 11.74 -7.03
CA PHE C 264 -61.52 12.66 -6.20
C PHE C 264 -62.34 13.25 -5.06
N HIS C 265 -62.45 12.49 -3.99
CA HIS C 265 -63.14 12.90 -2.77
C HIS C 265 -62.33 12.54 -1.53
N HIS C 266 -62.84 12.91 -0.36
CA HIS C 266 -62.08 12.80 0.89
C HIS C 266 -61.36 11.47 1.11
N GLN C 267 -62.04 10.34 0.94
CA GLN C 267 -61.37 9.06 1.14
C GLN C 267 -60.10 8.96 0.28
N ASN C 268 -60.23 9.14 -1.03
CA ASN C 268 -59.06 9.06 -1.89
C ASN C 268 -57.96 10.09 -1.59
N LEU C 269 -58.33 11.25 -1.06
CA LEU C 269 -57.30 12.22 -0.67
C LEU C 269 -56.48 11.69 0.50
N ILE C 270 -57.13 11.41 1.63
CA ILE C 270 -56.45 10.83 2.79
C ILE C 270 -55.64 9.59 2.45
N LEU C 271 -56.29 8.55 1.94
CA LEU C 271 -55.62 7.28 1.70
C LEU C 271 -54.57 7.34 0.57
N THR C 272 -54.64 8.36 -0.28
CA THR C 272 -53.59 8.53 -1.29
C THR C 272 -52.38 9.12 -0.63
N VAL C 273 -52.59 10.18 0.16
CA VAL C 273 -51.51 10.85 0.84
C VAL C 273 -50.84 9.93 1.84
N LEU C 274 -51.62 9.12 2.53
CA LEU C 274 -51.01 8.09 3.36
C LEU C 274 -50.13 7.22 2.47
N SER C 275 -50.65 6.79 1.32
CA SER C 275 -49.90 5.93 0.43
C SER C 275 -48.55 6.51 0.04
N LEU C 276 -48.55 7.75 -0.44
CA LEU C 276 -47.31 8.41 -0.83
C LEU C 276 -46.35 8.53 0.34
N PHE C 277 -46.89 8.67 1.54
CA PHE C 277 -46.04 8.74 2.74
C PHE C 277 -45.48 7.37 3.08
N PHE C 278 -46.36 6.42 3.08
CA PHE C 278 -45.97 5.11 3.45
C PHE C 278 -44.99 4.56 2.48
N ALA C 279 -45.29 4.65 1.19
CA ALA C 279 -44.41 4.15 0.16
C ALA C 279 -43.16 4.95 0.03
N GLY C 280 -43.32 6.24 0.04
CA GLY C 280 -42.25 7.18 -0.09
C GLY C 280 -41.25 7.13 1.00
N THR C 281 -41.70 6.91 2.22
CA THR C 281 -40.78 6.93 3.32
C THR C 281 -40.07 5.64 3.61
N GLU C 282 -40.78 4.55 3.84
CA GLU C 282 -40.12 3.21 4.33
CA GLU C 282 -40.08 3.35 4.22
C GLU C 282 -39.15 2.62 3.33
N THR C 283 -39.54 2.37 2.11
CA THR C 283 -38.63 1.73 1.15
C THR C 283 -37.37 2.52 0.78
N THR C 284 -37.52 3.72 0.24
CA THR C 284 -36.37 4.56 -0.13
C THR C 284 -35.38 4.68 1.00
N SER C 285 -35.89 4.54 2.21
CA SER C 285 -35.13 4.85 3.42
C SER C 285 -34.36 3.61 3.89
N THR C 286 -34.95 2.43 3.76
CA THR C 286 -34.21 1.24 4.11
C THR C 286 -33.22 0.87 3.01
N THR C 287 -33.52 1.23 1.76
CA THR C 287 -32.58 1.03 0.66
C THR C 287 -31.27 1.75 0.90
N LEU C 288 -31.33 3.01 1.36
CA LEU C 288 -30.15 3.77 1.74
C LEU C 288 -29.49 3.14 2.97
N ARG C 289 -30.28 2.98 4.01
CA ARG C 289 -29.87 2.33 5.23
C ARG C 289 -29.09 1.06 4.91
N TYR C 290 -29.53 0.33 3.89
CA TYR C 290 -28.88 -0.94 3.55
C TYR C 290 -27.66 -0.75 2.65
N GLY C 291 -27.73 0.20 1.74
CA GLY C 291 -26.56 0.57 0.97
C GLY C 291 -25.40 0.96 1.86
N PHE C 292 -25.67 1.68 2.95
CA PHE C 292 -24.55 2.14 3.76
C PHE C 292 -23.95 1.00 4.58
N LEU C 293 -24.77 0.02 4.92
CA LEU C 293 -24.24 -1.20 5.52
C LEU C 293 -23.32 -1.90 4.51
N LEU C 294 -23.68 -1.88 3.23
CA LEU C 294 -22.81 -2.43 2.19
C LEU C 294 -21.47 -1.69 1.97
N MET C 295 -21.46 -0.36 2.12
CA MET C 295 -20.24 0.43 2.00
C MET C 295 -19.32 0.21 3.19
N LEU C 296 -19.90 -0.16 4.34
CA LEU C 296 -19.10 -0.55 5.49
C LEU C 296 -18.44 -1.90 5.22
N LYS C 297 -19.15 -2.78 4.50
CA LYS C 297 -18.64 -4.10 4.17
C LYS C 297 -17.59 -4.09 3.02
N TYR C 298 -17.78 -3.19 2.06
CA TYR C 298 -16.88 -3.07 0.92
C TYR C 298 -16.26 -1.67 0.82
N PRO C 299 -15.33 -1.35 1.73
CA PRO C 299 -14.71 -0.02 1.65
C PRO C 299 -14.02 0.18 0.33
N HIS C 300 -13.66 -0.88 -0.36
CA HIS C 300 -13.01 -0.72 -1.65
C HIS C 300 -13.94 -0.05 -2.61
N VAL C 301 -15.16 -0.58 -2.72
CA VAL C 301 -16.22 0.03 -3.51
C VAL C 301 -16.44 1.48 -3.10
N THR C 302 -16.76 1.69 -1.83
CA THR C 302 -16.97 3.04 -1.31
C THR C 302 -15.93 4.03 -1.87
N GLU C 303 -14.64 3.70 -1.76
CA GLU C 303 -13.55 4.58 -2.22
C GLU C 303 -13.58 4.81 -3.73
N ARG C 304 -13.84 3.74 -4.48
CA ARG C 304 -14.03 3.90 -5.91
C ARG C 304 -15.16 4.90 -6.24
N VAL C 305 -16.33 4.78 -5.57
CA VAL C 305 -17.42 5.73 -5.76
C VAL C 305 -16.96 7.17 -5.45
N GLN C 306 -16.30 7.34 -4.32
CA GLN C 306 -15.74 8.65 -3.96
C GLN C 306 -14.75 9.20 -5.00
N LYS C 307 -14.02 8.31 -5.68
CA LYS C 307 -13.14 8.76 -6.77
C LYS C 307 -13.94 9.25 -7.98
N GLU C 308 -14.98 8.51 -8.35
CA GLU C 308 -15.80 8.93 -9.47
C GLU C 308 -16.49 10.24 -9.13
N ILE C 309 -16.88 10.42 -7.86
CA ILE C 309 -17.48 11.68 -7.43
C ILE C 309 -16.50 12.82 -7.63
N GLU C 310 -15.26 12.58 -7.26
CA GLU C 310 -14.21 13.57 -7.43
C GLU C 310 -13.91 13.90 -8.91
N GLN C 311 -13.79 12.88 -9.76
CA GLN C 311 -13.42 13.10 -11.17
C GLN C 311 -14.49 13.90 -11.92
N VAL C 312 -15.75 13.67 -11.56
CA VAL C 312 -16.90 14.16 -12.31
C VAL C 312 -17.56 15.36 -11.67
N ILE C 313 -17.86 15.28 -10.39
CA ILE C 313 -18.54 16.36 -9.67
C ILE C 313 -17.51 17.27 -9.00
N GLY C 314 -16.54 16.66 -8.32
CA GLY C 314 -15.56 17.42 -7.58
C GLY C 314 -16.06 17.70 -6.18
N SER C 315 -15.40 18.61 -5.49
CA SER C 315 -15.64 18.74 -4.07
C SER C 315 -16.43 19.99 -3.71
N HIS C 316 -16.79 20.79 -4.70
CA HIS C 316 -17.40 22.08 -4.38
C HIS C 316 -18.89 22.21 -4.72
N ARG C 317 -19.33 21.67 -5.84
CA ARG C 317 -20.73 21.82 -6.17
C ARG C 317 -21.52 20.60 -5.72
N PRO C 318 -22.75 20.79 -5.25
CA PRO C 318 -23.55 19.65 -4.83
C PRO C 318 -23.91 18.74 -6.00
N PRO C 319 -23.86 17.42 -5.81
CA PRO C 319 -24.24 16.48 -6.85
C PRO C 319 -25.60 16.82 -7.46
N ALA C 320 -25.67 16.81 -8.79
CA ALA C 320 -26.90 17.10 -9.52
C ALA C 320 -27.32 15.84 -10.28
N LEU C 321 -28.56 15.77 -10.67
CA LEU C 321 -29.05 14.55 -11.22
C LEU C 321 -28.39 14.09 -12.47
N ASP C 322 -28.04 14.98 -13.37
CA ASP C 322 -27.52 14.54 -14.62
C ASP C 322 -26.06 14.33 -14.54
N ASP C 323 -25.58 14.36 -13.34
CA ASP C 323 -24.26 13.94 -13.04
C ASP C 323 -24.19 12.44 -13.19
N ARG C 324 -25.30 11.77 -13.02
CA ARG C 324 -25.36 10.34 -13.05
C ARG C 324 -25.00 9.64 -14.32
N ALA C 325 -25.47 10.10 -15.44
CA ALA C 325 -25.11 9.53 -16.74
C ALA C 325 -23.61 9.54 -16.93
N LYS C 326 -22.92 10.40 -16.18
CA LYS C 326 -21.46 10.54 -16.25
C LYS C 326 -20.74 9.65 -15.21
N MET C 327 -21.51 8.92 -14.41
CA MET C 327 -20.95 8.17 -13.30
C MET C 327 -21.44 6.72 -13.27
N PRO C 328 -21.18 5.97 -14.35
CA PRO C 328 -21.70 4.60 -14.42
C PRO C 328 -21.31 3.76 -13.23
N TYR C 329 -20.16 4.03 -12.64
CA TYR C 329 -19.73 3.16 -11.55
C TYR C 329 -20.62 3.37 -10.35
N THR C 330 -20.84 4.62 -9.98
CA THR C 330 -21.69 4.89 -8.83
C THR C 330 -23.10 4.42 -9.12
N ASP C 331 -23.53 4.62 -10.36
CA ASP C 331 -24.83 4.19 -10.80
C ASP C 331 -24.92 2.67 -10.66
N ALA C 332 -23.88 1.96 -11.06
CA ALA C 332 -23.88 0.51 -10.93
C ALA C 332 -24.01 0.08 -9.46
N VAL C 333 -23.35 0.79 -8.56
CA VAL C 333 -23.37 0.46 -7.13
C VAL C 333 -24.78 0.67 -6.59
N ILE C 334 -25.48 1.67 -7.10
CA ILE C 334 -26.87 1.88 -6.69
C ILE C 334 -27.79 0.75 -7.19
N HIS C 335 -27.65 0.36 -8.46
CA HIS C 335 -28.40 -0.77 -9.01
C HIS C 335 -28.11 -1.99 -8.16
N GLU C 336 -26.85 -2.19 -7.83
CA GLU C 336 -26.43 -3.40 -7.14
C GLU C 336 -26.83 -3.33 -5.67
N ILE C 337 -26.98 -2.11 -5.17
CA ILE C 337 -27.51 -1.95 -3.83
C ILE C 337 -29.00 -2.32 -3.80
N GLN C 338 -29.74 -1.97 -4.85
CA GLN C 338 -31.16 -2.27 -4.91
C GLN C 338 -31.42 -3.75 -5.15
N ARG C 339 -30.63 -4.38 -6.03
CA ARG C 339 -30.88 -5.77 -6.43
C ARG C 339 -30.64 -6.72 -5.26
N LEU C 340 -29.58 -6.45 -4.53
CA LEU C 340 -29.20 -7.30 -3.43
C LEU C 340 -30.08 -6.98 -2.23
N GLY C 341 -30.31 -5.69 -2.02
CA GLY C 341 -31.11 -5.24 -0.89
C GLY C 341 -32.51 -5.82 -0.92
N ASP C 342 -33.01 -6.02 -2.14
CA ASP C 342 -34.28 -6.69 -2.40
C ASP C 342 -35.42 -6.26 -1.47
N LEU C 343 -35.70 -4.97 -1.43
CA LEU C 343 -36.55 -4.42 -0.37
C LEU C 343 -38.02 -4.84 -0.33
N ILE C 344 -38.52 -5.37 -1.42
CA ILE C 344 -39.85 -5.87 -1.52
C ILE C 344 -39.81 -7.22 -2.20
N PRO C 345 -39.54 -8.28 -1.46
CA PRO C 345 -39.30 -9.62 -1.92
C PRO C 345 -40.37 -10.37 -2.65
N PHE C 346 -41.63 -10.28 -2.28
CA PHE C 346 -42.63 -10.93 -3.06
C PHE C 346 -43.54 -9.99 -3.74
N GLY C 347 -43.06 -8.80 -3.99
CA GLY C 347 -43.88 -7.76 -4.60
C GLY C 347 -45.00 -7.22 -3.72
N VAL C 348 -45.85 -6.40 -4.33
CA VAL C 348 -47.14 -6.06 -3.73
C VAL C 348 -48.09 -6.89 -4.58
N PRO C 349 -49.17 -7.44 -3.98
CA PRO C 349 -50.05 -8.39 -4.66
C PRO C 349 -50.79 -7.81 -5.84
N HIS C 350 -50.88 -8.57 -6.92
CA HIS C 350 -51.70 -8.22 -8.07
C HIS C 350 -52.95 -9.10 -8.05
N THR C 351 -53.89 -8.81 -8.94
CA THR C 351 -54.92 -9.76 -9.34
C THR C 351 -55.11 -9.62 -10.82
N VAL C 352 -55.59 -10.67 -11.46
CA VAL C 352 -55.96 -10.58 -12.88
C VAL C 352 -57.26 -9.81 -12.96
N THR C 353 -57.49 -9.10 -14.06
CA THR C 353 -58.71 -8.32 -14.19
C THR C 353 -59.78 -9.06 -15.00
N LYS C 354 -59.47 -10.32 -15.32
CA LYS C 354 -60.34 -11.15 -16.13
C LYS C 354 -59.83 -12.58 -16.13
N ASP C 355 -60.68 -13.55 -16.42
CA ASP C 355 -60.23 -14.91 -16.68
C ASP C 355 -59.07 -14.83 -17.65
N THR C 356 -57.88 -15.28 -17.23
CA THR C 356 -56.70 -15.17 -18.08
C THR C 356 -56.01 -16.50 -18.34
N GLN C 357 -55.70 -16.75 -19.61
CA GLN C 357 -54.95 -17.93 -20.03
C GLN C 357 -53.46 -17.59 -20.00
N PHE C 358 -52.66 -18.47 -19.41
CA PHE C 358 -51.26 -18.14 -19.16
C PHE C 358 -50.40 -19.38 -18.97
N ARG C 359 -49.53 -19.65 -19.94
CA ARG C 359 -48.69 -20.84 -19.89
C ARG C 359 -49.58 -22.07 -19.79
N GLY C 360 -50.66 -22.07 -20.56
CA GLY C 360 -51.57 -23.20 -20.60
C GLY C 360 -52.41 -23.42 -19.34
N TYR C 361 -52.63 -22.35 -18.58
CA TYR C 361 -53.51 -22.43 -17.44
C TYR C 361 -54.63 -21.42 -17.61
N VAL C 362 -55.68 -21.56 -16.82
CA VAL C 362 -56.66 -20.52 -16.74
C VAL C 362 -56.64 -19.94 -15.34
N ILE C 363 -56.38 -18.64 -15.27
CA ILE C 363 -56.43 -17.91 -14.03
C ILE C 363 -57.71 -17.12 -14.01
N PRO C 364 -58.64 -17.53 -13.12
CA PRO C 364 -59.98 -16.96 -12.89
C PRO C 364 -59.95 -15.49 -12.51
N LYS C 365 -60.85 -14.70 -13.10
CA LYS C 365 -60.94 -13.26 -12.81
C LYS C 365 -60.81 -12.96 -11.31
N ASN C 366 -59.95 -11.98 -11.00
CA ASN C 366 -59.72 -11.50 -9.64
C ASN C 366 -58.98 -12.42 -8.68
N THR C 367 -58.28 -13.41 -9.23
CA THR C 367 -57.41 -14.22 -8.39
C THR C 367 -56.14 -13.43 -8.10
N GLU C 368 -55.60 -13.59 -6.89
CA GLU C 368 -54.42 -12.86 -6.49
C GLU C 368 -53.15 -13.46 -7.12
N VAL C 369 -52.32 -12.60 -7.68
CA VAL C 369 -51.07 -13.03 -8.28
C VAL C 369 -49.92 -12.33 -7.56
N PHE C 370 -49.01 -13.11 -7.00
CA PHE C 370 -47.79 -12.59 -6.38
C PHE C 370 -46.58 -12.69 -7.32
N PRO C 371 -46.15 -11.57 -7.95
CA PRO C 371 -44.87 -11.62 -8.67
C PRO C 371 -43.71 -11.53 -7.68
N VAL C 372 -42.95 -12.61 -7.54
CA VAL C 372 -41.93 -12.67 -6.52
C VAL C 372 -40.68 -11.98 -7.00
N LEU C 373 -40.65 -10.66 -6.84
CA LEU C 373 -39.58 -9.86 -7.38
C LEU C 373 -38.21 -10.39 -6.97
N SER C 374 -38.06 -10.83 -5.72
CA SER C 374 -36.77 -11.30 -5.26
C SER C 374 -36.21 -12.36 -6.18
N SER C 375 -37.10 -13.19 -6.71
CA SER C 375 -36.68 -14.34 -7.51
C SER C 375 -36.17 -13.96 -8.91
N ALA C 376 -36.38 -12.71 -9.30
CA ALA C 376 -35.82 -12.18 -10.54
C ALA C 376 -34.52 -11.45 -10.22
N LEU C 377 -34.53 -10.76 -9.09
CA LEU C 377 -33.35 -10.06 -8.62
C LEU C 377 -32.21 -11.04 -8.36
N HIS C 378 -32.53 -12.19 -7.77
CA HIS C 378 -31.50 -13.22 -7.56
C HIS C 378 -31.58 -14.34 -8.60
N ASP C 379 -32.22 -14.05 -9.73
CA ASP C 379 -32.39 -15.01 -10.81
C ASP C 379 -31.07 -15.35 -11.53
N PRO C 380 -30.61 -16.61 -11.41
CA PRO C 380 -29.29 -16.99 -11.92
C PRO C 380 -29.23 -17.01 -13.44
N ARG C 381 -30.35 -17.12 -14.10
CA ARG C 381 -30.36 -17.08 -15.52
C ARG C 381 -29.81 -15.73 -15.87
N TYR C 382 -30.05 -14.76 -15.01
CA TYR C 382 -29.57 -13.42 -15.26
C TYR C 382 -28.41 -12.85 -14.48
N PHE C 383 -28.08 -13.42 -13.35
CA PHE C 383 -26.96 -12.91 -12.61
C PHE C 383 -25.97 -13.98 -12.17
N GLU C 384 -24.72 -13.90 -12.60
CA GLU C 384 -23.67 -14.77 -12.10
C GLU C 384 -23.61 -14.63 -10.59
N THR C 385 -23.66 -15.76 -9.89
CA THR C 385 -23.46 -15.75 -8.44
C THR C 385 -24.25 -14.70 -7.63
N PRO C 386 -25.59 -14.73 -7.80
CA PRO C 386 -26.56 -13.68 -7.44
C PRO C 386 -26.63 -13.26 -5.98
N ASN C 387 -26.07 -14.06 -5.09
CA ASN C 387 -26.18 -13.79 -3.65
C ASN C 387 -25.00 -13.04 -3.06
N THR C 388 -24.13 -12.56 -3.95
CA THR C 388 -23.01 -11.73 -3.54
C THR C 388 -23.16 -10.33 -4.12
N PHE C 389 -22.66 -9.35 -3.40
CA PHE C 389 -22.67 -7.99 -3.88
C PHE C 389 -21.59 -7.64 -4.90
N ASN C 390 -21.98 -7.46 -6.16
CA ASN C 390 -21.03 -7.01 -7.16
C ASN C 390 -21.57 -6.07 -8.19
N PRO C 391 -21.13 -4.81 -8.12
CA PRO C 391 -21.53 -3.76 -9.04
C PRO C 391 -21.33 -4.16 -10.51
N GLY C 392 -20.41 -5.10 -10.75
CA GLY C 392 -20.11 -5.56 -12.09
C GLY C 392 -21.27 -6.20 -12.83
N HIS C 393 -22.31 -6.59 -12.10
CA HIS C 393 -23.52 -7.10 -12.74
C HIS C 393 -24.06 -6.07 -13.71
N PHE C 394 -23.74 -4.80 -13.46
CA PHE C 394 -24.27 -3.71 -14.24
C PHE C 394 -23.18 -2.97 -14.99
N LEU C 395 -22.02 -3.60 -15.14
CA LEU C 395 -20.95 -2.98 -15.93
C LEU C 395 -20.50 -3.79 -17.15
N ASP C 396 -20.15 -3.12 -18.24
CA ASP C 396 -19.61 -3.82 -19.40
C ASP C 396 -18.07 -3.70 -19.46
N ALA C 397 -17.44 -4.25 -20.49
CA ALA C 397 -15.97 -4.22 -20.53
C ALA C 397 -15.39 -2.85 -20.31
N ASN C 398 -16.13 -1.81 -20.70
CA ASN C 398 -15.61 -0.44 -20.68
C ASN C 398 -16.04 0.39 -19.51
N GLY C 399 -16.66 -0.25 -18.52
CA GLY C 399 -17.05 0.45 -17.32
C GLY C 399 -18.24 1.35 -17.56
N ALA C 400 -19.00 1.06 -18.62
CA ALA C 400 -20.27 1.74 -18.89
C ALA C 400 -21.43 0.95 -18.30
N LEU C 401 -22.48 1.66 -17.89
CA LEU C 401 -23.62 1.02 -17.26
C LEU C 401 -24.23 0.04 -18.25
N LYS C 402 -24.68 -1.12 -17.75
CA LYS C 402 -25.19 -2.21 -18.58
C LYS C 402 -26.58 -2.67 -18.13
N ARG C 403 -27.59 -2.43 -18.97
CA ARG C 403 -28.96 -2.86 -18.66
C ARG C 403 -29.05 -4.37 -18.46
N ASN C 404 -29.91 -4.80 -17.54
CA ASN C 404 -30.14 -6.22 -17.24
C ASN C 404 -31.64 -6.51 -16.99
N GLU C 405 -32.24 -7.36 -17.83
CA GLU C 405 -33.69 -7.62 -17.76
C GLU C 405 -34.10 -8.19 -16.41
N GLY C 406 -33.17 -8.83 -15.73
CA GLY C 406 -33.46 -9.42 -14.45
C GLY C 406 -33.74 -8.34 -13.42
N PHE C 407 -33.27 -7.15 -13.68
CA PHE C 407 -33.34 -6.09 -12.72
C PHE C 407 -34.63 -5.32 -12.77
N MET C 408 -35.53 -5.68 -11.87
CA MET C 408 -36.82 -5.06 -11.73
C MET C 408 -37.18 -4.82 -10.29
N PRO C 409 -36.47 -3.93 -9.62
CA PRO C 409 -36.71 -3.58 -8.23
C PRO C 409 -38.05 -2.91 -7.98
N PHE C 410 -38.51 -2.14 -8.93
CA PHE C 410 -39.74 -1.43 -8.80
C PHE C 410 -40.82 -2.22 -9.46
N SER C 411 -40.49 -3.38 -9.94
CA SER C 411 -41.44 -4.22 -10.66
C SER C 411 -41.65 -3.68 -12.05
N LEU C 412 -42.62 -4.27 -12.76
CA LEU C 412 -42.82 -3.96 -14.15
C LEU C 412 -44.27 -3.70 -14.47
N GLY C 413 -44.53 -3.30 -15.70
CA GLY C 413 -45.88 -3.28 -16.23
C GLY C 413 -46.64 -2.07 -15.76
N LYS C 414 -47.97 -2.20 -15.73
CA LYS C 414 -48.83 -1.04 -15.50
C LYS C 414 -48.91 -0.59 -14.05
N ARG C 415 -48.45 -1.44 -13.14
CA ARG C 415 -48.42 -1.10 -11.71
C ARG C 415 -47.04 -0.66 -11.24
N ILE C 416 -46.06 -0.69 -12.14
CA ILE C 416 -44.68 -0.37 -11.81
C ILE C 416 -44.68 0.88 -10.94
N CYS C 417 -43.73 0.95 -10.01
CA CYS C 417 -43.75 2.01 -9.00
C CYS C 417 -44.06 3.39 -9.63
N ALA C 418 -44.95 4.11 -8.97
CA ALA C 418 -45.36 5.44 -9.39
C ALA C 418 -44.35 6.45 -8.89
N GLY C 419 -43.50 5.99 -7.98
CA GLY C 419 -42.49 6.83 -7.35
C GLY C 419 -41.08 6.66 -7.89
N GLU C 420 -40.90 5.72 -8.82
CA GLU C 420 -39.57 5.25 -9.18
C GLU C 420 -38.57 6.30 -9.63
N GLY C 421 -39.02 7.38 -10.27
CA GLY C 421 -38.11 8.46 -10.60
C GLY C 421 -37.74 9.32 -9.39
N ILE C 422 -38.71 9.53 -8.50
CA ILE C 422 -38.40 10.16 -7.23
C ILE C 422 -37.44 9.25 -6.45
N ALA C 423 -37.75 7.96 -6.42
CA ALA C 423 -36.93 7.06 -5.64
C ALA C 423 -35.49 7.04 -6.18
N ARG C 424 -35.32 6.82 -7.48
CA ARG C 424 -33.98 6.76 -8.03
C ARG C 424 -33.19 8.04 -7.76
N THR C 425 -33.85 9.18 -7.91
CA THR C 425 -33.20 10.46 -7.70
C THR C 425 -32.73 10.65 -6.25
N GLU C 426 -33.55 10.23 -5.30
CA GLU C 426 -33.19 10.29 -3.89
C GLU C 426 -31.96 9.44 -3.66
N LEU C 427 -31.95 8.22 -4.18
CA LEU C 427 -30.80 7.35 -4.01
C LEU C 427 -29.53 8.01 -4.58
N PHE C 428 -29.58 8.47 -5.83
CA PHE C 428 -28.37 9.03 -6.42
C PHE C 428 -27.90 10.23 -5.63
N LEU C 429 -28.80 11.15 -5.35
CA LEU C 429 -28.41 12.42 -4.75
C LEU C 429 -27.99 12.32 -3.29
N PHE C 430 -28.61 11.42 -2.56
CA PHE C 430 -28.26 11.25 -1.15
C PHE C 430 -26.95 10.47 -1.01
N PHE C 431 -26.85 9.36 -1.73
CA PHE C 431 -25.62 8.59 -1.79
CA PHE C 431 -25.62 8.58 -1.80
C PHE C 431 -24.43 9.46 -2.20
N THR C 432 -24.55 10.17 -3.32
CA THR C 432 -23.41 10.97 -3.73
C THR C 432 -23.14 12.09 -2.74
N THR C 433 -24.16 12.85 -2.38
CA THR C 433 -23.95 14.04 -1.57
C THR C 433 -23.42 13.74 -0.18
N ILE C 434 -23.77 12.57 0.37
CA ILE C 434 -23.21 12.14 1.64
C ILE C 434 -21.74 11.79 1.45
N LEU C 435 -21.44 10.98 0.43
CA LEU C 435 -20.09 10.52 0.16
C LEU C 435 -19.15 11.60 -0.39
N GLN C 436 -19.67 12.57 -1.11
CA GLN C 436 -18.85 13.72 -1.48
C GLN C 436 -18.29 14.41 -0.23
N ASN C 437 -19.09 14.43 0.83
CA ASN C 437 -18.81 15.21 2.02
C ASN C 437 -18.31 14.40 3.22
N PHE C 438 -18.44 13.08 3.17
CA PHE C 438 -18.08 12.26 4.32
C PHE C 438 -17.41 10.95 3.95
N SER C 439 -16.50 10.54 4.83
CA SER C 439 -16.00 9.19 4.82
C SER C 439 -16.72 8.42 5.93
N ILE C 440 -16.97 7.14 5.72
CA ILE C 440 -17.72 6.39 6.70
C ILE C 440 -16.85 5.32 7.33
N ALA C 441 -17.11 5.05 8.60
CA ALA C 441 -16.42 3.98 9.33
C ALA C 441 -17.39 3.35 10.29
N SER C 442 -17.06 2.12 10.70
CA SER C 442 -17.84 1.36 11.64
C SER C 442 -16.90 0.72 12.62
N PRO C 443 -17.33 0.55 13.86
CA PRO C 443 -16.50 -0.13 14.86
C PRO C 443 -16.38 -1.62 14.55
N VAL C 444 -17.04 -2.08 13.48
CA VAL C 444 -17.02 -3.48 13.10
C VAL C 444 -16.27 -3.69 11.80
N PRO C 445 -15.33 -4.65 11.82
CA PRO C 445 -14.57 -5.01 10.62
C PRO C 445 -15.47 -5.53 9.52
N PRO C 446 -15.19 -5.15 8.27
CA PRO C 446 -16.04 -5.54 7.14
C PRO C 446 -16.35 -7.04 7.08
N GLU C 447 -15.42 -7.89 7.48
CA GLU C 447 -15.64 -9.32 7.29
C GLU C 447 -16.71 -9.85 8.23
N ASP C 448 -17.00 -9.06 9.26
CA ASP C 448 -17.92 -9.45 10.32
C ASP C 448 -19.35 -9.00 10.07
N ILE C 449 -19.54 -8.08 9.13
CA ILE C 449 -20.84 -7.50 8.87
C ILE C 449 -21.79 -8.50 8.24
N ASP C 450 -23.00 -8.62 8.82
CA ASP C 450 -24.02 -9.53 8.31
C ASP C 450 -25.15 -8.73 7.67
N LEU C 451 -25.41 -8.98 6.39
CA LEU C 451 -26.47 -8.29 5.66
C LEU C 451 -27.86 -8.93 5.84
N THR C 452 -27.97 -9.94 6.70
CA THR C 452 -29.22 -10.67 6.82
C THR C 452 -30.26 -9.82 7.50
N PRO C 453 -31.38 -9.59 6.80
CA PRO C 453 -32.44 -8.71 7.27
C PRO C 453 -32.89 -9.07 8.68
N ARG C 454 -33.16 -8.07 9.52
CA ARG C 454 -33.71 -8.35 10.85
C ARG C 454 -35.14 -8.89 10.77
N GLU C 455 -35.86 -8.42 9.77
CA GLU C 455 -37.24 -8.83 9.54
C GLU C 455 -37.44 -8.96 8.05
N SER C 456 -37.98 -10.09 7.60
CA SER C 456 -38.29 -10.24 6.18
C SER C 456 -39.75 -10.61 6.03
N GLY C 457 -40.44 -9.86 5.21
CA GLY C 457 -41.86 -10.00 5.03
C GLY C 457 -42.21 -9.33 3.72
N VAL C 458 -43.25 -8.52 3.73
CA VAL C 458 -43.66 -7.85 2.52
C VAL C 458 -42.59 -6.81 2.21
N GLY C 459 -41.79 -6.54 3.24
CA GLY C 459 -40.63 -5.71 3.09
C GLY C 459 -39.43 -6.42 3.69
N ASN C 460 -38.23 -5.95 3.35
CA ASN C 460 -37.00 -6.34 4.04
C ASN C 460 -36.57 -5.22 4.93
N VAL C 461 -36.29 -5.55 6.18
CA VAL C 461 -35.75 -4.58 7.12
C VAL C 461 -34.35 -4.99 7.51
N PRO C 462 -33.36 -4.19 7.09
CA PRO C 462 -31.96 -4.50 7.42
C PRO C 462 -31.69 -4.28 8.89
N PRO C 463 -30.69 -4.98 9.43
CA PRO C 463 -30.28 -4.87 10.84
C PRO C 463 -29.83 -3.46 11.14
N SER C 464 -30.02 -3.00 12.36
CA SER C 464 -29.54 -1.66 12.71
C SER C 464 -28.06 -1.84 12.94
N TYR C 465 -27.32 -0.74 12.81
CA TYR C 465 -25.86 -0.79 12.89
C TYR C 465 -25.30 0.58 13.25
N GLN C 466 -24.10 0.60 13.82
CA GLN C 466 -23.42 1.85 14.17
C GLN C 466 -22.53 2.30 13.02
N ILE C 467 -22.56 3.59 12.71
CA ILE C 467 -21.80 4.17 11.61
C ILE C 467 -21.41 5.60 11.96
N ARG C 468 -20.18 5.99 11.65
CA ARG C 468 -19.79 7.39 11.84
C ARG C 468 -19.57 8.06 10.50
N PHE C 469 -19.89 9.35 10.42
CA PHE C 469 -19.70 10.12 9.20
C PHE C 469 -18.63 11.14 9.46
N LEU C 470 -17.45 10.88 8.93
CA LEU C 470 -16.29 11.74 9.14
C LEU C 470 -16.18 12.82 8.06
N ALA C 471 -16.19 14.08 8.48
CA ALA C 471 -16.14 15.17 7.51
C ALA C 471 -14.82 15.20 6.74
N ARG C 472 -14.90 15.40 5.43
CA ARG C 472 -13.72 15.39 4.56
C ARG C 472 -13.09 16.79 4.34
N HIS C 473 -11.77 16.80 4.10
CA HIS C 473 -11.04 18.03 3.71
C HIS C 473 -10.64 18.03 2.23
N GLY D 9 49.25 37.68 -0.07
CA GLY D 9 49.34 36.24 -0.23
C GLY D 9 49.30 35.44 1.07
N LYS D 10 50.13 34.41 1.12
CA LYS D 10 50.22 33.49 2.27
C LYS D 10 49.53 32.14 2.02
N LEU D 11 50.24 31.05 2.33
CA LEU D 11 49.65 29.72 2.35
C LEU D 11 48.91 29.56 3.68
N PRO D 12 48.08 28.52 3.80
CA PRO D 12 47.42 28.30 5.07
C PRO D 12 48.48 27.96 6.11
N PRO D 13 48.13 28.00 7.36
CA PRO D 13 49.02 27.84 8.50
C PRO D 13 49.61 26.48 8.55
N GLY D 14 50.80 26.31 9.06
CA GLY D 14 51.33 24.97 9.20
C GLY D 14 52.54 24.88 10.08
N PRO D 15 52.88 23.69 10.49
CA PRO D 15 54.13 23.50 11.18
C PRO D 15 55.17 23.83 10.16
N SER D 16 56.24 24.51 10.57
CA SER D 16 57.29 24.93 9.66
C SER D 16 58.24 23.81 9.39
N PRO D 17 58.49 23.55 8.13
CA PRO D 17 59.23 22.40 7.65
C PRO D 17 60.73 22.44 7.79
N LEU D 18 61.35 21.27 7.65
CA LEU D 18 62.78 21.20 7.57
C LEU D 18 63.04 20.87 6.14
N PRO D 19 63.86 21.66 5.49
CA PRO D 19 64.00 21.47 4.07
C PRO D 19 64.50 20.09 3.80
N VAL D 20 63.79 19.44 2.90
CA VAL D 20 64.14 18.13 2.43
C VAL D 20 63.62 17.03 3.34
N LEU D 21 63.16 17.39 4.52
CA LEU D 21 62.57 16.43 5.42
C LEU D 21 61.19 16.94 5.72
N GLY D 22 60.96 18.17 5.33
CA GLY D 22 59.66 18.79 5.48
C GLY D 22 59.15 18.68 6.90
N ASN D 23 57.90 18.25 7.06
CA ASN D 23 57.29 18.14 8.37
C ASN D 23 57.35 16.74 8.95
N LEU D 24 58.27 15.93 8.43
CA LEU D 24 58.47 14.57 8.90
C LEU D 24 58.50 14.46 10.41
N LEU D 25 58.79 15.57 11.09
CA LEU D 25 58.83 15.59 12.55
C LEU D 25 57.49 15.93 13.21
N GLN D 26 56.56 16.47 12.42
CA GLN D 26 55.23 16.82 12.92
C GLN D 26 54.17 15.82 12.48
N MET D 27 54.64 14.69 11.95
CA MET D 27 53.77 13.61 11.48
C MET D 27 53.66 12.47 12.49
N ASP D 28 52.81 11.50 12.19
CA ASP D 28 52.52 10.41 13.12
C ASP D 28 52.77 9.00 12.54
N ARG D 29 53.49 8.16 13.28
CA ARG D 29 53.86 6.83 12.81
C ARG D 29 52.67 6.00 12.35
N LYS D 30 51.46 6.43 12.70
CA LYS D 30 50.24 5.71 12.32
C LYS D 30 50.08 5.65 10.80
N GLY D 31 50.07 6.82 10.17
CA GLY D 31 49.99 6.93 8.73
C GLY D 31 49.68 8.35 8.32
N LEU D 32 49.61 8.59 7.01
CA LEU D 32 49.32 9.92 6.50
C LEU D 32 48.06 10.49 7.12
N LEU D 33 47.01 9.69 7.19
CA LEU D 33 45.70 10.17 7.66
C LEU D 33 45.70 10.65 9.09
N ARG D 34 46.21 9.84 10.02
CA ARG D 34 46.26 10.26 11.42
C ARG D 34 47.12 11.53 11.52
N SER D 35 48.26 11.52 10.82
CA SER D 35 49.16 12.67 10.74
C SER D 35 48.41 13.92 10.33
N PHE D 36 47.54 13.79 9.33
CA PHE D 36 46.72 14.91 8.87
C PHE D 36 45.70 15.32 9.92
N LEU D 37 45.07 14.34 10.55
CA LEU D 37 44.02 14.64 11.51
C LEU D 37 44.57 15.25 12.78
N ARG D 38 45.75 14.80 13.21
CA ARG D 38 46.38 15.37 14.39
C ARG D 38 46.80 16.83 14.18
N LEU D 39 47.44 17.12 13.05
CA LEU D 39 47.74 18.51 12.71
C LEU D 39 46.47 19.36 12.75
N ARG D 40 45.38 18.83 12.19
CA ARG D 40 44.13 19.56 12.17
C ARG D 40 43.88 20.28 13.49
N GLU D 41 44.02 19.56 14.60
CA GLU D 41 43.77 20.13 15.92
C GLU D 41 44.48 21.47 16.11
N LYS D 42 45.79 21.46 15.96
CA LYS D 42 46.64 22.63 16.19
C LYS D 42 46.37 23.77 15.19
N TYR D 43 46.14 23.45 13.92
CA TYR D 43 46.12 24.47 12.87
C TYR D 43 44.76 24.79 12.25
N GLY D 44 43.75 23.98 12.54
CA GLY D 44 42.42 24.21 12.00
C GLY D 44 42.06 23.37 10.79
N ASP D 45 40.93 23.72 10.15
CA ASP D 45 40.35 22.89 9.10
C ASP D 45 41.10 22.99 7.77
N VAL D 46 41.78 24.11 7.56
CA VAL D 46 42.62 24.30 6.37
C VAL D 46 44.05 24.59 6.80
N PHE D 47 45.00 23.79 6.32
CA PHE D 47 46.40 23.98 6.68
C PHE D 47 47.40 23.44 5.65
N THR D 48 48.68 23.69 5.87
CA THR D 48 49.71 23.31 4.91
C THR D 48 50.78 22.44 5.54
N VAL D 49 51.05 21.30 4.91
CA VAL D 49 52.04 20.36 5.41
C VAL D 49 52.99 20.03 4.27
N TYR D 50 54.24 19.75 4.61
CA TYR D 50 55.26 19.44 3.62
C TYR D 50 55.65 17.98 3.65
N LEU D 51 55.39 17.31 2.54
CA LEU D 51 55.67 15.90 2.39
C LEU D 51 56.95 15.82 1.61
N GLY D 52 58.06 15.90 2.34
CA GLY D 52 59.37 15.98 1.74
C GLY D 52 59.61 17.39 1.24
N SER D 53 59.78 17.52 -0.07
CA SER D 53 59.85 18.83 -0.71
C SER D 53 58.44 19.40 -0.84
N ARG D 54 57.50 18.51 -1.16
CA ARG D 54 56.14 18.84 -1.58
C ARG D 54 55.27 19.58 -0.54
N PRO D 55 54.78 20.78 -0.90
CA PRO D 55 53.80 21.45 -0.04
C PRO D 55 52.39 21.05 -0.46
N VAL D 56 51.59 20.55 0.47
CA VAL D 56 50.20 20.19 0.18
C VAL D 56 49.24 20.88 1.14
N VAL D 57 48.23 21.55 0.59
CA VAL D 57 47.17 22.13 1.42
C VAL D 57 46.16 21.06 1.81
N VAL D 58 45.87 20.94 3.11
CA VAL D 58 44.91 19.94 3.58
C VAL D 58 43.55 20.59 3.87
N LEU D 59 42.46 19.90 3.57
CA LEU D 59 41.11 20.42 3.81
C LEU D 59 40.29 19.45 4.66
N CYS D 60 39.78 19.90 5.78
CA CYS D 60 39.12 19.00 6.69
C CYS D 60 37.75 19.42 7.11
N GLY D 61 36.83 18.49 7.19
CA GLY D 61 35.50 18.81 7.62
C GLY D 61 34.64 19.08 6.44
N THR D 62 33.36 18.95 6.58
CA THR D 62 32.54 19.05 5.42
C THR D 62 32.62 20.38 4.78
N ASP D 63 32.52 21.40 5.57
CA ASP D 63 32.39 22.76 5.08
C ASP D 63 33.58 23.24 4.34
N ALA D 64 34.76 22.92 4.82
CA ALA D 64 35.93 23.33 4.09
C ALA D 64 36.02 22.67 2.74
N ILE D 65 35.81 21.37 2.70
CA ILE D 65 35.91 20.64 1.48
C ILE D 65 34.88 21.10 0.52
N ARG D 66 33.70 21.40 1.02
CA ARG D 66 32.61 21.78 0.14
C ARG D 66 32.83 23.18 -0.41
N GLU D 67 33.43 24.04 0.41
CA GLU D 67 33.71 25.40 0.02
C GLU D 67 34.64 25.40 -1.16
N ALA D 68 35.61 24.51 -1.16
CA ALA D 68 36.58 24.42 -2.23
C ALA D 68 36.20 23.65 -3.45
N LEU D 69 35.82 22.40 -3.27
CA LEU D 69 35.46 21.52 -4.36
C LEU D 69 34.22 21.96 -5.06
N VAL D 70 33.30 22.51 -4.32
CA VAL D 70 32.07 22.95 -4.91
C VAL D 70 31.93 24.44 -5.21
N ASP D 71 32.31 25.25 -4.25
CA ASP D 71 32.25 26.66 -4.42
C ASP D 71 33.21 27.15 -5.47
N GLN D 72 34.38 26.59 -5.53
CA GLN D 72 35.32 27.01 -6.53
C GLN D 72 35.66 25.77 -7.23
N ALA D 73 34.69 25.28 -7.95
CA ALA D 73 34.87 24.02 -8.59
C ALA D 73 35.93 24.01 -9.64
N GLU D 74 35.91 24.96 -10.55
CA GLU D 74 36.82 24.95 -11.66
C GLU D 74 38.20 25.14 -11.13
N ALA D 75 38.26 25.92 -10.10
CA ALA D 75 39.54 26.21 -9.47
C ALA D 75 40.21 24.93 -8.97
N PHE D 76 39.48 24.15 -8.17
CA PHE D 76 40.06 22.93 -7.59
C PHE D 76 39.84 21.71 -8.46
N SER D 77 39.64 21.89 -9.76
CA SER D 77 39.39 20.77 -10.67
C SER D 77 40.66 19.98 -11.04
N GLY D 78 41.79 20.35 -10.45
CA GLY D 78 43.05 19.76 -10.83
C GLY D 78 43.37 18.48 -10.09
N ARG D 79 44.22 17.67 -10.72
CA ARG D 79 44.57 16.35 -10.21
C ARG D 79 46.04 16.27 -9.83
N GLY D 80 46.32 15.77 -8.62
CA GLY D 80 47.68 15.57 -8.17
C GLY D 80 48.25 14.22 -8.57
N LYS D 81 49.32 13.83 -7.89
CA LYS D 81 49.94 12.54 -8.16
C LYS D 81 50.00 11.70 -6.88
N ILE D 82 50.00 10.38 -7.05
CA ILE D 82 50.14 9.44 -5.94
C ILE D 82 51.45 8.71 -6.20
N ALA D 83 52.49 9.07 -5.45
CA ALA D 83 53.85 8.66 -5.78
C ALA D 83 54.05 7.21 -6.25
N VAL D 84 53.38 6.25 -5.61
CA VAL D 84 53.64 4.84 -5.90
C VAL D 84 53.05 4.36 -7.22
N VAL D 85 52.22 5.19 -7.85
CA VAL D 85 51.65 4.82 -9.15
C VAL D 85 51.88 5.85 -10.24
N ASP D 86 52.52 6.96 -9.90
CA ASP D 86 52.81 7.98 -10.91
C ASP D 86 53.70 7.44 -12.03
N PRO D 87 54.74 6.67 -11.67
CA PRO D 87 55.54 6.03 -12.72
C PRO D 87 54.69 5.31 -13.76
N ILE D 88 53.52 4.83 -13.37
CA ILE D 88 52.67 4.11 -14.31
C ILE D 88 51.78 5.07 -15.09
N PHE D 89 51.10 5.96 -14.40
CA PHE D 89 50.14 6.82 -15.07
C PHE D 89 50.77 8.03 -15.74
N GLN D 90 51.70 8.69 -15.05
CA GLN D 90 52.44 9.83 -15.58
C GLN D 90 51.54 10.90 -16.20
N GLY D 91 50.34 11.05 -15.65
CA GLY D 91 49.46 12.11 -16.10
C GLY D 91 48.64 11.70 -17.28
N TYR D 92 48.61 10.41 -17.57
CA TYR D 92 47.73 9.87 -18.59
C TYR D 92 46.54 9.14 -17.98
N GLY D 93 45.50 8.92 -18.79
CA GLY D 93 44.35 8.18 -18.31
C GLY D 93 43.36 9.07 -17.60
N VAL D 94 42.10 8.65 -17.63
CA VAL D 94 40.98 9.46 -17.17
C VAL D 94 41.07 9.90 -15.71
N ILE D 95 41.69 9.10 -14.85
CA ILE D 95 41.85 9.52 -13.47
C ILE D 95 42.88 10.65 -13.35
N PHE D 96 44.10 10.37 -13.81
CA PHE D 96 45.27 11.22 -13.50
C PHE D 96 45.62 12.30 -14.52
N ALA D 97 44.85 12.35 -15.60
CA ALA D 97 44.95 13.42 -16.58
C ALA D 97 44.68 14.77 -15.93
N ASN D 98 45.06 15.83 -16.63
CA ASN D 98 44.74 17.19 -16.22
C ASN D 98 44.35 17.96 -17.47
N GLY D 99 43.97 19.22 -17.28
CA GLY D 99 43.63 20.08 -18.40
C GLY D 99 42.79 19.44 -19.49
N GLU D 100 42.99 19.87 -20.72
CA GLU D 100 42.12 19.46 -21.81
C GLU D 100 42.13 17.94 -22.06
N ARG D 101 43.24 17.27 -21.71
CA ARG D 101 43.26 15.82 -21.79
C ARG D 101 42.23 15.17 -20.85
N TRP D 102 42.21 15.65 -19.60
CA TRP D 102 41.25 15.18 -18.62
C TRP D 102 39.80 15.50 -19.04
N ARG D 103 39.56 16.73 -19.46
CA ARG D 103 38.21 17.16 -19.83
C ARG D 103 37.64 16.36 -20.97
N ALA D 104 38.50 15.84 -21.84
CA ALA D 104 38.03 15.08 -23.00
C ALA D 104 37.89 13.61 -22.65
N LEU D 105 38.83 13.14 -21.83
CA LEU D 105 38.81 11.76 -21.43
C LEU D 105 37.62 11.51 -20.52
N ARG D 106 37.25 12.52 -19.73
CA ARG D 106 36.11 12.35 -18.86
C ARG D 106 34.81 12.40 -19.65
N ARG D 107 34.62 13.40 -20.50
CA ARG D 107 33.41 13.49 -21.32
CA ARG D 107 33.42 13.49 -21.32
C ARG D 107 33.19 12.15 -22.02
N PHE D 108 34.25 11.58 -22.58
CA PHE D 108 34.16 10.29 -23.27
C PHE D 108 33.80 9.14 -22.36
N SER D 109 34.52 9.01 -21.26
CA SER D 109 34.34 7.88 -20.36
C SER D 109 32.92 7.81 -19.81
N LEU D 110 32.32 8.96 -19.53
CA LEU D 110 30.97 8.99 -19.00
C LEU D 110 29.96 8.53 -20.03
N ALA D 111 30.03 9.12 -21.22
CA ALA D 111 29.08 8.77 -22.27
C ALA D 111 29.22 7.31 -22.70
N THR D 112 30.44 6.81 -22.68
CA THR D 112 30.69 5.49 -23.23
C THR D 112 30.23 4.42 -22.26
N MET D 113 30.60 4.57 -21.00
CA MET D 113 30.24 3.59 -19.99
C MET D 113 28.74 3.54 -19.72
N ARG D 114 28.05 4.55 -20.19
CA ARG D 114 26.63 4.55 -20.13
C ARG D 114 25.98 3.45 -20.99
N ASP D 115 26.46 3.21 -22.20
CA ASP D 115 25.77 2.26 -23.07
C ASP D 115 26.49 1.11 -23.77
N PHE D 116 27.61 0.66 -23.23
CA PHE D 116 28.30 -0.47 -23.84
C PHE D 116 28.69 -1.45 -22.76
N GLY D 117 28.51 -2.73 -23.06
CA GLY D 117 28.79 -3.84 -22.16
C GLY D 117 28.81 -5.01 -23.06
N MET D 118 29.32 -6.16 -22.65
CA MET D 118 29.27 -7.27 -23.58
C MET D 118 27.78 -7.52 -23.76
N GLY D 119 27.33 -7.55 -25.01
CA GLY D 119 25.95 -7.83 -25.32
C GLY D 119 24.90 -6.76 -25.47
N LYS D 120 25.27 -5.49 -25.41
CA LYS D 120 24.29 -4.40 -25.56
C LYS D 120 23.17 -4.46 -24.53
N ARG D 121 23.56 -4.87 -23.34
CA ARG D 121 22.70 -4.89 -22.20
C ARG D 121 23.13 -3.67 -21.42
N SER D 122 22.26 -3.17 -20.56
CA SER D 122 22.58 -2.00 -19.77
C SER D 122 23.53 -2.33 -18.69
N VAL D 123 24.13 -1.33 -18.10
CA VAL D 123 25.07 -1.62 -17.07
C VAL D 123 24.34 -2.34 -15.98
N GLU D 124 23.12 -1.96 -15.74
CA GLU D 124 22.29 -2.63 -14.79
C GLU D 124 21.99 -4.04 -15.14
N GLU D 125 21.77 -4.32 -16.40
CA GLU D 125 21.53 -5.66 -16.85
C GLU D 125 22.72 -6.55 -16.65
N ARG D 126 23.90 -6.00 -16.81
CA ARG D 126 25.12 -6.79 -16.60
C ARG D 126 25.34 -7.01 -15.15
N ILE D 127 24.99 -6.04 -14.32
CA ILE D 127 25.12 -6.24 -12.88
C ILE D 127 24.13 -7.29 -12.43
N GLN D 128 22.86 -7.15 -12.82
CA GLN D 128 21.89 -8.19 -12.53
C GLN D 128 22.45 -9.56 -12.87
N GLU D 129 23.13 -9.66 -14.01
CA GLU D 129 23.61 -10.94 -14.51
C GLU D 129 24.82 -11.47 -13.75
N GLU D 130 25.73 -10.59 -13.39
CA GLU D 130 26.84 -11.03 -12.57
C GLU D 130 26.25 -11.61 -11.27
N ALA D 131 25.28 -10.89 -10.71
CA ALA D 131 24.70 -11.28 -9.43
C ALA D 131 24.08 -12.65 -9.53
N ARG D 132 23.44 -12.94 -10.65
CA ARG D 132 22.90 -14.27 -10.89
C ARG D 132 24.03 -15.30 -10.82
N CYS D 133 25.11 -15.04 -11.55
CA CYS D 133 26.28 -15.89 -11.51
C CYS D 133 26.83 -16.05 -10.10
N LEU D 134 26.83 -14.95 -9.33
CA LEU D 134 27.38 -14.95 -7.98
C LEU D 134 26.59 -15.88 -7.07
N VAL D 135 25.26 -15.76 -7.14
CA VAL D 135 24.35 -16.58 -6.37
C VAL D 135 24.56 -18.08 -6.64
N GLU D 136 24.84 -18.40 -7.90
CA GLU D 136 25.04 -19.79 -8.28
C GLU D 136 26.34 -20.36 -7.71
N GLU D 137 27.44 -19.65 -7.92
CA GLU D 137 28.71 -20.01 -7.33
C GLU D 137 28.55 -20.22 -5.84
N LEU D 138 27.82 -19.32 -5.17
CA LEU D 138 27.65 -19.42 -3.71
C LEU D 138 26.86 -20.64 -3.29
N ARG D 139 25.85 -21.01 -4.07
CA ARG D 139 25.16 -22.27 -3.79
C ARG D 139 26.12 -23.46 -3.86
N LYS D 140 27.09 -23.41 -4.77
CA LYS D 140 28.06 -24.48 -4.90
C LYS D 140 28.84 -24.72 -3.60
N SER D 141 29.03 -23.67 -2.82
CA SER D 141 29.80 -23.83 -1.58
C SER D 141 29.01 -24.54 -0.49
N LYS D 142 27.72 -24.72 -0.71
CA LYS D 142 26.85 -25.40 0.26
C LYS D 142 26.95 -24.83 1.69
N GLY D 143 27.16 -23.52 1.81
CA GLY D 143 27.15 -22.89 3.12
C GLY D 143 28.41 -23.14 3.95
N ALA D 144 29.44 -23.70 3.32
CA ALA D 144 30.72 -23.83 4.02
C ALA D 144 31.33 -22.47 4.31
N LEU D 145 32.19 -22.43 5.30
CA LEU D 145 32.94 -21.24 5.62
C LEU D 145 33.89 -20.93 4.50
N LEU D 146 33.69 -19.78 3.86
CA LEU D 146 34.69 -19.31 2.90
C LEU D 146 35.22 -17.91 3.25
N ASP D 147 36.27 -17.49 2.56
CA ASP D 147 36.69 -16.10 2.61
C ASP D 147 36.12 -15.45 1.37
N ASN D 148 35.34 -14.38 1.51
CA ASN D 148 34.62 -13.86 0.36
C ASN D 148 35.39 -12.86 -0.47
N THR D 149 36.64 -12.60 -0.08
CA THR D 149 37.48 -11.63 -0.77
C THR D 149 37.59 -11.87 -2.27
N LEU D 150 38.14 -13.01 -2.65
CA LEU D 150 38.33 -13.31 -4.05
C LEU D 150 37.04 -13.14 -4.85
N LEU D 151 35.96 -13.73 -4.35
CA LEU D 151 34.68 -13.70 -5.04
C LEU D 151 34.16 -12.29 -5.15
N PHE D 152 34.24 -11.54 -4.06
CA PHE D 152 33.79 -10.16 -4.07
C PHE D 152 34.61 -9.31 -5.07
N HIS D 153 35.88 -9.66 -5.29
CA HIS D 153 36.69 -8.99 -6.32
C HIS D 153 36.36 -9.47 -7.75
N SER D 154 36.01 -10.74 -7.87
CA SER D 154 35.63 -11.26 -9.17
C SER D 154 34.38 -10.56 -9.71
N ILE D 155 33.39 -10.36 -8.84
CA ILE D 155 32.13 -9.83 -9.35
C ILE D 155 32.24 -8.35 -9.74
N THR D 156 33.18 -7.64 -9.12
CA THR D 156 33.33 -6.22 -9.47
C THR D 156 34.17 -6.09 -10.73
N SER D 157 35.18 -6.95 -10.88
CA SER D 157 35.97 -6.97 -12.09
C SER D 157 35.09 -7.28 -13.28
N ASN D 158 34.29 -8.33 -13.16
CA ASN D 158 33.47 -8.74 -14.29
C ASN D 158 32.58 -7.62 -14.87
N ILE D 159 32.14 -6.69 -14.03
CA ILE D 159 31.31 -5.60 -14.49
C ILE D 159 32.15 -4.74 -15.40
N ILE D 160 33.36 -4.42 -14.96
CA ILE D 160 34.25 -3.56 -15.73
C ILE D 160 34.66 -4.29 -16.99
N CYS D 161 35.13 -5.53 -16.80
CA CYS D 161 35.48 -6.41 -17.90
C CYS D 161 34.41 -6.51 -18.97
N SER D 162 33.16 -6.59 -18.55
CA SER D 162 32.07 -6.70 -19.51
C SER D 162 32.05 -5.39 -20.29
N ILE D 163 32.05 -4.30 -19.56
CA ILE D 163 31.99 -2.97 -20.15
C ILE D 163 33.17 -2.66 -21.06
N VAL D 164 34.37 -3.05 -20.63
CA VAL D 164 35.61 -2.66 -21.32
C VAL D 164 36.10 -3.71 -22.34
N PHE D 165 36.16 -4.97 -21.93
CA PHE D 165 36.56 -6.04 -22.84
C PHE D 165 35.38 -6.75 -23.47
N GLY D 166 34.17 -6.29 -23.18
CA GLY D 166 33.01 -6.85 -23.83
C GLY D 166 32.67 -8.28 -23.47
N LYS D 167 33.26 -8.81 -22.40
CA LYS D 167 33.02 -10.21 -21.99
C LYS D 167 33.24 -10.29 -20.47
N ARG D 168 32.75 -11.37 -19.86
CA ARG D 168 33.03 -11.65 -18.46
C ARG D 168 33.79 -12.96 -18.33
N PHE D 169 34.64 -13.05 -17.32
CA PHE D 169 35.34 -14.30 -17.05
C PHE D 169 34.60 -15.20 -16.09
N ASP D 170 34.70 -16.51 -16.29
CA ASP D 170 34.20 -17.44 -15.30
C ASP D 170 35.09 -17.33 -14.06
N TYR D 171 34.48 -17.41 -12.89
CA TYR D 171 35.21 -17.23 -11.66
C TYR D 171 36.45 -18.13 -11.55
N LYS D 172 36.35 -19.33 -12.10
CA LYS D 172 37.41 -20.32 -11.95
C LYS D 172 38.46 -20.25 -13.07
N ASP D 173 38.17 -19.47 -14.12
CA ASP D 173 39.13 -19.27 -15.22
C ASP D 173 40.49 -18.78 -14.73
N PRO D 174 41.55 -19.45 -15.15
CA PRO D 174 42.89 -19.13 -14.63
C PRO D 174 43.47 -17.81 -15.17
N VAL D 175 43.15 -17.44 -16.41
CA VAL D 175 43.56 -16.14 -16.94
C VAL D 175 43.10 -15.07 -15.95
N PHE D 176 41.83 -15.20 -15.60
CA PHE D 176 41.14 -14.24 -14.76
C PHE D 176 41.72 -14.28 -13.36
N LEU D 177 41.86 -15.49 -12.83
CA LEU D 177 42.42 -15.66 -11.49
C LEU D 177 43.80 -15.00 -11.41
N ARG D 178 44.61 -15.22 -12.44
CA ARG D 178 45.96 -14.63 -12.50
C ARG D 178 45.88 -13.10 -12.55
N LEU D 179 44.90 -12.60 -13.29
CA LEU D 179 44.65 -11.17 -13.39
C LEU D 179 44.35 -10.56 -12.01
N LEU D 180 43.29 -11.08 -11.39
CA LEU D 180 42.89 -10.69 -10.04
C LEU D 180 44.06 -10.79 -9.10
N ASP D 181 44.94 -11.76 -9.37
CA ASP D 181 46.10 -12.01 -8.52
C ASP D 181 46.91 -10.73 -8.37
N LEU D 182 47.47 -10.28 -9.49
CA LEU D 182 48.26 -9.07 -9.56
C LEU D 182 47.56 -7.92 -8.84
N PHE D 183 46.32 -7.69 -9.26
CA PHE D 183 45.49 -6.64 -8.70
C PHE D 183 45.46 -6.65 -7.17
N PHE D 184 45.33 -7.85 -6.60
CA PHE D 184 45.29 -8.05 -5.15
C PHE D 184 46.55 -7.56 -4.48
N GLN D 185 47.69 -8.07 -4.95
CA GLN D 185 49.01 -7.62 -4.52
C GLN D 185 49.11 -6.08 -4.47
N SER D 186 49.08 -5.45 -5.65
CA SER D 186 49.10 -3.98 -5.79
C SER D 186 48.31 -3.21 -4.72
N PHE D 187 47.01 -3.38 -4.70
CA PHE D 187 46.15 -2.52 -3.94
C PHE D 187 46.43 -2.52 -2.45
N SER D 188 46.73 -3.66 -1.89
CA SER D 188 47.09 -3.70 -0.48
C SER D 188 48.45 -3.02 -0.22
N LEU D 189 49.30 -2.99 -1.24
CA LEU D 189 50.59 -2.31 -1.14
C LEU D 189 50.42 -0.81 -1.30
N ILE D 190 49.49 -0.41 -2.16
CA ILE D 190 49.26 1.00 -2.37
C ILE D 190 48.91 1.70 -1.05
N SER D 191 48.28 0.98 -0.14
CA SER D 191 47.91 1.58 1.14
C SER D 191 48.85 1.21 2.27
N SER D 192 49.76 0.28 2.01
CA SER D 192 50.71 -0.18 3.02
C SER D 192 51.53 0.98 3.58
N PHE D 193 52.12 0.75 4.74
CA PHE D 193 52.88 1.79 5.42
C PHE D 193 54.02 2.29 4.53
N SER D 194 54.70 1.36 3.86
CA SER D 194 55.83 1.73 3.01
C SER D 194 55.47 2.77 1.96
N SER D 195 54.34 2.56 1.29
CA SER D 195 53.84 3.45 0.25
C SER D 195 53.45 4.82 0.78
N GLN D 196 53.15 4.91 2.06
CA GLN D 196 52.91 6.22 2.63
C GLN D 196 54.23 6.96 2.83
N VAL D 197 55.28 6.24 3.23
CA VAL D 197 56.60 6.85 3.36
C VAL D 197 57.07 7.29 2.00
N PHE D 198 57.08 6.33 1.08
CA PHE D 198 57.36 6.59 -0.32
C PHE D 198 56.71 7.89 -0.78
N GLU D 199 55.55 8.21 -0.26
CA GLU D 199 54.88 9.44 -0.67
C GLU D 199 55.70 10.68 -0.29
N LEU D 200 56.25 10.69 0.90
CA LEU D 200 57.13 11.77 1.28
C LEU D 200 58.47 11.82 0.55
N PHE D 201 59.06 10.65 0.36
CA PHE D 201 60.43 10.54 -0.07
C PHE D 201 60.66 9.77 -1.33
N SER D 202 59.76 9.88 -2.28
CA SER D 202 59.89 9.17 -3.53
C SER D 202 61.14 9.55 -4.27
N GLY D 203 61.54 10.80 -4.22
CA GLY D 203 62.71 11.14 -4.97
C GLY D 203 63.94 10.40 -4.50
N PHE D 204 64.17 10.38 -3.21
CA PHE D 204 65.25 9.60 -2.67
C PHE D 204 64.97 8.13 -2.72
N LEU D 205 63.81 7.74 -2.23
CA LEU D 205 63.42 6.34 -2.14
C LEU D 205 63.24 5.60 -3.45
N LYS D 206 63.09 6.35 -4.50
CA LYS D 206 62.73 5.78 -5.78
C LYS D 206 63.79 4.79 -6.16
N TYR D 207 65.02 5.10 -5.80
CA TYR D 207 66.15 4.24 -6.08
C TYR D 207 66.31 2.90 -5.41
N PHE D 208 66.27 2.81 -4.10
CA PHE D 208 66.47 1.54 -3.47
C PHE D 208 65.22 0.72 -3.64
N PRO D 209 65.30 -0.58 -3.42
CA PRO D 209 64.17 -1.49 -3.58
C PRO D 209 63.08 -1.18 -2.59
N GLY D 210 61.93 -1.79 -2.78
CA GLY D 210 60.80 -1.50 -1.96
C GLY D 210 59.56 -2.09 -2.56
N THR D 211 58.42 -1.85 -1.96
CA THR D 211 57.16 -2.35 -2.46
C THR D 211 56.79 -1.72 -3.77
N HIS D 212 57.29 -0.52 -4.01
CA HIS D 212 56.91 0.29 -5.14
C HIS D 212 57.33 -0.34 -6.41
N ARG D 213 58.14 -1.36 -6.31
CA ARG D 213 58.69 -2.06 -7.47
C ARG D 213 57.85 -3.25 -7.90
N GLN D 214 57.24 -3.91 -6.93
CA GLN D 214 56.31 -4.98 -7.26
C GLN D 214 54.99 -4.34 -7.62
N ILE D 215 54.67 -3.23 -6.97
CA ILE D 215 53.51 -2.45 -7.34
C ILE D 215 53.68 -2.14 -8.81
N TYR D 216 54.85 -1.61 -9.13
CA TYR D 216 55.17 -1.23 -10.49
C TYR D 216 55.11 -2.40 -11.47
N ARG D 217 55.76 -3.52 -11.14
CA ARG D 217 55.77 -4.63 -12.10
C ARG D 217 54.36 -5.18 -12.30
N ASN D 218 53.67 -5.39 -11.19
CA ASN D 218 52.30 -5.91 -11.22
C ASN D 218 51.42 -5.08 -12.14
N LEU D 219 51.48 -3.77 -11.97
CA LEU D 219 50.63 -2.88 -12.72
C LEU D 219 51.02 -2.92 -14.17
N GLN D 220 52.31 -3.17 -14.44
CA GLN D 220 52.75 -3.30 -15.81
C GLN D 220 52.19 -4.59 -16.44
N GLU D 221 52.34 -5.70 -15.73
CA GLU D 221 51.79 -6.98 -16.19
C GLU D 221 50.32 -6.82 -16.61
N ILE D 222 49.56 -6.09 -15.80
CA ILE D 222 48.14 -5.84 -16.08
C ILE D 222 48.03 -5.07 -17.37
N ASN D 223 48.79 -3.98 -17.47
CA ASN D 223 48.83 -3.17 -18.68
C ASN D 223 49.06 -4.03 -19.91
N THR D 224 49.99 -4.98 -19.79
CA THR D 224 50.30 -5.90 -20.86
C THR D 224 49.07 -6.65 -21.35
N PHE D 225 48.37 -7.32 -20.44
CA PHE D 225 47.12 -8.01 -20.78
C PHE D 225 46.14 -7.06 -21.48
N ILE D 226 46.11 -5.82 -21.02
CA ILE D 226 45.25 -4.83 -21.64
C ILE D 226 45.70 -4.63 -23.07
N GLY D 227 47.01 -4.41 -23.24
CA GLY D 227 47.61 -4.32 -24.56
C GLY D 227 47.09 -5.39 -25.51
N GLN D 228 47.34 -6.66 -25.19
CA GLN D 228 46.82 -7.74 -25.99
C GLN D 228 45.35 -7.53 -26.36
N SER D 229 44.49 -7.40 -25.37
CA SER D 229 43.06 -7.24 -25.63
C SER D 229 42.78 -6.09 -26.61
N VAL D 230 43.53 -4.99 -26.48
CA VAL D 230 43.42 -3.90 -27.43
C VAL D 230 43.70 -4.38 -28.86
N GLU D 231 44.84 -5.06 -29.04
CA GLU D 231 45.20 -5.62 -30.35
C GLU D 231 44.12 -6.55 -30.91
N LYS D 232 43.73 -7.56 -30.12
CA LYS D 232 42.70 -8.50 -30.51
C LYS D 232 41.42 -7.77 -30.90
N HIS D 233 41.22 -6.58 -30.35
CA HIS D 233 40.01 -5.82 -30.60
C HIS D 233 40.13 -5.14 -31.95
N ARG D 234 41.27 -4.49 -32.15
CA ARG D 234 41.60 -3.75 -33.37
C ARG D 234 41.42 -4.61 -34.61
N ALA D 235 41.93 -5.83 -34.57
CA ALA D 235 41.81 -6.79 -35.69
C ALA D 235 40.36 -7.14 -35.97
N THR D 236 39.70 -7.70 -34.98
CA THR D 236 38.30 -8.09 -35.10
C THR D 236 37.39 -6.89 -35.40
N LEU D 237 37.87 -5.70 -35.18
CA LEU D 237 36.99 -4.59 -35.10
C LEU D 237 36.11 -4.41 -36.29
N ASP D 238 34.84 -4.14 -36.02
CA ASP D 238 33.89 -3.83 -37.04
C ASP D 238 33.27 -2.52 -36.67
N PRO D 239 33.26 -1.58 -37.59
CA PRO D 239 32.69 -0.26 -37.37
C PRO D 239 31.21 -0.19 -37.21
N SER D 240 30.51 -1.10 -37.84
CA SER D 240 29.09 -1.16 -37.73
C SER D 240 28.62 -1.47 -36.35
N ASN D 241 29.30 -2.38 -35.67
CA ASN D 241 28.95 -2.75 -34.32
C ASN D 241 30.06 -2.70 -33.32
N PRO D 242 30.02 -1.72 -32.45
CA PRO D 242 30.99 -1.58 -31.38
C PRO D 242 30.64 -2.58 -30.33
N ARG D 243 31.60 -3.13 -29.62
CA ARG D 243 31.27 -4.12 -28.64
C ARG D 243 31.47 -3.65 -27.23
N ASP D 244 32.21 -2.59 -27.04
CA ASP D 244 32.60 -2.17 -25.70
C ASP D 244 33.37 -0.85 -25.68
N PHE D 245 33.90 -0.51 -24.51
CA PHE D 245 34.61 0.74 -24.33
C PHE D 245 35.76 0.82 -25.31
N ILE D 246 36.39 -0.33 -25.55
CA ILE D 246 37.59 -0.37 -26.37
C ILE D 246 37.34 -0.07 -27.85
N ASP D 247 36.33 -0.74 -28.42
CA ASP D 247 35.92 -0.47 -29.79
C ASP D 247 35.51 0.99 -29.91
N VAL D 248 34.66 1.45 -29.03
CA VAL D 248 34.16 2.81 -29.08
C VAL D 248 35.29 3.83 -29.08
N TYR D 249 36.37 3.53 -28.37
CA TYR D 249 37.57 4.37 -28.35
C TYR D 249 38.31 4.31 -29.69
N LEU D 250 38.44 3.10 -30.24
CA LEU D 250 39.13 2.92 -31.52
C LEU D 250 38.40 3.65 -32.65
N LEU D 251 37.06 3.54 -32.69
CA LEU D 251 36.28 4.27 -33.67
C LEU D 251 36.52 5.77 -33.47
N ARG D 252 36.74 6.15 -32.24
CA ARG D 252 37.01 7.55 -31.95
C ARG D 252 38.36 7.95 -32.54
N MET D 253 39.32 7.02 -32.57
CA MET D 253 40.59 7.27 -33.24
C MET D 253 40.41 7.52 -34.75
N GLU D 254 39.83 6.55 -35.46
CA GLU D 254 39.60 6.73 -36.89
C GLU D 254 38.88 8.04 -37.19
N LYS D 255 37.97 8.45 -36.31
CA LYS D 255 37.30 9.72 -36.45
C LYS D 255 38.35 10.81 -36.42
N ASP D 256 39.21 10.77 -35.41
CA ASP D 256 40.17 11.85 -35.14
C ASP D 256 41.51 11.69 -35.86
N LYS D 257 41.54 10.85 -36.90
CA LYS D 257 42.80 10.50 -37.56
C LYS D 257 43.55 11.73 -38.06
N SER D 258 42.82 12.81 -38.32
CA SER D 258 43.43 14.02 -38.87
C SER D 258 43.37 15.19 -37.90
N ASP D 259 43.11 14.89 -36.63
CA ASP D 259 43.12 15.91 -35.58
C ASP D 259 44.34 15.70 -34.70
N PRO D 260 45.35 16.56 -34.87
CA PRO D 260 46.64 16.46 -34.18
C PRO D 260 46.57 16.96 -32.75
N SER D 261 45.37 17.23 -32.26
CA SER D 261 45.20 17.69 -30.90
C SER D 261 44.34 16.71 -30.09
N SER D 262 43.75 15.75 -30.79
CA SER D 262 42.95 14.72 -30.13
C SER D 262 43.82 14.02 -29.10
N GLU D 263 43.22 13.66 -27.97
CA GLU D 263 43.94 12.95 -26.91
C GLU D 263 43.69 11.44 -26.95
N PHE D 264 42.92 11.01 -27.94
CA PHE D 264 42.54 9.61 -28.09
C PHE D 264 43.56 8.76 -28.86
N HIS D 265 44.62 8.43 -28.17
CA HIS D 265 45.71 7.64 -28.69
C HIS D 265 46.07 6.63 -27.65
N HIS D 266 46.98 5.76 -27.99
CA HIS D 266 47.27 4.55 -27.26
C HIS D 266 47.64 4.73 -25.82
N GLN D 267 48.43 5.72 -25.45
CA GLN D 267 48.73 5.79 -24.04
C GLN D 267 47.46 6.02 -23.27
N ASN D 268 46.63 6.94 -23.72
CA ASN D 268 45.38 7.20 -23.03
C ASN D 268 44.38 6.04 -23.06
N LEU D 269 44.47 5.19 -24.08
CA LEU D 269 43.67 3.97 -24.07
C LEU D 269 44.11 3.03 -22.94
N ILE D 270 45.37 2.60 -22.97
CA ILE D 270 45.89 1.67 -21.97
C ILE D 270 45.66 2.18 -20.54
N LEU D 271 46.14 3.38 -20.25
CA LEU D 271 46.09 3.92 -18.90
C LEU D 271 44.68 4.24 -18.45
N THR D 272 43.74 4.37 -19.39
CA THR D 272 42.36 4.65 -19.02
C THR D 272 41.64 3.38 -18.67
N VAL D 273 41.79 2.37 -19.51
CA VAL D 273 41.29 1.04 -19.18
C VAL D 273 41.90 0.59 -17.87
N LEU D 274 43.19 0.84 -17.68
CA LEU D 274 43.80 0.49 -16.42
C LEU D 274 43.10 1.21 -15.27
N SER D 275 42.69 2.44 -15.50
CA SER D 275 42.02 3.21 -14.46
C SER D 275 40.66 2.66 -14.12
N LEU D 276 39.87 2.36 -15.15
CA LEU D 276 38.54 1.81 -14.95
C LEU D 276 38.60 0.44 -14.27
N PHE D 277 39.66 -0.29 -14.49
CA PHE D 277 39.92 -1.49 -13.75
C PHE D 277 40.37 -1.27 -12.33
N PHE D 278 41.29 -0.36 -12.18
CA PHE D 278 41.86 -0.10 -10.89
C PHE D 278 40.85 0.43 -9.98
N ALA D 279 40.12 1.43 -10.45
CA ALA D 279 39.07 2.04 -9.67
C ALA D 279 37.89 1.15 -9.46
N GLY D 280 37.49 0.51 -10.53
CA GLY D 280 36.34 -0.34 -10.50
C GLY D 280 36.45 -1.56 -9.66
N THR D 281 37.55 -2.25 -9.76
CA THR D 281 37.70 -3.41 -8.96
C THR D 281 37.91 -3.19 -7.47
N GLU D 282 38.92 -2.46 -7.11
CA GLU D 282 39.18 -2.29 -5.70
CA GLU D 282 39.21 -2.29 -5.71
C GLU D 282 38.30 -1.63 -4.72
N THR D 283 37.72 -0.49 -5.03
CA THR D 283 36.86 0.21 -4.07
C THR D 283 35.49 -0.34 -3.88
N THR D 284 34.87 -0.73 -4.95
CA THR D 284 33.57 -1.31 -4.89
C THR D 284 33.65 -2.60 -4.16
N SER D 285 34.78 -3.25 -4.27
CA SER D 285 34.97 -4.57 -3.69
C SER D 285 35.08 -4.46 -2.18
N THR D 286 35.96 -3.61 -1.68
CA THR D 286 36.21 -3.56 -0.25
C THR D 286 35.02 -2.96 0.51
N THR D 287 34.23 -2.15 -0.20
CA THR D 287 32.96 -1.66 0.32
C THR D 287 32.02 -2.83 0.57
N LEU D 288 31.85 -3.69 -0.42
CA LEU D 288 31.08 -4.91 -0.24
C LEU D 288 31.64 -5.78 0.88
N ARG D 289 32.93 -6.08 0.79
CA ARG D 289 33.65 -6.89 1.77
C ARG D 289 33.41 -6.35 3.18
N TYR D 290 33.53 -5.04 3.32
CA TYR D 290 33.30 -4.39 4.59
C TYR D 290 31.81 -4.38 4.98
N GLY D 291 30.93 -4.20 4.03
CA GLY D 291 29.50 -4.29 4.29
C GLY D 291 29.12 -5.59 4.98
N PHE D 292 29.59 -6.73 4.46
CA PHE D 292 29.20 -8.01 5.02
C PHE D 292 29.83 -8.29 6.38
N LEU D 293 30.95 -7.63 6.68
CA LEU D 293 31.55 -7.74 7.99
C LEU D 293 30.65 -6.99 8.97
N LEU D 294 30.17 -5.83 8.54
CA LEU D 294 29.22 -5.04 9.33
C LEU D 294 27.88 -5.74 9.64
N MET D 295 27.35 -6.53 8.72
CA MET D 295 26.16 -7.31 9.06
C MET D 295 26.42 -8.66 9.68
N LEU D 296 27.68 -8.97 9.99
CA LEU D 296 27.96 -10.10 10.86
C LEU D 296 27.88 -9.61 12.30
N LYS D 297 28.20 -8.33 12.48
CA LYS D 297 28.25 -7.64 13.76
C LYS D 297 26.88 -7.04 14.15
N TYR D 298 26.06 -6.71 13.16
CA TYR D 298 24.72 -6.22 13.43
C TYR D 298 23.72 -7.13 12.70
N PRO D 299 23.51 -8.35 13.22
CA PRO D 299 22.58 -9.27 12.55
C PRO D 299 21.16 -8.71 12.57
N HIS D 300 20.88 -7.77 13.46
CA HIS D 300 19.57 -7.15 13.54
C HIS D 300 19.31 -6.27 12.31
N VAL D 301 20.34 -5.58 11.86
CA VAL D 301 20.24 -4.78 10.65
C VAL D 301 20.09 -5.66 9.40
N THR D 302 20.87 -6.74 9.33
CA THR D 302 20.71 -7.71 8.27
C THR D 302 19.28 -8.22 8.20
N GLU D 303 18.76 -8.60 9.37
CA GLU D 303 17.43 -9.21 9.48
C GLU D 303 16.39 -8.24 8.95
N ARG D 304 16.61 -6.95 9.20
CA ARG D 304 15.70 -5.92 8.75
C ARG D 304 15.86 -5.66 7.23
N VAL D 305 17.08 -5.66 6.71
CA VAL D 305 17.25 -5.51 5.26
C VAL D 305 16.54 -6.66 4.57
N GLN D 306 16.65 -7.85 5.14
CA GLN D 306 15.99 -9.00 4.55
C GLN D 306 14.45 -8.88 4.51
N LYS D 307 13.85 -8.24 5.52
CA LYS D 307 12.39 -8.10 5.52
C LYS D 307 11.92 -7.05 4.52
N GLU D 308 12.70 -5.97 4.38
CA GLU D 308 12.39 -5.00 3.34
C GLU D 308 12.53 -5.68 2.00
N ILE D 309 13.63 -6.40 1.78
CA ILE D 309 13.75 -7.19 0.55
C ILE D 309 12.52 -8.07 0.35
N GLU D 310 12.01 -8.64 1.42
CA GLU D 310 10.80 -9.47 1.29
C GLU D 310 9.52 -8.66 0.96
N GLN D 311 9.25 -7.58 1.70
CA GLN D 311 8.02 -6.81 1.49
C GLN D 311 7.96 -6.20 0.09
N VAL D 312 9.12 -5.84 -0.45
CA VAL D 312 9.17 -5.02 -1.68
C VAL D 312 9.55 -5.79 -2.95
N ILE D 313 10.55 -6.63 -2.88
CA ILE D 313 10.97 -7.45 -3.98
C ILE D 313 10.41 -8.85 -3.97
N GLY D 314 10.22 -9.43 -2.81
CA GLY D 314 9.81 -10.81 -2.76
C GLY D 314 10.94 -11.79 -2.81
N SER D 315 10.67 -13.05 -3.08
CA SER D 315 11.72 -14.03 -3.16
C SER D 315 11.89 -14.67 -4.50
N HIS D 316 11.18 -14.16 -5.48
CA HIS D 316 11.25 -14.79 -6.76
C HIS D 316 11.93 -14.05 -7.88
N ARG D 317 11.69 -12.77 -8.02
CA ARG D 317 12.35 -12.02 -9.08
C ARG D 317 13.65 -11.41 -8.56
N PRO D 318 14.69 -11.37 -9.39
CA PRO D 318 15.94 -10.71 -9.00
C PRO D 318 15.73 -9.21 -8.71
N PRO D 319 16.46 -8.68 -7.73
CA PRO D 319 16.34 -7.25 -7.43
C PRO D 319 16.72 -6.35 -8.62
N ALA D 320 15.91 -5.31 -8.82
CA ALA D 320 16.10 -4.33 -9.89
C ALA D 320 16.43 -2.96 -9.31
N LEU D 321 17.14 -2.15 -10.09
CA LEU D 321 17.61 -0.88 -9.58
C LEU D 321 16.50 0.01 -9.04
N ASP D 322 15.36 0.09 -9.70
CA ASP D 322 14.35 0.97 -9.12
C ASP D 322 13.58 0.35 -7.96
N ASP D 323 14.11 -0.73 -7.42
CA ASP D 323 13.59 -1.22 -6.16
C ASP D 323 14.14 -0.32 -5.08
N ARG D 324 15.29 0.29 -5.35
CA ARG D 324 15.99 1.05 -4.31
C ARG D 324 15.11 2.18 -3.75
N ALA D 325 14.42 2.90 -4.64
CA ALA D 325 13.61 4.03 -4.20
C ALA D 325 12.49 3.58 -3.25
N LYS D 326 12.05 2.34 -3.44
CA LYS D 326 11.05 1.69 -2.56
C LYS D 326 11.65 1.04 -1.28
N MET D 327 12.97 1.05 -1.13
CA MET D 327 13.60 0.44 0.04
C MET D 327 14.56 1.40 0.69
N PRO D 328 14.03 2.41 1.40
CA PRO D 328 14.91 3.40 2.04
C PRO D 328 15.71 2.82 3.19
N TYR D 329 15.22 1.79 3.86
CA TYR D 329 15.99 1.24 4.96
C TYR D 329 17.27 0.65 4.42
N THR D 330 17.13 -0.17 3.40
CA THR D 330 18.29 -0.83 2.85
C THR D 330 19.25 0.20 2.27
N ASP D 331 18.67 1.19 1.58
CA ASP D 331 19.42 2.27 0.99
C ASP D 331 20.22 2.98 2.06
N ALA D 332 19.57 3.24 3.19
CA ALA D 332 20.21 3.89 4.33
C ALA D 332 21.36 3.04 4.89
N VAL D 333 21.21 1.72 4.88
CA VAL D 333 22.24 0.84 5.36
C VAL D 333 23.46 0.91 4.45
N ILE D 334 23.20 1.04 3.15
CA ILE D 334 24.29 1.14 2.19
C ILE D 334 25.04 2.46 2.42
N HIS D 335 24.29 3.55 2.50
CA HIS D 335 24.89 4.85 2.83
C HIS D 335 25.79 4.70 4.04
N GLU D 336 25.30 4.03 5.07
CA GLU D 336 26.01 3.98 6.34
C GLU D 336 27.23 3.08 6.24
N ILE D 337 27.13 2.01 5.45
CA ILE D 337 28.28 1.17 5.12
C ILE D 337 29.36 2.00 4.42
N GLN D 338 28.96 2.86 3.49
CA GLN D 338 29.93 3.69 2.77
C GLN D 338 30.58 4.69 3.70
N ARG D 339 29.79 5.29 4.59
CA ARG D 339 30.25 6.40 5.42
C ARG D 339 31.26 5.91 6.45
N LEU D 340 30.92 4.81 7.12
CA LEU D 340 31.76 4.22 8.13
C LEU D 340 32.92 3.45 7.50
N GLY D 341 32.67 2.84 6.35
CA GLY D 341 33.72 2.13 5.64
C GLY D 341 34.81 3.08 5.18
N ASP D 342 34.41 4.30 4.78
CA ASP D 342 35.36 5.37 4.53
C ASP D 342 36.54 4.86 3.69
N LEU D 343 36.27 4.38 2.47
CA LEU D 343 37.25 3.56 1.73
C LEU D 343 38.39 4.33 1.04
N ILE D 344 38.23 5.65 0.96
CA ILE D 344 39.25 6.51 0.41
C ILE D 344 39.39 7.67 1.39
N PRO D 345 40.09 7.40 2.49
CA PRO D 345 40.17 8.21 3.71
C PRO D 345 40.76 9.60 3.53
N PHE D 346 41.68 9.83 2.61
CA PHE D 346 42.06 11.22 2.35
C PHE D 346 41.88 11.69 0.91
N GLY D 347 40.94 11.08 0.22
CA GLY D 347 40.62 11.49 -1.14
C GLY D 347 41.74 11.14 -2.10
N VAL D 348 41.56 11.52 -3.36
CA VAL D 348 42.63 11.42 -4.33
C VAL D 348 43.08 12.86 -4.57
N PRO D 349 44.40 13.11 -4.49
CA PRO D 349 44.97 14.46 -4.50
C PRO D 349 44.45 15.33 -5.63
N HIS D 350 44.18 16.60 -5.31
CA HIS D 350 43.80 17.60 -6.29
C HIS D 350 44.97 18.57 -6.42
N THR D 351 44.84 19.52 -7.33
CA THR D 351 45.70 20.72 -7.34
C THR D 351 44.84 21.88 -7.80
N VAL D 352 45.19 23.08 -7.37
CA VAL D 352 44.49 24.27 -7.86
C VAL D 352 44.99 24.57 -9.27
N THR D 353 44.07 24.90 -10.16
CA THR D 353 44.45 25.10 -11.54
C THR D 353 44.85 26.55 -11.77
N LYS D 354 45.06 27.27 -10.67
CA LYS D 354 45.44 28.67 -10.74
C LYS D 354 45.74 29.19 -9.35
N ASP D 355 46.47 30.29 -9.30
CA ASP D 355 46.56 31.05 -8.06
C ASP D 355 45.16 31.20 -7.52
N THR D 356 44.92 30.72 -6.31
CA THR D 356 43.57 30.73 -5.77
C THR D 356 43.47 31.37 -4.39
N GLN D 357 42.52 32.29 -4.24
CA GLN D 357 42.26 32.93 -2.95
C GLN D 357 41.18 32.13 -2.24
N PHE D 358 41.44 31.71 -1.01
CA PHE D 358 40.54 30.80 -0.33
C PHE D 358 40.63 30.94 1.19
N ARG D 359 39.57 31.50 1.78
CA ARG D 359 39.54 31.73 3.22
C ARG D 359 40.64 32.68 3.65
N GLY D 360 40.91 33.68 2.81
CA GLY D 360 41.96 34.64 3.08
C GLY D 360 43.38 34.09 3.01
N TYR D 361 43.61 33.17 2.06
CA TYR D 361 44.94 32.67 1.80
C TYR D 361 45.16 32.71 0.30
N VAL D 362 46.40 32.51 -0.11
CA VAL D 362 46.66 32.29 -1.51
C VAL D 362 47.31 30.92 -1.72
N ILE D 363 46.62 30.12 -2.53
CA ILE D 363 47.12 28.82 -2.94
C ILE D 363 47.54 28.99 -4.39
N PRO D 364 48.86 29.00 -4.61
CA PRO D 364 49.46 29.19 -5.93
C PRO D 364 49.14 28.05 -6.89
N LYS D 365 49.04 28.38 -8.19
CA LYS D 365 48.75 27.39 -9.24
C LYS D 365 49.58 26.12 -9.10
N ASN D 366 48.92 24.97 -9.25
CA ASN D 366 49.57 23.65 -9.18
C ASN D 366 49.97 23.13 -7.79
N THR D 367 49.51 23.81 -6.74
CA THR D 367 49.74 23.29 -5.40
C THR D 367 48.82 22.09 -5.18
N GLU D 368 49.35 21.04 -4.57
CA GLU D 368 48.52 19.88 -4.30
C GLU D 368 47.60 20.12 -3.10
N VAL D 369 46.36 19.69 -3.27
CA VAL D 369 45.31 19.87 -2.27
C VAL D 369 44.75 18.50 -1.94
N PHE D 370 44.68 18.17 -0.65
CA PHE D 370 44.11 16.92 -0.20
C PHE D 370 42.76 17.11 0.50
N PRO D 371 41.64 16.82 -0.19
CA PRO D 371 40.35 16.87 0.51
C PRO D 371 40.16 15.60 1.34
N VAL D 372 40.21 15.74 2.65
CA VAL D 372 40.24 14.60 3.55
C VAL D 372 38.82 14.07 3.75
N LEU D 373 38.42 13.18 2.85
CA LEU D 373 37.06 12.70 2.83
C LEU D 373 36.65 12.11 4.16
N SER D 374 37.57 11.40 4.82
CA SER D 374 37.20 10.76 6.06
C SER D 374 36.67 11.79 7.04
N SER D 375 37.35 12.93 7.12
CA SER D 375 36.97 13.94 8.09
C SER D 375 35.58 14.54 7.83
N ALA D 376 35.02 14.39 6.63
CA ALA D 376 33.64 14.80 6.36
C ALA D 376 32.63 13.67 6.64
N LEU D 377 32.99 12.44 6.27
CA LEU D 377 32.20 11.28 6.66
C LEU D 377 32.11 11.08 8.18
N HIS D 378 33.12 11.56 8.91
CA HIS D 378 33.06 11.47 10.37
C HIS D 378 32.83 12.82 11.03
N ASP D 379 32.38 13.80 10.25
CA ASP D 379 32.24 15.16 10.76
C ASP D 379 31.16 15.25 11.84
N PRO D 380 31.56 15.55 13.08
CA PRO D 380 30.57 15.54 14.16
C PRO D 380 29.52 16.61 13.97
N ARG D 381 29.82 17.62 13.19
CA ARG D 381 28.87 18.64 12.88
C ARG D 381 27.76 18.02 12.11
N TYR D 382 28.04 16.99 11.35
CA TYR D 382 27.02 16.37 10.53
C TYR D 382 26.52 15.03 10.94
N PHE D 383 27.24 14.31 11.77
CA PHE D 383 26.77 13.04 12.20
C PHE D 383 26.87 12.84 13.69
N GLU D 384 25.76 12.70 14.38
CA GLU D 384 25.73 12.31 15.79
C GLU D 384 26.62 11.11 16.03
N THR D 385 27.57 11.23 16.95
CA THR D 385 28.40 10.08 17.30
C THR D 385 29.01 9.28 16.12
N PRO D 386 29.75 9.99 15.27
CA PRO D 386 30.16 9.50 13.95
C PRO D 386 30.98 8.22 13.85
N ASN D 387 31.48 7.70 14.96
CA ASN D 387 32.34 6.51 14.89
C ASN D 387 31.60 5.20 15.08
N THR D 388 30.29 5.29 15.16
CA THR D 388 29.47 4.11 15.28
C THR D 388 28.51 3.92 14.12
N PHE D 389 28.28 2.69 13.76
CA PHE D 389 27.40 2.41 12.69
C PHE D 389 25.98 2.57 13.10
N ASN D 390 25.24 3.37 12.36
CA ASN D 390 23.84 3.51 12.57
C ASN D 390 23.29 3.86 11.25
N PRO D 391 22.33 3.12 10.77
CA PRO D 391 21.73 3.43 9.50
C PRO D 391 20.87 4.62 9.64
N GLY D 392 20.61 4.99 10.87
CA GLY D 392 19.73 6.06 11.23
C GLY D 392 20.19 7.41 10.79
N HIS D 393 21.44 7.53 10.46
CA HIS D 393 21.96 8.79 10.03
C HIS D 393 21.21 9.20 8.78
N PHE D 394 20.65 8.23 8.08
CA PHE D 394 20.04 8.51 6.80
C PHE D 394 18.53 8.28 6.81
N LEU D 395 17.94 8.21 8.01
CA LEU D 395 16.51 8.02 8.11
C LEU D 395 15.78 9.15 8.86
N ASP D 396 14.71 9.68 8.27
CA ASP D 396 13.87 10.63 8.98
C ASP D 396 12.86 9.91 9.89
N ALA D 397 11.97 10.62 10.55
CA ALA D 397 11.04 9.98 11.50
C ALA D 397 10.14 8.93 10.85
N ASN D 398 9.82 9.14 9.59
CA ASN D 398 8.96 8.21 8.86
C ASN D 398 9.69 7.05 8.20
N GLY D 399 11.01 7.01 8.31
CA GLY D 399 11.76 5.92 7.73
C GLY D 399 12.05 6.10 6.25
N ALA D 400 12.09 7.36 5.82
CA ALA D 400 12.47 7.73 4.46
C ALA D 400 13.94 8.11 4.39
N LEU D 401 14.57 7.85 3.25
CA LEU D 401 15.96 8.18 3.08
C LEU D 401 16.10 9.67 3.27
N LYS D 402 17.19 10.09 3.93
CA LYS D 402 17.40 11.48 4.31
C LYS D 402 18.78 11.99 3.89
N ARG D 403 18.82 12.91 2.93
CA ARG D 403 20.10 13.44 2.45
C ARG D 403 20.91 13.99 3.62
N ASN D 404 22.23 13.88 3.54
CA ASN D 404 23.13 14.48 4.53
C ASN D 404 24.36 15.13 3.88
N GLU D 405 24.53 16.44 4.08
CA GLU D 405 25.56 17.19 3.35
C GLU D 405 26.94 16.61 3.59
N GLY D 406 27.15 16.02 4.76
CA GLY D 406 28.43 15.45 5.08
C GLY D 406 28.73 14.17 4.34
N PHE D 407 27.75 13.58 3.71
CA PHE D 407 27.97 12.33 3.04
C PHE D 407 28.48 12.48 1.62
N MET D 408 29.77 12.36 1.45
CA MET D 408 30.45 12.49 0.19
C MET D 408 31.49 11.43 -0.04
N PRO D 409 31.10 10.19 -0.12
CA PRO D 409 32.00 9.07 -0.27
C PRO D 409 32.77 9.11 -1.56
N PHE D 410 32.14 9.65 -2.58
CA PHE D 410 32.70 9.76 -3.88
C PHE D 410 33.31 11.13 -4.05
N SER D 411 33.26 11.92 -3.02
CA SER D 411 33.84 13.26 -3.04
C SER D 411 32.89 14.12 -3.86
N LEU D 412 33.26 15.38 -4.10
CA LEU D 412 32.34 16.30 -4.78
C LEU D 412 33.06 17.06 -5.86
N GLY D 413 32.32 17.90 -6.56
CA GLY D 413 32.93 18.84 -7.47
C GLY D 413 33.10 18.26 -8.86
N LYS D 414 33.95 18.90 -9.67
CA LYS D 414 34.13 18.52 -11.06
C LYS D 414 34.85 17.18 -11.23
N ARG D 415 35.58 16.74 -10.20
CA ARG D 415 36.32 15.48 -10.24
C ARG D 415 35.57 14.30 -9.60
N ILE D 416 34.33 14.55 -9.18
CA ILE D 416 33.57 13.55 -8.44
C ILE D 416 33.61 12.25 -9.21
N CYS D 417 33.66 11.13 -8.50
CA CYS D 417 33.91 9.83 -9.12
C CYS D 417 33.11 9.67 -10.42
N ALA D 418 33.83 9.39 -11.50
CA ALA D 418 33.21 9.13 -12.80
C ALA D 418 32.42 7.82 -12.74
N GLY D 419 32.65 7.02 -11.74
CA GLY D 419 31.98 5.75 -11.63
C GLY D 419 30.87 5.67 -10.63
N GLU D 420 30.42 6.78 -10.13
CA GLU D 420 29.49 6.74 -9.05
C GLU D 420 28.21 6.01 -9.32
N GLY D 421 27.64 6.15 -10.50
CA GLY D 421 26.43 5.46 -10.82
C GLY D 421 26.55 3.98 -10.88
N ILE D 422 27.65 3.52 -11.43
CA ILE D 422 27.97 2.13 -11.47
C ILE D 422 28.27 1.54 -10.11
N ALA D 423 29.01 2.22 -9.29
CA ALA D 423 29.29 1.68 -7.98
C ALA D 423 28.01 1.57 -7.14
N ARG D 424 27.23 2.64 -7.10
CA ARG D 424 26.01 2.58 -6.31
C ARG D 424 25.11 1.43 -6.78
N THR D 425 25.05 1.22 -8.08
CA THR D 425 24.21 0.16 -8.64
C THR D 425 24.74 -1.23 -8.29
N GLU D 426 26.06 -1.37 -8.20
CA GLU D 426 26.68 -2.62 -7.79
C GLU D 426 26.31 -2.87 -6.35
N LEU D 427 26.53 -1.86 -5.51
CA LEU D 427 26.27 -2.01 -4.09
C LEU D 427 24.84 -2.48 -3.85
N PHE D 428 23.88 -1.78 -4.43
CA PHE D 428 22.49 -2.14 -4.22
C PHE D 428 22.12 -3.55 -4.69
N LEU D 429 22.61 -3.94 -5.85
CA LEU D 429 22.17 -5.18 -6.48
C LEU D 429 22.89 -6.42 -5.91
N PHE D 430 24.16 -6.26 -5.58
CA PHE D 430 24.93 -7.31 -4.91
C PHE D 430 24.49 -7.51 -3.46
N PHE D 431 24.36 -6.42 -2.70
CA PHE D 431 23.85 -6.48 -1.34
CA PHE D 431 23.85 -6.46 -1.33
C PHE D 431 22.47 -7.13 -1.27
N THR D 432 21.54 -6.63 -2.08
CA THR D 432 20.18 -7.15 -2.02
C THR D 432 20.05 -8.55 -2.59
N THR D 433 20.76 -8.84 -3.67
CA THR D 433 20.59 -10.12 -4.35
C THR D 433 21.21 -11.25 -3.53
N ILE D 434 22.32 -10.93 -2.87
CA ILE D 434 22.94 -11.89 -1.96
C ILE D 434 22.03 -12.16 -0.77
N LEU D 435 21.61 -11.11 -0.07
CA LEU D 435 20.75 -11.27 1.10
C LEU D 435 19.37 -11.87 0.79
N GLN D 436 18.85 -11.65 -0.42
CA GLN D 436 17.63 -12.30 -0.88
C GLN D 436 17.70 -13.83 -0.89
N ASN D 437 18.88 -14.36 -1.15
CA ASN D 437 19.08 -15.78 -1.38
C ASN D 437 19.91 -16.44 -0.29
N PHE D 438 20.52 -15.63 0.56
CA PHE D 438 21.41 -16.19 1.54
C PHE D 438 21.30 -15.53 2.90
N SER D 439 21.38 -16.34 3.95
CA SER D 439 21.66 -15.83 5.27
C SER D 439 23.15 -15.96 5.52
N ILE D 440 23.68 -15.07 6.35
CA ILE D 440 25.10 -15.12 6.59
C ILE D 440 25.35 -15.47 8.04
N ALA D 441 26.50 -16.08 8.31
CA ALA D 441 26.91 -16.36 9.70
C ALA D 441 28.39 -16.45 9.82
N SER D 442 28.89 -16.30 11.03
CA SER D 442 30.31 -16.33 11.27
C SER D 442 30.58 -17.25 12.45
N PRO D 443 31.81 -17.74 12.56
CA PRO D 443 32.20 -18.45 13.79
C PRO D 443 32.41 -17.47 14.94
N VAL D 444 32.63 -16.21 14.59
CA VAL D 444 32.91 -15.17 15.55
C VAL D 444 31.62 -14.48 15.96
N PRO D 445 31.37 -14.41 17.27
CA PRO D 445 30.23 -13.68 17.81
C PRO D 445 30.30 -12.19 17.50
N PRO D 446 29.16 -11.58 17.16
CA PRO D 446 29.09 -10.16 16.80
C PRO D 446 30.00 -9.28 17.63
N GLU D 447 29.83 -9.25 18.94
CA GLU D 447 30.58 -8.34 19.80
C GLU D 447 32.10 -8.48 19.63
N ASP D 448 32.54 -9.61 19.10
CA ASP D 448 33.96 -9.87 18.92
C ASP D 448 34.55 -9.28 17.65
N ILE D 449 33.70 -8.93 16.71
CA ILE D 449 34.13 -8.44 15.41
C ILE D 449 34.75 -7.06 15.49
N ASP D 450 35.95 -6.92 14.92
CA ASP D 450 36.66 -5.65 14.96
C ASP D 450 36.68 -5.04 13.57
N LEU D 451 36.13 -3.84 13.41
CA LEU D 451 36.04 -3.21 12.09
C LEU D 451 37.30 -2.46 11.69
N THR D 452 38.39 -2.65 12.44
CA THR D 452 39.60 -1.88 12.22
C THR D 452 40.41 -2.32 11.02
N PRO D 453 40.57 -1.43 10.05
CA PRO D 453 41.23 -1.67 8.77
C PRO D 453 42.57 -2.35 8.96
N ARG D 454 42.83 -3.41 8.21
CA ARG D 454 44.13 -4.10 8.26
C ARG D 454 45.24 -3.21 7.74
N GLU D 455 44.98 -2.55 6.62
CA GLU D 455 45.89 -1.57 6.07
C GLU D 455 45.11 -0.29 5.86
N SER D 456 45.69 0.85 6.20
CA SER D 456 45.03 2.13 5.95
C SER D 456 45.97 3.18 5.36
N GLY D 457 45.59 3.71 4.21
CA GLY D 457 46.37 4.68 3.48
C GLY D 457 45.48 5.32 2.44
N VAL D 458 45.94 5.40 1.20
CA VAL D 458 45.10 6.00 0.16
C VAL D 458 43.75 5.28 0.11
N GLY D 459 43.75 4.01 0.48
CA GLY D 459 42.53 3.26 0.70
C GLY D 459 42.48 2.55 2.04
N ASN D 460 41.28 2.18 2.47
CA ASN D 460 41.12 1.35 3.65
C ASN D 460 40.93 -0.09 3.23
N VAL D 461 41.80 -0.97 3.72
CA VAL D 461 41.64 -2.40 3.47
C VAL D 461 41.09 -3.07 4.72
N PRO D 462 39.82 -3.50 4.67
CA PRO D 462 39.16 -4.14 5.80
C PRO D 462 39.81 -5.46 6.12
N PRO D 463 39.78 -5.89 7.39
CA PRO D 463 40.47 -7.12 7.79
C PRO D 463 39.79 -8.31 7.12
N SER D 464 40.51 -9.40 6.93
CA SER D 464 39.88 -10.55 6.31
C SER D 464 39.12 -11.31 7.38
N TYR D 465 38.16 -12.12 6.95
CA TYR D 465 37.26 -12.77 7.86
C TYR D 465 36.56 -13.95 7.22
N GLN D 466 36.16 -14.91 8.05
CA GLN D 466 35.40 -16.05 7.55
C GLN D 466 33.89 -15.74 7.62
N ILE D 467 33.16 -16.16 6.59
CA ILE D 467 31.74 -15.96 6.54
C ILE D 467 31.15 -17.16 5.81
N ARG D 468 29.95 -17.55 6.17
CA ARG D 468 29.28 -18.57 5.39
C ARG D 468 28.01 -17.99 4.80
N PHE D 469 27.58 -18.53 3.67
CA PHE D 469 26.38 -18.06 2.98
C PHE D 469 25.39 -19.19 2.92
N LEU D 470 24.46 -19.18 3.88
CA LEU D 470 23.46 -20.23 4.02
C LEU D 470 22.24 -19.99 3.12
N ALA D 471 22.03 -20.87 2.13
CA ALA D 471 20.93 -20.69 1.17
C ALA D 471 19.54 -20.75 1.81
N ARG D 472 18.69 -19.79 1.45
CA ARG D 472 17.36 -19.67 2.05
C ARG D 472 16.22 -20.47 1.37
N HIS D 473 15.13 -20.65 2.12
CA HIS D 473 13.93 -21.35 1.66
C HIS D 473 13.05 -20.44 0.79
CHA HEM E . -3.65 -31.01 -24.26
CHB HEM E . -5.32 -26.47 -24.41
CHC HEM E . -0.83 -24.61 -24.75
CHD HEM E . 0.86 -29.19 -24.20
C1A HEM E . -4.49 -29.93 -24.34
C2A HEM E . -5.92 -29.98 -24.49
C3A HEM E . -6.37 -28.73 -24.52
C4A HEM E . -5.24 -27.84 -24.42
CMA HEM E . -7.84 -28.29 -24.66
CAA HEM E . -6.80 -31.24 -24.57
CBA HEM E . -6.90 -31.83 -23.18
CGA HEM E . -7.89 -32.94 -23.19
O1A HEM E . -7.48 -34.07 -22.82
O2A HEM E . -9.09 -32.71 -23.56
C1B HEM E . -4.27 -25.57 -24.50
C2B HEM E . -4.43 -24.14 -24.49
C3B HEM E . -3.22 -23.59 -24.58
C4B HEM E . -2.22 -24.66 -24.66
CMB HEM E . -5.75 -23.37 -24.40
CAB HEM E . -3.11 -22.04 -24.59
CBB HEM E . -1.93 -21.41 -24.59
C1C HEM E . 0.02 -25.72 -24.58
C2C HEM E . 1.48 -25.70 -24.48
C3C HEM E . 1.91 -26.97 -24.35
C4C HEM E . 0.77 -27.82 -24.33
CMC HEM E . 2.38 -24.47 -24.54
CAC HEM E . 3.35 -27.54 -24.19
CBC HEM E . 4.40 -26.79 -23.90
C1D HEM E . -0.17 -30.10 -24.21
C2D HEM E . 0.01 -31.53 -24.17
C3D HEM E . -1.39 -32.12 -24.19
C4D HEM E . -2.28 -30.97 -24.24
CMD HEM E . 1.35 -32.29 -24.12
CAD HEM E . -1.77 -33.61 -24.15
CBD HEM E . -1.88 -33.99 -22.68
CGD HEM E . -2.36 -35.40 -22.55
O1D HEM E . -1.94 -36.09 -21.58
O2D HEM E . -3.15 -35.86 -23.42
NA HEM E . -4.10 -28.60 -24.30
NB HEM E . -2.92 -25.85 -24.60
NC HEM E . -0.37 -27.04 -24.48
ND HEM E . -1.52 -29.80 -24.25
FE HEM E . -2.24 -27.80 -24.47
C11 CPZ F . -3.73 -30.85 -29.29
C10 CPZ F . -4.25 -31.66 -30.28
C9 CPZ F . -4.66 -31.11 -31.47
C8 CPZ F . -4.56 -29.74 -31.69
C7 CPZ F . -4.04 -28.94 -30.69
C6 CPZ F . -3.62 -29.50 -29.50
C4 CPZ F . -3.08 -28.68 -28.39
C2 CPZ F . -2.92 -29.13 -27.13
N1 CPZ F . -2.39 -28.02 -26.38
C5 CPZ F . -2.27 -26.97 -27.18
N3 CPZ F . -2.70 -27.36 -28.47
CL CPZ F . -5.30 -32.17 -32.67
CHA HEM G . 11.56 21.49 39.03
CHB HEM G . 10.89 19.71 34.57
CHC HEM G . 6.85 17.48 36.01
CHD HEM G . 7.99 18.57 40.64
C1A HEM G . 11.68 21.24 37.68
C2A HEM G . 12.63 21.89 36.79
C3A HEM G . 12.45 21.39 35.57
C4A HEM G . 11.38 20.43 35.63
CMA HEM G . 13.23 21.78 34.30
CAA HEM G . 13.68 22.95 37.21
CBA HEM G . 14.94 22.23 37.65
CGA HEM G . 15.99 23.24 38.01
O1A HEM G . 16.04 23.58 39.21
O2A HEM G . 16.77 23.69 37.12
C1B HEM G . 9.73 18.97 34.57
C2B HEM G . 9.17 18.31 33.41
C3B HEM G . 8.04 17.69 33.81
C4B HEM G . 7.88 17.94 35.22
CMB HEM G . 9.79 18.37 32.00
CAB HEM G . 7.06 16.85 32.96
CBB HEM G . 7.25 16.68 31.65
C1C HEM G . 6.86 17.55 37.39
C2C HEM G . 5.93 16.87 38.26
C3C HEM G . 6.24 17.18 39.52
C4C HEM G . 7.39 18.05 39.51
CMC HEM G . 4.78 15.97 37.74
CAC HEM G . 5.55 16.70 40.81
CBC HEM G . 4.73 15.66 40.75
C1D HEM G . 9.02 19.48 40.66
C2D HEM G . 9.59 20.10 41.84
C3D HEM G . 10.70 21.01 41.33
C4D HEM G . 10.71 20.84 39.89
CMD HEM G . 9.18 19.92 43.31
CAD HEM G . 11.63 21.90 42.18
CBD HEM G . 12.77 21.01 42.63
CGD HEM G . 13.77 21.86 43.36
O1D HEM G . 14.52 21.27 44.18
O2D HEM G . 13.81 23.10 43.16
NA HEM G . 10.94 20.35 36.94
NB HEM G . 8.92 18.72 35.66
NC HEM G . 7.75 18.26 38.18
ND HEM G . 9.71 19.94 39.54
FE HEM G . 9.32 19.34 37.57
C11 CPZ H . 8.59 25.13 37.96
C10 CPZ H . 8.67 26.50 38.11
C9 CPZ H . 7.95 27.32 37.26
C8 CPZ H . 7.15 26.78 36.27
C7 CPZ H . 7.09 25.41 36.13
C6 CPZ H . 7.81 24.58 36.98
C4 CPZ H . 7.76 23.13 36.84
C2 CPZ H . 8.62 22.25 37.39
N1 CPZ H . 8.24 20.93 36.98
C5 CPZ H . 7.17 21.04 36.20
N3 CPZ H . 6.84 22.41 36.09
CL CPZ H . 8.06 29.03 37.47
CHA HEM I . -45.70 0.49 -5.97
CHB HEM I . -40.97 -0.34 -5.32
CHC HEM I . -40.37 4.07 -3.49
CHD HEM I . -44.89 5.17 -4.91
C1A HEM I . -44.47 -0.13 -5.89
C2A HEM I . -44.23 -1.52 -6.16
C3A HEM I . -42.93 -1.75 -5.99
C4A HEM I . -42.30 -0.51 -5.60
CMA HEM I . -42.21 -3.10 -6.16
CAA HEM I . -45.29 -2.56 -6.57
CBA HEM I . -45.51 -2.51 -8.07
CGA HEM I . -46.46 -3.64 -8.38
O1A HEM I . -47.67 -3.42 -8.19
O2A HEM I . -45.98 -4.73 -8.79
C1B HEM I . -40.39 0.76 -4.76
C2B HEM I . -39.00 0.91 -4.39
C3B HEM I . -38.82 2.13 -3.89
C4B HEM I . -40.11 2.79 -3.91
CMB HEM I . -37.92 -0.18 -4.58
CAB HEM I . -37.51 2.77 -3.37
CBB HEM I . -36.33 2.13 -3.47
C1C HEM I . -41.52 4.77 -3.80
C2C HEM I . -41.72 6.20 -3.64
C3C HEM I . -42.96 6.49 -4.01
C4C HEM I . -43.60 5.27 -4.45
CMC HEM I . -40.65 7.16 -3.10
CAC HEM I . -43.63 7.88 -4.02
CBC HEM I . -42.90 8.99 -3.90
C1D HEM I . -45.57 4.03 -5.27
C2D HEM I . -46.99 3.94 -5.58
C3D HEM I . -47.24 2.48 -5.91
C4D HEM I . -45.95 1.83 -5.77
CMD HEM I . -48.04 5.07 -5.60
CAD HEM I . -48.58 1.85 -6.34
CBD HEM I . -48.47 1.71 -7.84
CGD HEM I . -49.81 1.39 -8.47
O1D HEM I . -50.15 2.10 -9.47
O2D HEM I . -50.49 0.45 -7.97
NA HEM I . -43.28 0.47 -5.55
NB HEM I . -41.04 1.94 -4.44
NC HEM I . -42.70 4.23 -4.31
ND HEM I . -45.00 2.77 -5.39
FE HEM I . -43.02 2.34 -4.91
C11 CPZ J . -46.47 -0.63 -1.14
C10 CPZ J . -47.32 -1.49 -0.47
C9 CPZ J . -46.86 -2.18 0.62
C8 CPZ J . -45.55 -2.04 1.06
C7 CPZ J . -44.70 -1.20 0.39
C6 CPZ J . -45.16 -0.49 -0.71
C4 CPZ J . -44.26 0.40 -1.44
C2 CPZ J . -44.38 0.71 -2.75
N1 CPZ J . -43.28 1.59 -3.07
C5 CPZ J . -42.56 1.77 -1.96
N3 CPZ J . -43.16 1.03 -0.91
CL CPZ J . -47.93 -3.23 1.45
CHA HEM K . 37.48 9.11 -8.68
CHB HEM K . 35.23 7.01 -4.93
CHC HEM K . 34.20 3.16 -7.72
CHD HEM K . 35.80 5.62 -11.61
C1A HEM K . 37.02 8.84 -7.42
C2A HEM K . 37.30 9.63 -6.25
C3A HEM K . 36.68 9.05 -5.21
C4A HEM K . 35.99 7.88 -5.69
CMA HEM K . 36.67 9.54 -3.76
CAA HEM K . 38.17 10.92 -6.23
CBA HEM K . 37.34 12.13 -6.65
CGA HEM K . 38.20 13.34 -6.49
O1A HEM K . 38.96 13.65 -7.43
O2A HEM K . 38.15 14.00 -5.42
C1B HEM K . 34.73 5.80 -5.36
C2B HEM K . 33.91 4.89 -4.57
C3B HEM K . 33.62 3.82 -5.33
C4B HEM K . 34.25 4.02 -6.63
CMB HEM K . 33.46 5.12 -3.11
CAB HEM K . 32.78 2.60 -4.91
CBB HEM K . 32.32 2.48 -3.66
C1C HEM K . 34.46 3.52 -9.04
C2C HEM K . 34.10 2.79 -10.25
C3C HEM K . 34.57 3.48 -11.30
C4C HEM K . 35.22 4.67 -10.81
CMC HEM K . 33.34 1.46 -10.30
CAC HEM K . 34.44 3.15 -12.80
CBC HEM K . 33.63 2.19 -13.25
C1D HEM K . 36.46 6.74 -11.20
C2D HEM K . 37.23 7.60 -12.06
C3D HEM K . 37.77 8.69 -11.14
C4D HEM K . 37.25 8.38 -9.83
CMD HEM K . 37.49 7.45 -13.56
CAD HEM K . 38.65 9.89 -11.53
CBD HEM K . 37.65 11.01 -11.75
CGD HEM K . 38.29 12.24 -12.33
O1D HEM K . 37.63 12.87 -13.19
O2D HEM K . 39.44 12.57 -11.93
NA HEM K . 36.22 7.78 -7.05
NB HEM K . 34.90 5.23 -6.61
NC HEM K . 35.15 4.66 -9.42
ND HEM K . 36.49 7.22 -9.90
FE HEM K . 35.77 6.16 -8.15
C11 CPZ L . 41.67 6.42 -7.49
C10 CPZ L . 43.01 6.67 -7.28
C9 CPZ L . 43.71 5.91 -6.37
C8 CPZ L . 43.08 4.91 -5.66
C7 CPZ L . 41.74 4.67 -5.87
C6 CPZ L . 41.03 5.42 -6.78
C4 CPZ L . 39.59 5.16 -7.00
C2 CPZ L . 38.71 6.08 -7.44
N1 CPZ L . 37.43 5.43 -7.47
C5 CPZ L . 37.57 4.17 -7.06
N3 CPZ L . 38.94 3.98 -6.74
CL CPZ L . 45.38 6.21 -6.10
#